data_8SW7
#
_entry.id   8SW7
#
_cell.length_a   1.00
_cell.length_b   1.00
_cell.length_c   1.00
_cell.angle_alpha   90.00
_cell.angle_beta   90.00
_cell.angle_gamma   90.00
#
_symmetry.space_group_name_H-M   'P 1'
#
loop_
_entity.id
_entity.type
_entity.pdbx_description
1 polymer 'FP1 heavy chain'
2 polymer 'FP1 light chain'
3 polymer 'BG505 Boost 2 gp120'
4 polymer 'BG505 Boost 2 gp41'
5 branched beta-D-mannopyranose-(1-4)-2-acetamido-2-deoxy-beta-D-glucopyranose-(1-4)-2-acetamido-2-deoxy-beta-D-glucopyranose
6 non-polymer 2-acetamido-2-deoxy-beta-D-glucopyranose
#
loop_
_entity_poly.entity_id
_entity_poly.type
_entity_poly.pdbx_seq_one_letter_code
_entity_poly.pdbx_strand_id
1 'polypeptide(L)'
;(UNK)(UNK)(UNK)(UNK)(UNK)(UNK)(UNK)(UNK)(UNK)(UNK)(UNK)(UNK)(UNK)(UNK)(UNK)(UNK)
(UNK)(UNK)(UNK)(UNK)(UNK)(UNK)(UNK)(UNK)(UNK)(UNK)(UNK)(UNK)(UNK)(UNK)(UNK)(UNK)
(UNK)(UNK)(UNK)(UNK)(UNK)(UNK)(UNK)(UNK)(UNK)(UNK)(UNK)(UNK)(UNK)(UNK)(UNK)(UNK)
(UNK)(UNK)(UNK)(UNK)(UNK)(UNK)(UNK)(UNK)(UNK)(UNK)(UNK)(UNK)(UNK)(UNK)(UNK)(UNK)
(UNK)(UNK)(UNK)(UNK)(UNK)(UNK)(UNK)(UNK)(UNK)(UNK)(UNK)(UNK)(UNK)(UNK)(UNK)(UNK)
(UNK)(UNK)(UNK)(UNK)(UNK)(UNK)(UNK)(UNK)(UNK)(UNK)(UNK)(UNK)(UNK)(UNK)(UNK)(UNK)
(UNK)(UNK)(UNK)(UNK)(UNK)(UNK)(UNK)(UNK)(UNK)(UNK)(UNK)(UNK)(UNK)(UNK)(UNK)(UNK)
(UNK)(UNK)(UNK)(UNK)(UNK)(UNK)(UNK)(UNK)(UNK)(UNK)(UNK)(UNK)(UNK)
;
H
2 'polypeptide(L)'
;(UNK)(UNK)(UNK)(UNK)(UNK)(UNK)(UNK)(UNK)(UNK)(UNK)(UNK)(UNK)(UNK)(UNK)(UNK)(UNK)
(UNK)(UNK)(UNK)(UNK)(UNK)(UNK)(UNK)(UNK)(UNK)(UNK)(UNK)(UNK)(UNK)(UNK)(UNK)(UNK)
(UNK)(UNK)(UNK)(UNK)(UNK)(UNK)(UNK)(UNK)(UNK)(UNK)(UNK)(UNK)(UNK)(UNK)(UNK)(UNK)
(UNK)(UNK)(UNK)(UNK)(UNK)(UNK)(UNK)(UNK)(UNK)(UNK)(UNK)(UNK)(UNK)(UNK)(UNK)(UNK)
(UNK)(UNK)(UNK)(UNK)(UNK)(UNK)(UNK)(UNK)(UNK)(UNK)(UNK)(UNK)(UNK)(UNK)(UNK)(UNK)
(UNK)(UNK)(UNK)(UNK)(UNK)(UNK)(UNK)(UNK)(UNK)(UNK)(UNK)(UNK)(UNK)(UNK)(UNK)(UNK)
(UNK)(UNK)(UNK)(UNK)(UNK)(UNK)(UNK)(UNK)(UNK)(UNK)(UNK)
;
L
3 'polypeptide(L)'
;MDAMKRGLCCVLLLCGAVFVSPSQEIHARFRRGARAENLWVTVYYGVPVWKDAETTLFCASDAKAYETKKHNVWATHCCV
PTDPNPQEIHLENVTEEFNMWKNNMVEQMHTDIISLWDQSLKPCVKLTPLCVTLQCTNVTNNITDDMRGELKNCSFNMTT
ELRDKKQKVYSLFYRLDVVQINENQGNRSNNSNKEYRLINCNTSAITQACPKVSFEPIPIHYCAPAGFAILKCKDKKFNG
TGPCTNVSTVQCTHGIKPVVSTQLLLNGSLAEEEVIIRSENITNNAKNILVQLNESVQINCTRPNNNTRKSIRIGPGQWF
YATGDIIGDIRQAHCNVSKATWNETLGKVVKQLRKHFGNNTIIRFANSSGGDLEVTTHSFNCGGEFFYCNTSGLFNSTWI
SNTSVQGSNSTGSNDSITLPCRIKQIINMWQRIGQAMYAPPIQGVIRCVSNITGLILTRDGGSTNSTTETFRPGGGDMRD
NWRSELYKYKVVKIEPLGVAPTRCKRRVVGRRRRRR
;
A,C,F
4 'polypeptide(L)'
;AVGIGAVFLGFLGAAGSTMGAASMTLTVQARNLLSGIVQQQSNLLRAPECQQHLLKLTVWGIKQLQARVLAVERYLRDQQ
LLGIWGCSGKLICCTNVPWNSTWSNRNLSEIWDNMTWLQWDKEISNYTQIIYGLLEESQNQQEKNEQDLLALD
;
B,D,E
#
# COMPACT_ATOMS: atom_id res chain seq x y z
N UNK A 1 16.76 8.70 47.03
CA UNK A 1 15.54 9.12 47.69
C UNK A 1 15.49 8.47 49.07
N UNK A 2 14.49 8.86 49.90
CA UNK A 2 14.25 8.32 51.24
C UNK A 2 13.02 7.44 51.21
N UNK A 3 13.01 6.41 52.04
CA UNK A 3 11.80 5.61 52.13
C UNK A 3 10.75 6.47 52.76
N UNK A 4 9.51 6.33 52.33
CA UNK A 4 8.46 7.05 52.97
C UNK A 4 8.26 6.50 54.36
N UNK A 5 7.94 7.35 55.32
CA UNK A 5 7.69 6.85 56.66
C UNK A 5 6.47 5.93 56.70
N UNK A 6 5.48 6.20 55.87
CA UNK A 6 4.23 5.44 55.84
C UNK A 6 3.60 5.43 57.22
N UNK A 7 3.56 6.60 57.83
CA UNK A 7 2.99 6.76 59.16
C UNK A 7 1.51 6.46 59.07
N UNK A 8 0.96 5.80 60.09
CA UNK A 8 -0.46 5.48 60.00
C UNK A 8 -1.12 5.28 61.33
N UNK A 9 -2.44 5.44 61.34
CA UNK A 9 -3.23 5.11 62.51
C UNK A 9 -3.02 3.65 62.83
N UNK A 10 -2.88 3.34 64.11
CA UNK A 10 -2.62 1.96 64.54
C UNK A 10 -3.85 1.07 64.60
N UNK A 11 -4.35 0.74 63.42
CA UNK A 11 -5.52 -0.11 63.21
C UNK A 11 -6.80 0.53 63.72
N UNK A 12 -7.92 -0.15 63.49
CA UNK A 12 -9.21 0.43 63.86
C UNK A 12 -10.29 -0.62 64.08
N UNK A 13 -11.34 -0.20 64.76
CA UNK A 13 -12.50 -1.04 64.91
C UNK A 13 -13.10 -1.27 63.56
N UNK A 14 -13.68 -2.42 63.37
CA UNK A 14 -14.36 -2.74 62.13
C UNK A 14 -15.52 -1.75 61.93
N UNK A 15 -15.82 -1.45 60.65
CA UNK A 15 -16.84 -0.49 60.21
C UNK A 15 -16.55 0.92 60.68
N UNK A 16 -15.27 1.30 60.63
CA UNK A 16 -14.82 2.62 61.02
C UNK A 16 -13.62 3.01 60.18
N UNK A 17 -13.44 4.31 60.02
CA UNK A 17 -12.32 4.88 59.27
C UNK A 17 -11.02 4.94 60.05
N UNK A 18 -9.96 5.03 59.29
CA UNK A 18 -8.60 5.18 59.72
C UNK A 18 -7.88 5.94 58.62
N UNK A 19 -6.75 6.55 58.92
CA UNK A 19 -6.02 7.29 57.89
C UNK A 19 -4.51 7.15 58.05
N UNK A 20 -3.81 7.41 56.95
CA UNK A 20 -2.35 7.28 56.86
C UNK A 20 -1.74 8.25 55.85
N UNK A 21 -0.42 8.48 55.96
CA UNK A 21 0.27 9.30 54.95
C UNK A 21 1.70 8.88 54.74
N UNK A 22 2.14 8.96 53.49
CA UNK A 22 3.49 8.55 53.17
C UNK A 22 4.56 9.31 53.91
N UNK A 23 4.43 10.62 54.03
CA UNK A 23 5.47 11.39 54.70
C UNK A 23 6.84 11.00 54.10
N UNK A 24 6.92 11.14 52.78
CA UNK A 24 8.07 10.81 51.92
C UNK A 24 9.10 11.93 51.87
N UNK A 25 10.31 11.61 51.40
CA UNK A 25 11.35 12.64 51.31
C UNK A 25 12.40 12.35 50.23
N UNK A 26 13.12 13.43 49.86
CA UNK A 26 14.23 13.41 48.91
C UNK A 26 13.84 12.87 47.54
N UNK A 27 12.67 13.24 47.08
CA UNK A 27 12.19 12.81 45.79
C UNK A 27 11.24 13.83 45.22
N UNK A 28 11.06 13.83 43.91
CA UNK A 28 10.13 14.76 43.29
C UNK A 28 8.70 14.24 43.43
N UNK A 29 8.22 14.30 44.67
CA UNK A 29 6.92 13.75 45.03
C UNK A 29 5.80 14.39 44.24
N UNK A 30 5.95 15.65 43.90
CA UNK A 30 4.92 16.37 43.17
C UNK A 30 4.97 16.11 41.67
N UNK A 31 5.96 15.36 41.21
CA UNK A 31 6.14 15.08 39.80
C UNK A 31 6.31 13.58 39.61
N UNK A 32 5.59 12.82 40.41
CA UNK A 32 5.67 11.37 40.37
C UNK A 32 4.36 10.79 40.84
N UNK A 33 4.08 9.56 40.44
CA UNK A 33 2.86 8.90 40.91
C UNK A 33 3.10 8.25 42.26
N UNK A 34 2.04 8.17 43.06
CA UNK A 34 2.16 7.51 44.36
C UNK A 34 1.16 6.38 44.45
N UNK A 35 1.51 5.31 45.14
CA UNK A 35 0.59 4.20 45.26
C UNK A 35 0.69 3.47 46.58
N UNK A 36 -0.36 2.74 46.91
CA UNK A 36 -0.38 1.94 48.12
C UNK A 36 -0.80 0.53 47.81
N UNK A 37 -0.26 -0.40 48.59
CA UNK A 37 -0.55 -1.83 48.49
C UNK A 37 -0.59 -2.42 49.86
N UNK A 38 -1.25 -3.56 50.00
CA UNK A 38 -1.38 -4.17 51.31
C UNK A 38 -1.44 -5.67 51.28
N UNK A 39 -1.12 -6.26 52.42
CA UNK A 39 -1.18 -7.71 52.56
C UNK A 39 -1.68 -8.13 53.92
N UNK A 40 -2.58 -9.08 53.88
CA UNK A 40 -3.13 -9.70 55.05
C UNK A 40 -2.03 -10.52 55.64
N UNK A 41 -2.13 -10.88 56.90
CA UNK A 41 -1.07 -11.73 57.40
C UNK A 41 -1.05 -12.99 56.58
N UNK A 42 0.15 -13.49 56.29
CA UNK A 42 0.30 -14.73 55.53
C UNK A 42 -0.41 -14.67 54.18
N UNK A 43 -0.19 -13.58 53.45
CA UNK A 43 -0.80 -13.41 52.16
C UNK A 43 0.06 -12.58 51.23
N UNK A 44 -0.09 -12.79 49.93
CA UNK A 44 0.61 -11.99 48.93
C UNK A 44 0.04 -10.59 48.91
N UNK A 45 0.89 -9.59 48.71
CA UNK A 45 0.46 -8.20 48.64
C UNK A 45 -0.20 -7.87 47.31
N UNK A 46 -1.08 -6.89 47.34
CA UNK A 46 -1.69 -6.41 46.11
C UNK A 46 -2.01 -4.92 46.19
N UNK A 47 -2.04 -4.28 45.02
CA UNK A 47 -2.33 -2.85 44.95
C UNK A 47 -3.67 -2.57 45.55
N UNK A 48 -3.75 -1.49 46.31
CA UNK A 48 -5.00 -1.09 46.91
C UNK A 48 -5.55 0.19 46.31
N UNK A 49 -4.66 1.16 46.07
CA UNK A 49 -5.09 2.47 45.58
C UNK A 49 -3.94 3.26 44.99
N UNK A 50 -4.27 4.30 44.23
CA UNK A 50 -3.22 5.18 43.73
C UNK A 50 -3.67 6.62 43.48
N UNK A 51 -2.68 7.51 43.53
CA UNK A 51 -2.81 8.92 43.16
C UNK A 51 -2.11 8.99 41.82
N UNK A 52 -2.90 8.99 40.77
CA UNK A 52 -2.39 8.84 39.44
C UNK A 52 -1.79 10.08 38.85
N UNK A 53 -0.55 9.92 38.47
CA UNK A 53 0.27 10.95 37.88
C UNK A 53 0.40 12.13 38.82
N UNK A 54 1.00 13.19 38.31
CA UNK A 54 1.19 14.41 39.08
C UNK A 54 -0.16 15.09 39.32
N UNK A 55 -1.17 14.69 38.55
CA UNK A 55 -2.51 15.22 38.63
C UNK A 55 -3.27 14.66 39.82
N UNK A 56 -2.74 13.60 40.42
CA UNK A 56 -3.34 12.88 41.52
C UNK A 56 -4.76 12.45 41.23
N UNK A 57 -5.02 11.93 40.04
CA UNK A 57 -6.38 11.46 39.76
C UNK A 57 -6.57 10.20 40.60
N UNK A 58 -7.74 9.97 41.16
CA UNK A 58 -7.85 8.76 41.97
C UNK A 58 -8.05 7.51 41.15
N UNK A 59 -7.43 6.44 41.62
CA UNK A 59 -7.59 5.09 41.08
C UNK A 59 -7.72 4.15 42.26
N UNK A 60 -8.50 3.08 42.15
CA UNK A 60 -8.58 2.16 43.28
C UNK A 60 -8.97 0.76 42.86
N UNK A 61 -8.59 -0.20 43.70
CA UNK A 61 -8.98 -1.58 43.50
C UNK A 61 -10.48 -1.73 43.67
N UNK A 62 -11.07 -2.60 42.85
CA UNK A 62 -12.50 -2.88 42.92
C UNK A 62 -12.89 -3.39 44.28
N UNK A 63 -11.98 -4.11 44.92
CA UNK A 63 -12.20 -4.68 46.23
C UNK A 63 -12.48 -3.62 47.27
N UNK A 64 -11.85 -2.44 47.16
CA UNK A 64 -12.09 -1.42 48.14
C UNK A 64 -13.36 -0.68 47.78
N UNK A 65 -13.55 -0.53 46.47
CA UNK A 65 -14.71 0.15 45.94
C UNK A 65 -14.89 1.49 46.61
N UNK A 66 -16.05 1.68 47.23
CA UNK A 66 -16.38 2.93 47.88
C UNK A 66 -15.67 3.11 49.22
N UNK A 67 -15.16 2.05 49.82
CA UNK A 67 -14.54 2.17 51.13
C UNK A 67 -13.09 2.58 50.96
N UNK A 68 -12.88 3.73 50.37
CA UNK A 68 -11.54 4.20 50.14
C UNK A 68 -11.46 5.67 49.80
N UNK A 69 -10.31 6.25 50.06
CA UNK A 69 -9.98 7.58 49.57
C UNK A 69 -8.49 7.70 49.41
N UNK A 70 -8.05 8.60 48.52
CA UNK A 70 -6.63 8.85 48.35
C UNK A 70 -6.42 10.31 47.99
N UNK A 71 -5.26 10.84 48.35
CA UNK A 71 -4.91 12.22 48.07
C UNK A 71 -3.42 12.40 47.95
N UNK A 72 -3.01 13.50 47.36
CA UNK A 72 -1.61 13.85 47.27
C UNK A 72 -1.53 15.34 47.21
N UNK A 73 -0.38 15.89 47.58
CA UNK A 73 -0.20 17.33 47.54
C UNK A 73 1.26 17.67 47.35
N UNK A 74 1.53 18.86 46.84
CA UNK A 74 2.90 19.32 46.75
C UNK A 74 3.33 20.02 48.04
N UNK A 75 2.37 20.24 48.95
CA UNK A 75 2.61 20.95 50.20
C UNK A 75 3.61 20.24 51.09
N UNK A 76 3.55 18.94 51.06
CA UNK A 76 4.40 18.06 51.80
C UNK A 76 4.34 16.78 51.03
N UNK A 77 5.32 15.93 51.11
CA UNK A 77 5.20 14.69 50.36
C UNK A 77 4.34 13.71 51.15
N UNK A 78 3.05 14.00 51.18
CA UNK A 78 2.10 13.28 51.99
C UNK A 78 1.00 12.67 51.17
N UNK A 79 1.28 11.51 50.60
CA UNK A 79 0.29 10.83 49.79
C UNK A 79 -0.65 10.12 50.74
N UNK A 80 -1.54 10.93 51.30
CA UNK A 80 -2.50 10.57 52.31
C UNK A 80 -3.53 9.61 51.77
N UNK A 81 -4.07 8.80 52.66
CA UNK A 81 -5.09 7.85 52.29
C UNK A 81 -6.02 7.57 53.44
N UNK A 82 -7.20 7.06 53.12
CA UNK A 82 -8.14 6.72 54.17
C UNK A 82 -8.87 5.43 53.86
N UNK A 83 -9.23 4.77 54.96
CA UNK A 83 -9.96 3.50 54.96
C UNK A 83 -11.47 3.64 54.78
N UNK A 84 -12.05 4.78 55.12
CA UNK A 84 -13.48 4.95 55.04
C UNK A 84 -14.21 3.79 55.76
N UNK A 85 -15.19 3.17 55.09
CA UNK A 85 -15.97 2.11 55.73
C UNK A 85 -15.28 0.76 55.71
N UNK A 86 -14.23 0.63 56.49
CA UNK A 86 -13.43 -0.58 56.51
C UNK A 86 -14.22 -1.80 57.01
N UNK A 87 -14.06 -2.91 56.31
CA UNK A 87 -14.68 -4.19 56.67
C UNK A 87 -13.91 -4.89 57.75
N UNK A 88 -14.57 -5.75 58.53
CA UNK A 88 -13.83 -6.60 59.47
C UNK A 88 -12.90 -7.50 58.67
N UNK A 89 -13.33 -7.91 57.49
CA UNK A 89 -12.53 -8.77 56.65
C UNK A 89 -11.59 -7.91 55.80
N UNK A 90 -10.75 -7.16 56.49
CA UNK A 90 -9.82 -6.27 55.83
C UNK A 90 -8.66 -5.94 56.74
N UNK A 91 -8.15 -6.93 57.44
CA UNK A 91 -7.02 -6.68 58.31
C UNK A 91 -5.75 -6.90 57.53
N UNK A 92 -4.97 -5.85 57.32
CA UNK A 92 -3.77 -6.02 56.50
C UNK A 92 -2.72 -5.00 56.81
N UNK A 93 -1.48 -5.36 56.53
CA UNK A 93 -0.40 -4.40 56.66
C UNK A 93 -0.40 -3.59 55.38
N UNK A 94 -0.02 -2.32 55.44
CA UNK A 94 0.00 -1.57 54.18
C UNK A 94 1.17 -0.62 54.09
N UNK A 95 1.63 -0.37 52.87
CA UNK A 95 2.76 0.54 52.69
C UNK A 95 2.68 1.43 51.48
N UNK A 96 3.24 2.62 51.66
CA UNK A 96 3.41 3.60 50.61
C UNK A 96 4.49 3.13 49.66
N UNK A 97 4.32 3.42 48.37
CA UNK A 97 5.33 3.08 47.37
C UNK A 97 5.47 4.13 46.28
N UNK A 98 6.66 4.20 45.72
CA UNK A 98 6.98 5.13 44.64
C UNK A 98 6.99 4.44 43.31
N UNK A 99 6.17 4.92 42.39
CA UNK A 99 6.10 4.30 41.08
C UNK A 99 7.39 4.55 40.32
N UNK A 100 7.84 3.55 39.57
CA UNK A 100 9.01 3.74 38.72
C UNK A 100 8.64 4.69 37.60
N UNK A 101 9.58 5.52 37.16
CA UNK A 101 9.25 6.38 36.04
C UNK A 101 10.41 6.67 35.13
N UNK A 102 10.10 6.70 33.86
CA UNK A 102 10.93 7.04 32.72
C UNK A 102 9.94 7.29 31.60
N UNK A 103 10.33 7.97 30.52
CA UNK A 103 9.37 8.09 29.41
C UNK A 103 8.02 8.59 29.94
N UNK A 104 8.01 9.84 30.42
CA UNK A 104 6.84 10.37 31.10
C UNK A 104 5.57 10.18 30.30
N UNK A 105 4.53 9.83 31.04
CA UNK A 105 3.21 9.59 30.51
C UNK A 105 2.17 9.79 31.58
N UNK A 106 0.93 9.99 31.16
CA UNK A 106 -0.23 10.10 32.02
C UNK A 106 -0.57 8.82 32.81
N UNK A 107 -0.31 7.65 32.21
CA UNK A 107 -0.65 6.39 32.86
C UNK A 107 0.14 6.25 34.14
N UNK A 108 -0.46 5.68 35.17
CA UNK A 108 0.25 5.53 36.42
C UNK A 108 -0.08 4.25 37.17
N UNK A 109 0.11 3.10 36.53
CA UNK A 109 -0.14 1.80 37.18
C UNK A 109 1.13 0.94 37.08
N UNK A 110 2.26 1.62 37.04
CA UNK A 110 3.60 1.05 36.93
C UNK A 110 4.03 0.38 38.22
N UNK A 111 4.95 -0.57 38.09
CA UNK A 111 5.53 -1.24 39.23
C UNK A 111 6.35 -0.26 40.04
N UNK A 112 6.39 -0.45 41.36
CA UNK A 112 7.16 0.41 42.23
C UNK A 112 8.67 0.25 42.05
N UNK A 113 9.36 1.38 42.19
CA UNK A 113 10.82 1.43 42.18
C UNK A 113 11.34 1.25 43.59
N UNK A 114 10.56 1.72 44.55
CA UNK A 114 10.94 1.67 45.95
C UNK A 114 9.70 1.60 46.81
N UNK A 115 9.83 1.07 48.02
CA UNK A 115 8.68 1.01 48.90
C UNK A 115 9.07 1.15 50.36
N UNK A 116 8.11 1.63 51.13
CA UNK A 116 8.19 1.80 52.57
C UNK A 116 7.88 0.52 53.32
N UNK A 117 8.30 0.45 54.58
CA UNK A 117 7.91 -0.68 55.42
C UNK A 117 6.44 -0.53 55.69
N UNK A 118 5.71 -1.63 55.81
CA UNK A 118 4.27 -1.54 56.04
C UNK A 118 3.89 -1.23 57.47
N UNK A 119 2.78 -0.50 57.60
CA UNK A 119 2.17 -0.16 58.86
C UNK A 119 1.06 -1.15 59.18
N UNK A 120 0.82 -1.40 60.45
CA UNK A 120 -0.30 -2.24 60.83
C UNK A 120 -1.60 -1.53 60.53
N UNK A 121 -2.59 -2.27 60.07
CA UNK A 121 -3.89 -1.69 59.82
C UNK A 121 -4.97 -2.76 59.92
N UNK A 122 -5.05 -3.38 61.09
CA UNK A 122 -6.01 -4.44 61.32
C UNK A 122 -7.42 -3.89 61.47
N UNK A 123 -8.41 -4.68 61.08
CA UNK A 123 -9.81 -4.36 61.31
C UNK A 123 -10.31 -5.36 62.32
N UNK A 124 -10.89 -4.90 63.42
CA UNK A 124 -11.31 -5.87 64.44
C UNK A 124 -12.53 -5.46 65.27
N UNK A 125 -13.18 -6.47 65.92
CA UNK A 125 -14.31 -6.30 66.84
C UNK A 125 -13.80 -5.95 68.23
N UNK B 1 -7.47 -9.51 35.48
CA UNK B 1 -6.26 -9.77 36.24
C UNK B 1 -5.66 -11.11 35.81
N UNK B 2 -4.37 -11.11 35.42
CA UNK B 2 -3.61 -12.32 35.05
C UNK B 2 -2.95 -12.87 36.29
N UNK B 3 -3.53 -13.91 36.85
CA UNK B 3 -3.05 -14.49 38.09
C UNK B 3 -1.65 -15.01 37.89
N UNK B 4 -0.83 -14.98 38.93
CA UNK B 4 0.50 -15.52 38.80
C UNK B 4 0.96 -16.13 40.11
N UNK B 5 1.83 -17.12 40.01
CA UNK B 5 2.37 -17.77 41.18
C UNK B 5 3.72 -18.36 40.92
N UNK B 6 4.49 -18.55 41.99
CA UNK B 6 5.76 -19.21 41.84
C UNK B 6 5.57 -20.68 41.61
N UNK B 7 6.40 -21.24 40.77
CA UNK B 7 6.44 -22.67 40.58
C UNK B 7 7.32 -23.19 41.68
N UNK B 8 8.35 -22.42 41.92
CA UNK B 8 9.34 -22.68 42.93
C UNK B 8 8.81 -22.10 44.21
N UNK B 9 7.77 -22.73 44.76
CA UNK B 9 7.05 -22.20 45.91
C UNK B 9 7.97 -21.99 47.11
N UNK B 10 8.97 -22.84 47.26
CA UNK B 10 9.92 -22.72 48.33
C UNK B 10 11.22 -23.33 47.89
N UNK B 11 12.33 -22.78 48.34
CA UNK B 11 13.64 -23.35 48.04
C UNK B 11 14.67 -23.03 49.09
N UNK B 12 15.72 -23.85 49.15
CA UNK B 12 16.80 -23.58 50.06
C UNK B 12 18.12 -23.99 49.48
N UNK B 13 19.18 -23.30 49.88
CA UNK B 13 20.52 -23.61 49.40
C UNK B 13 21.60 -23.21 50.39
N UNK B 14 22.75 -23.86 50.26
CA UNK B 14 23.91 -23.52 51.04
C UNK B 14 24.40 -22.15 50.66
N UNK B 15 25.01 -21.43 51.60
CA UNK B 15 25.52 -20.12 51.23
C UNK B 15 26.57 -20.31 50.17
N UNK B 16 26.59 -19.37 49.24
CA UNK B 16 27.44 -19.26 48.07
C UNK B 16 27.13 -20.31 47.01
N UNK B 17 26.04 -21.04 47.19
CA UNK B 17 25.58 -21.96 46.17
C UNK B 17 24.75 -21.19 45.18
N UNK B 18 24.72 -21.60 43.93
CA UNK B 18 23.85 -20.94 42.98
C UNK B 18 22.43 -21.33 43.31
N UNK B 19 21.48 -20.46 42.98
CA UNK B 19 20.09 -20.77 43.26
C UNK B 19 19.18 -20.10 42.26
N UNK B 20 17.99 -20.65 42.05
CA UNK B 20 17.07 -20.05 41.10
C UNK B 20 15.63 -20.27 41.48
N UNK B 21 14.78 -19.42 40.92
CA UNK B 21 13.34 -19.46 41.14
C UNK B 21 12.62 -19.36 39.81
N UNK B 22 11.41 -19.90 39.77
CA UNK B 22 10.58 -19.86 38.60
C UNK B 22 9.15 -19.62 38.97
N UNK B 23 8.42 -19.01 38.05
CA UNK B 23 7.04 -18.62 38.20
C UNK B 23 6.34 -18.57 36.86
N UNK B 24 5.03 -18.53 36.87
CA UNK B 24 4.31 -18.37 35.62
C UNK B 24 3.02 -17.63 35.84
N UNK B 25 2.60 -16.94 34.79
CA UNK B 25 1.37 -16.18 34.77
C UNK B 25 0.29 -16.88 33.97
N UNK B 26 -0.95 -16.51 34.26
CA UNK B 26 -2.12 -16.95 33.52
C UNK B 26 -2.05 -16.52 32.05
N UNK B 27 -1.35 -15.42 31.82
CA UNK B 27 -1.18 -14.84 30.50
C UNK B 27 0.14 -14.12 30.49
N UNK B 28 0.78 -14.03 29.34
CA UNK B 28 2.04 -13.31 29.27
C UNK B 28 1.85 -11.81 29.42
N UNK B 29 2.85 -11.17 29.99
CA UNK B 29 2.89 -9.72 30.13
C UNK B 29 3.98 -9.17 29.24
N UNK B 30 4.39 -9.95 28.27
CA UNK B 30 5.49 -9.56 27.40
C UNK B 30 6.67 -9.21 28.32
N UNK B 31 7.33 -8.10 28.10
CA UNK B 31 8.45 -7.73 28.96
C UNK B 31 7.96 -6.89 30.12
N UNK B 32 6.67 -6.65 30.21
CA UNK B 32 6.14 -5.77 31.24
C UNK B 32 5.97 -6.51 32.54
N UNK B 33 7.08 -6.84 33.16
CA UNK B 33 7.09 -7.62 34.39
C UNK B 33 8.25 -7.25 35.30
N UNK B 34 8.09 -7.52 36.58
CA UNK B 34 9.13 -7.18 37.53
C UNK B 34 9.25 -8.17 38.67
N UNK B 35 10.44 -8.18 39.25
CA UNK B 35 10.80 -9.02 40.40
C UNK B 35 11.14 -8.14 41.58
N UNK B 36 10.91 -8.62 42.80
CA UNK B 36 11.24 -7.85 44.00
C UNK B 36 11.64 -8.73 45.18
N UNK B 37 12.41 -8.14 46.09
CA UNK B 37 12.82 -8.84 47.29
C UNK B 37 12.01 -8.39 48.48
N UNK B 38 11.59 -9.34 49.30
CA UNK B 38 10.86 -8.98 50.50
C UNK B 38 11.35 -9.76 51.69
N UNK B 39 12.43 -9.27 52.26
CA UNK B 39 13.04 -9.88 53.42
C UNK B 39 12.11 -9.66 54.58
N UNK B 40 12.12 -10.55 55.55
CA UNK B 40 11.28 -10.35 56.71
C UNK B 40 11.73 -9.12 57.48
N UNK B 41 10.78 -8.42 58.10
CA UNK B 41 11.08 -7.24 58.93
C UNK B 41 11.89 -6.21 58.17
N UNK B 42 11.47 -5.96 56.94
CA UNK B 42 12.13 -5.01 56.08
C UNK B 42 11.16 -4.45 55.06
N UNK B 43 11.48 -3.27 54.53
CA UNK B 43 10.69 -2.74 53.43
C UNK B 43 11.05 -3.53 52.19
N UNK B 44 10.07 -3.79 51.34
CA UNK B 44 10.35 -4.50 50.10
C UNK B 44 11.06 -3.59 49.12
N UNK B 45 11.86 -4.17 48.23
CA UNK B 45 12.51 -3.37 47.19
C UNK B 45 12.64 -4.14 45.89
N UNK B 46 12.55 -3.42 44.79
CA UNK B 46 12.62 -4.01 43.46
C UNK B 46 13.95 -4.67 43.19
N UNK B 47 13.90 -5.80 42.50
CA UNK B 47 15.05 -6.58 42.11
C UNK B 47 15.35 -6.47 40.60
N UNK B 48 14.30 -6.45 39.77
CA UNK B 48 14.50 -6.37 38.32
C UNK B 48 13.33 -5.68 37.64
N UNK B 49 13.62 -4.93 36.59
CA UNK B 49 12.61 -4.21 35.82
C UNK B 49 12.57 -4.66 34.37
N UNK B 50 11.36 -4.66 33.80
CA UNK B 50 11.13 -5.05 32.42
C UNK B 50 11.67 -6.45 32.18
N UNK B 51 11.57 -7.26 33.22
CA UNK B 51 12.06 -8.61 33.26
C UNK B 51 13.54 -8.69 32.85
N UNK B 52 14.38 -7.71 33.20
CA UNK B 52 15.78 -7.78 32.78
C UNK B 52 16.73 -6.78 33.44
N UNK B 53 16.34 -5.52 33.47
CA UNK B 53 17.19 -4.43 33.93
C UNK B 53 17.29 -4.43 35.43
N UNK B 54 18.39 -3.98 35.97
CA UNK B 54 18.49 -3.91 37.43
C UNK B 54 19.48 -2.87 37.82
N UNK B 55 19.39 -2.42 39.07
CA UNK B 55 20.36 -1.48 39.59
C UNK B 55 20.59 -1.78 41.06
N UNK B 56 21.82 -1.55 41.51
CA UNK B 56 22.21 -1.73 42.89
C UNK B 56 21.92 -3.15 43.40
N UNK B 57 22.10 -4.16 42.54
CA UNK B 57 21.86 -5.55 42.91
C UNK B 57 23.15 -6.33 43.09
N UNK B 58 24.27 -5.61 43.03
CA UNK B 58 25.64 -6.11 43.13
C UNK B 58 25.97 -7.16 42.08
N UNK B 59 25.19 -7.20 41.00
CA UNK B 59 25.33 -8.15 39.92
C UNK B 59 25.29 -9.57 40.45
N UNK B 60 24.62 -9.78 41.57
CA UNK B 60 24.57 -11.08 42.19
C UNK B 60 23.47 -11.93 41.61
N UNK B 61 22.56 -11.31 40.90
CA UNK B 61 21.39 -11.98 40.39
C UNK B 61 20.82 -11.25 39.20
N UNK B 62 20.08 -11.99 38.39
CA UNK B 62 19.42 -11.38 37.25
C UNK B 62 18.13 -12.09 36.89
N UNK B 63 17.22 -11.33 36.27
CA UNK B 63 15.97 -11.90 35.78
C UNK B 63 16.24 -12.76 34.58
N UNK B 64 15.49 -13.84 34.46
CA UNK B 64 15.56 -14.68 33.30
C UNK B 64 14.68 -14.13 32.21
N UNK B 65 14.99 -14.43 30.98
CA UNK B 65 14.09 -13.98 29.93
C UNK B 65 12.71 -14.56 30.14
N UNK B 66 11.70 -13.75 29.88
CA UNK B 66 10.31 -14.15 30.02
C UNK B 66 9.55 -13.82 28.73
N UNK B 67 8.63 -12.85 28.77
CA UNK B 67 7.82 -12.50 27.60
C UNK B 67 7.13 -13.71 27.04
N UNK B 68 6.57 -14.44 27.97
CA UNK B 68 5.88 -15.68 27.80
C UNK B 68 5.06 -15.83 29.04
N UNK B 69 4.13 -16.77 29.07
CA UNK B 69 3.43 -17.01 30.33
C UNK B 69 4.34 -17.89 31.21
N UNK B 70 5.49 -17.31 31.57
CA UNK B 70 6.57 -17.92 32.31
C UNK B 70 7.46 -16.84 32.91
N UNK B 71 8.18 -17.16 33.96
CA UNK B 71 9.15 -16.24 34.53
C UNK B 71 10.20 -16.99 35.32
N UNK B 72 11.37 -16.41 35.46
CA UNK B 72 12.39 -17.01 36.30
C UNK B 72 13.43 -15.97 36.63
N UNK B 73 14.23 -16.27 37.62
CA UNK B 73 15.36 -15.42 38.02
C UNK B 73 16.41 -16.28 38.68
N UNK B 74 17.65 -15.83 38.69
CA UNK B 74 18.65 -16.62 39.39
C UNK B 74 19.76 -15.82 40.03
N UNK B 75 20.30 -16.41 41.10
CA UNK B 75 21.41 -15.90 41.87
C UNK B 75 22.67 -16.66 41.50
N UNK B 76 23.74 -15.93 41.23
CA UNK B 76 24.99 -16.57 40.87
C UNK B 76 25.55 -17.39 42.03
N UNK B 77 25.39 -16.85 43.24
CA UNK B 77 25.85 -17.47 44.47
C UNK B 77 25.12 -16.82 45.63
N UNK B 78 24.45 -17.59 46.46
CA UNK B 78 23.70 -17.02 47.56
C UNK B 78 24.55 -16.35 48.62
N UNK B 79 24.11 -15.20 49.06
CA UNK B 79 24.75 -14.58 50.20
C UNK B 79 24.20 -15.31 51.40
N UNK B 80 24.93 -15.34 52.50
CA UNK B 80 24.42 -15.99 53.71
C UNK B 80 23.10 -15.39 54.16
N UNK B 81 22.92 -14.09 53.94
CA UNK B 81 21.72 -13.36 54.32
C UNK B 81 20.74 -13.15 53.16
N UNK B 82 20.96 -13.83 52.05
CA UNK B 82 20.14 -13.67 50.84
C UNK B 82 18.69 -14.08 50.98
N UNK B 83 18.38 -15.08 51.81
CA UNK B 83 17.01 -15.55 51.85
C UNK B 83 16.05 -14.41 52.16
N UNK B 84 15.00 -14.33 51.35
CA UNK B 84 13.95 -13.34 51.42
C UNK B 84 12.78 -13.89 50.67
N UNK B 85 11.58 -13.36 50.85
CA UNK B 85 10.55 -13.85 49.96
C UNK B 85 10.85 -13.34 48.56
N UNK B 86 10.59 -14.19 47.58
CA UNK B 86 10.73 -13.83 46.19
C UNK B 86 9.40 -13.35 45.63
N UNK B 87 9.30 -12.06 45.36
CA UNK B 87 8.06 -11.45 44.92
C UNK B 87 8.17 -11.11 43.43
N UNK B 88 7.02 -10.98 42.77
CA UNK B 88 6.98 -10.61 41.35
C UNK B 88 5.63 -10.02 40.97
N UNK B 89 5.56 -9.31 39.84
CA UNK B 89 4.30 -8.76 39.35
C UNK B 89 4.22 -8.63 37.83
N UNK B 90 2.99 -8.69 37.31
CA UNK B 90 2.69 -8.54 35.87
C UNK B 90 2.21 -7.13 35.56
N UNK B 91 3.07 -6.29 35.01
CA UNK B 91 2.72 -4.89 34.79
C UNK B 91 2.09 -4.68 33.43
N UNK B 92 1.05 -5.45 33.13
CA UNK B 92 0.38 -5.36 31.84
C UNK B 92 -1.12 -5.24 31.97
N UNK B 93 -1.60 -4.68 33.06
CA UNK B 93 -3.02 -4.46 33.30
C UNK B 93 -3.19 -3.44 34.42
N UNK B 94 -4.33 -2.75 34.47
CA UNK B 94 -4.63 -1.86 35.62
C UNK B 94 -4.80 -2.66 36.88
N UNK B 95 -5.09 -3.93 36.70
CA UNK B 95 -5.25 -4.87 37.78
C UNK B 95 -3.96 -4.98 38.57
N UNK B 96 -2.81 -4.78 37.90
CA UNK B 96 -1.52 -4.90 38.54
C UNK B 96 -1.41 -6.20 39.31
N UNK B 97 -1.79 -7.30 38.70
CA UNK B 97 -1.75 -8.55 39.44
C UNK B 97 -0.34 -8.82 39.90
N UNK B 98 -0.22 -9.20 41.17
CA UNK B 98 1.05 -9.56 41.78
C UNK B 98 1.06 -11.06 41.89
N UNK B 99 2.23 -11.65 41.91
CA UNK B 99 2.39 -13.08 42.06
C UNK B 99 2.22 -13.52 43.50
N UNK B 100 1.84 -14.78 43.65
CA UNK B 100 1.74 -15.44 44.96
C UNK B 100 3.08 -15.49 45.70
N UNK B 101 4.20 -15.34 44.96
CA UNK B 101 5.58 -15.34 45.46
C UNK B 101 6.07 -16.69 45.99
N UNK B 102 7.32 -16.70 46.49
CA UNK B 102 7.97 -17.91 47.04
C UNK B 102 8.88 -17.69 48.25
N UNK B 103 8.96 -18.72 49.09
CA UNK B 103 9.80 -18.74 50.29
C UNK B 103 11.25 -19.08 49.99
N UNK B 104 12.16 -18.61 50.85
CA UNK B 104 13.56 -18.97 50.67
C UNK B 104 14.26 -19.14 52.00
N UNK B 105 15.27 -20.01 52.00
CA UNK B 105 16.10 -20.24 53.18
C UNK B 105 17.56 -20.59 52.80
N UNK B 106 18.50 -20.35 53.74
CA UNK B 106 19.93 -20.65 53.60
C UNK B 106 20.52 -20.77 54.99
N ALA C 36 -16.08 34.46 37.05
CA ALA C 36 -16.42 33.55 35.97
C ALA C 36 -17.62 34.11 35.16
N GLU C 37 -17.35 35.20 34.42
CA GLU C 37 -18.25 35.95 33.54
C GLU C 37 -17.39 36.51 32.43
N ASN C 38 -17.96 36.87 31.29
CA ASN C 38 -17.16 37.37 30.19
C ASN C 38 -16.11 36.32 29.85
N LEU C 39 -16.57 35.09 29.68
CA LEU C 39 -15.75 33.96 29.36
C LEU C 39 -15.42 33.96 27.90
N TRP C 40 -14.27 33.38 27.59
CA TRP C 40 -13.69 33.35 26.27
C TRP C 40 -13.43 31.95 25.73
N VAL C 41 -13.43 31.82 24.42
CA VAL C 41 -13.13 30.56 23.78
C VAL C 41 -11.63 30.26 23.82
N THR C 42 -11.30 29.06 24.27
CA THR C 42 -9.94 28.54 24.26
C THR C 42 -9.92 27.26 23.50
N VAL C 43 -8.94 27.14 22.63
CA VAL C 43 -8.82 25.97 21.79
C VAL C 43 -7.76 25.05 22.33
N TYR C 44 -8.13 23.78 22.45
CA TYR C 44 -7.21 22.79 22.95
C TYR C 44 -6.91 21.70 21.93
N TYR C 45 -5.63 21.42 21.73
CA TYR C 45 -5.21 20.39 20.79
C TYR C 45 -4.55 19.25 21.49
N GLY C 46 -5.06 18.06 21.23
CA GLY C 46 -4.58 16.86 21.89
C GLY C 46 -5.62 16.41 22.91
N VAL C 47 -6.86 16.79 22.69
CA VAL C 47 -7.97 16.44 23.55
C VAL C 47 -8.31 14.96 23.40
N PRO C 48 -8.38 14.18 24.49
CA PRO C 48 -8.59 12.74 24.47
C PRO C 48 -10.01 12.30 24.20
N VAL C 49 -10.49 12.59 23.00
CA VAL C 49 -11.82 12.15 22.59
C VAL C 49 -11.79 11.42 21.28
N TRP C 50 -12.85 10.68 21.01
CA TRP C 50 -12.96 9.92 19.79
C TRP C 50 -14.37 9.72 19.31
N LYS C 51 -14.48 9.36 18.05
CA LYS C 51 -15.75 9.03 17.44
C LYS C 51 -15.62 7.68 16.75
N ASP C 52 -16.72 6.94 16.62
CA ASP C 52 -16.64 5.65 15.96
C ASP C 52 -16.20 5.80 14.53
N ALA C 53 -15.36 4.90 14.05
CA ALA C 53 -14.93 5.04 12.67
C ALA C 53 -14.48 3.75 12.05
N GLU C 54 -14.53 3.70 10.73
CA GLU C 54 -14.02 2.55 10.01
C GLU C 54 -12.73 2.95 9.33
N THR C 55 -11.77 2.05 9.30
CA THR C 55 -10.53 2.32 8.57
C THR C 55 -9.82 1.07 8.13
N THR C 56 -8.62 1.28 7.63
CA THR C 56 -7.73 0.25 7.14
C THR C 56 -6.83 -0.25 8.24
N LEU C 57 -6.78 -1.56 8.45
CA LEU C 57 -5.92 -2.12 9.48
C LEU C 57 -4.69 -2.81 8.91
N PHE C 58 -3.63 -2.84 9.71
CA PHE C 58 -2.36 -3.48 9.35
C PHE C 58 -2.25 -4.90 9.88
N CYS C 59 -1.53 -5.78 9.15
CA CYS C 59 -1.23 -7.17 9.53
C CYS C 59 0.11 -7.21 10.26
N ALA C 60 0.11 -7.62 11.51
CA ALA C 60 1.34 -7.67 12.30
C ALA C 60 1.50 -9.04 12.95
N SER C 61 2.74 -9.41 13.25
CA SER C 61 3.01 -10.73 13.82
C SER C 61 4.23 -10.82 14.73
N ASP C 62 4.37 -11.93 15.42
CA ASP C 62 5.52 -12.13 16.29
C ASP C 62 6.75 -12.40 15.42
N ALA C 63 7.96 -12.19 15.99
CA ALA C 63 9.27 -12.41 15.37
C ALA C 63 9.39 -11.65 14.06
N HIS C 71 6.90 -19.00 2.51
CA HIS C 71 6.60 -20.39 2.86
C HIS C 71 5.20 -20.61 3.51
N ASN C 72 4.51 -19.51 3.90
CA ASN C 72 3.20 -19.46 4.57
C ASN C 72 2.44 -18.24 4.14
N VAL C 73 1.16 -18.44 3.91
CA VAL C 73 0.28 -17.38 3.42
C VAL C 73 0.23 -16.15 4.29
N TRP C 74 0.17 -16.31 5.60
CA TRP C 74 0.09 -15.12 6.42
C TRP C 74 1.45 -14.67 6.86
N ALA C 75 2.39 -15.59 6.92
CA ALA C 75 3.73 -15.22 7.38
C ALA C 75 4.35 -14.18 6.47
N THR C 76 4.03 -14.23 5.17
CA THR C 76 4.60 -13.28 4.25
C THR C 76 3.69 -12.08 4.03
N HIS C 77 2.58 -12.03 4.75
CA HIS C 77 1.67 -10.89 4.68
C HIS C 77 1.92 -9.92 5.84
N CYS C 78 2.00 -10.46 7.09
CA CYS C 78 2.28 -9.68 8.29
C CYS C 78 3.78 -9.41 8.32
N CYS C 79 4.13 -8.23 7.86
CA CYS C 79 5.52 -7.88 7.70
C CYS C 79 5.95 -6.88 8.75
N VAL C 80 5.07 -6.66 9.69
CA VAL C 80 5.28 -5.76 10.80
C VAL C 80 5.41 -6.56 12.07
N PRO C 81 6.54 -6.54 12.76
CA PRO C 81 6.74 -7.28 13.97
C PRO C 81 5.96 -6.62 15.09
N THR C 82 5.45 -7.40 16.01
CA THR C 82 4.82 -6.85 17.21
C THR C 82 4.86 -7.87 18.33
N ASP C 83 4.87 -7.42 19.57
CA ASP C 83 4.85 -8.37 20.67
C ASP C 83 3.50 -9.05 20.81
N PRO C 84 3.48 -10.35 21.16
CA PRO C 84 2.31 -11.07 21.60
C PRO C 84 1.96 -10.39 22.88
N ASN C 85 0.72 -10.44 23.30
CA ASN C 85 0.39 -9.81 24.57
C ASN C 85 0.86 -8.35 24.64
N PRO C 86 0.38 -7.48 23.73
CA PRO C 86 0.75 -6.08 23.64
C PRO C 86 0.22 -5.37 24.85
N GLN C 87 0.84 -4.25 25.20
CA GLN C 87 0.43 -3.50 26.37
C GLN C 87 -0.92 -2.84 26.21
N GLU C 88 -1.67 -2.80 27.30
CA GLU C 88 -3.00 -2.19 27.33
C GLU C 88 -3.02 -0.96 28.19
N ILE C 89 -3.73 0.06 27.77
CA ILE C 89 -3.89 1.23 28.61
C ILE C 89 -5.28 1.27 29.14
N HIS C 90 -5.45 1.12 30.42
CA HIS C 90 -6.80 1.07 30.96
C HIS C 90 -7.42 2.44 31.06
N LEU C 91 -8.68 2.55 30.67
CA LEU C 91 -9.35 3.81 30.80
C LEU C 91 -10.18 3.72 32.07
N GLU C 92 -9.69 4.33 33.12
CA GLU C 92 -10.23 4.09 34.46
C GLU C 92 -11.71 4.40 34.70
N ASN C 93 -12.24 5.48 34.09
CA ASN C 93 -13.64 5.92 34.26
C ASN C 93 -14.42 5.95 32.93
N VAL C 94 -14.06 5.10 31.92
CA VAL C 94 -14.75 5.09 30.62
C VAL C 94 -15.71 3.96 30.41
N THR C 95 -16.91 4.34 30.03
CA THR C 95 -17.94 3.38 29.67
C THR C 95 -18.16 3.60 28.20
N GLU C 96 -18.17 2.53 27.43
CA GLU C 96 -18.33 2.64 25.99
C GLU C 96 -19.31 1.61 25.48
N GLU C 97 -19.96 1.91 24.36
CA GLU C 97 -20.92 1.01 23.71
C GLU C 97 -20.28 0.14 22.64
N PHE C 98 -20.39 -1.17 22.82
CA PHE C 98 -19.84 -2.13 21.89
C PHE C 98 -20.94 -2.88 21.18
N ASN C 99 -20.64 -3.32 19.96
CA ASN C 99 -21.59 -4.15 19.23
C ASN C 99 -20.85 -5.12 18.36
N MET C 100 -20.92 -6.39 18.71
CA MET C 100 -20.27 -7.46 17.99
C MET C 100 -20.76 -7.56 16.56
N TRP C 101 -22.00 -7.19 16.31
CA TRP C 101 -22.53 -7.25 14.98
C TRP C 101 -22.41 -5.87 14.41
N LYS C 102 -22.24 -5.79 13.10
CA LYS C 102 -22.04 -4.52 12.42
C LYS C 102 -20.67 -3.97 12.79
N ASN C 103 -19.75 -4.89 13.04
CA ASN C 103 -18.36 -4.64 13.33
C ASN C 103 -17.55 -4.73 12.05
N ASN C 104 -17.09 -3.61 11.56
CA ASN C 104 -16.42 -3.60 10.28
C ASN C 104 -15.10 -4.35 10.32
N MET C 105 -14.58 -4.61 11.51
CA MET C 105 -13.32 -5.32 11.57
C MET C 105 -13.53 -6.71 11.03
N VAL C 106 -14.73 -7.26 11.22
CA VAL C 106 -15.02 -8.60 10.80
C VAL C 106 -15.09 -8.60 9.31
N GLU C 107 -15.74 -7.58 8.76
CA GLU C 107 -15.84 -7.55 7.32
C GLU C 107 -14.50 -7.36 6.68
N GLN C 108 -13.64 -6.55 7.30
CA GLN C 108 -12.35 -6.36 6.70
C GLN C 108 -11.54 -7.63 6.79
N MET C 109 -11.63 -8.36 7.90
CA MET C 109 -10.87 -9.59 7.97
C MET C 109 -11.37 -10.55 6.93
N HIS C 110 -12.67 -10.66 6.75
CA HIS C 110 -13.18 -11.60 5.78
C HIS C 110 -12.60 -11.29 4.41
N THR C 111 -12.59 -10.02 4.04
CA THR C 111 -12.03 -9.63 2.78
C THR C 111 -10.55 -9.95 2.70
N ASP C 112 -9.78 -9.65 3.75
CA ASP C 112 -8.34 -9.93 3.72
C ASP C 112 -8.03 -11.40 3.58
N ILE C 113 -8.78 -12.26 4.25
CA ILE C 113 -8.47 -13.68 4.14
C ILE C 113 -8.72 -14.16 2.75
N ILE C 114 -9.83 -13.75 2.15
CA ILE C 114 -10.09 -14.23 0.81
C ILE C 114 -9.09 -13.68 -0.16
N SER C 115 -8.78 -12.40 -0.05
CA SER C 115 -7.84 -11.84 -0.98
C SER C 115 -6.50 -12.51 -0.88
N LEU C 116 -5.99 -12.77 0.32
CA LEU C 116 -4.69 -13.41 0.40
C LEU C 116 -4.72 -14.78 -0.17
N TRP C 117 -5.81 -15.49 0.06
CA TRP C 117 -5.92 -16.82 -0.46
C TRP C 117 -5.77 -16.78 -1.95
N ASP C 118 -6.54 -15.90 -2.59
CA ASP C 118 -6.49 -15.83 -4.04
C ASP C 118 -5.15 -15.40 -4.53
N GLN C 119 -4.49 -14.50 -3.82
CA GLN C 119 -3.19 -14.08 -4.28
C GLN C 119 -2.16 -15.21 -4.22
N SER C 120 -2.15 -15.99 -3.14
CA SER C 120 -1.11 -17.02 -3.04
C SER C 120 -1.34 -18.16 -4.00
N LEU C 121 -2.58 -18.35 -4.38
CA LEU C 121 -2.98 -19.38 -5.30
C LEU C 121 -2.82 -18.96 -6.74
N LYS C 122 -2.60 -17.69 -6.99
CA LYS C 122 -2.59 -17.24 -8.36
C LYS C 122 -1.41 -17.79 -9.16
N PRO C 123 -0.15 -17.60 -8.77
CA PRO C 123 0.99 -18.05 -9.54
C PRO C 123 1.29 -19.53 -9.32
N CYS C 124 0.35 -20.41 -9.72
CA CYS C 124 0.41 -21.87 -9.57
C CYS C 124 -0.03 -22.55 -10.85
N VAL C 125 0.21 -23.84 -10.92
CA VAL C 125 -0.11 -24.62 -12.11
C VAL C 125 -1.59 -24.80 -12.31
N LYS C 126 -2.05 -24.48 -13.50
CA LYS C 126 -3.44 -24.66 -13.86
C LYS C 126 -3.59 -26.08 -14.24
N LEU C 127 -4.70 -26.69 -13.91
CA LEU C 127 -4.88 -28.06 -14.30
C LEU C 127 -5.84 -28.22 -15.45
N THR C 128 -6.02 -27.20 -16.26
CA THR C 128 -6.87 -27.31 -17.43
C THR C 128 -6.58 -28.59 -18.25
N PRO C 129 -5.31 -29.00 -18.51
CA PRO C 129 -4.98 -30.20 -19.25
C PRO C 129 -5.58 -31.46 -18.64
N LEU C 130 -5.98 -31.40 -17.38
CA LEU C 130 -6.60 -32.52 -16.67
C LEU C 130 -8.13 -32.64 -16.92
N CYS C 131 -8.76 -31.61 -17.56
CA CYS C 131 -10.18 -31.56 -17.85
C CYS C 131 -10.44 -32.44 -19.08
N VAL C 132 -10.33 -33.74 -18.85
CA VAL C 132 -10.47 -34.78 -19.86
C VAL C 132 -11.40 -35.86 -19.40
N THR C 133 -11.83 -36.72 -20.30
CA THR C 133 -12.65 -37.86 -19.92
C THR C 133 -11.79 -38.90 -19.22
N LEU C 134 -12.24 -39.42 -18.08
CA LEU C 134 -11.50 -40.44 -17.34
C LEU C 134 -12.10 -41.81 -17.52
N GLN C 135 -11.27 -42.84 -17.51
CA GLN C 135 -11.78 -44.23 -17.46
C GLN C 135 -11.46 -44.77 -16.08
N CYS C 136 -12.48 -45.11 -15.24
CA CYS C 136 -12.25 -45.48 -13.84
C CYS C 136 -12.82 -46.84 -13.48
N THR C 137 -12.14 -47.46 -12.52
CA THR C 137 -12.60 -48.68 -11.87
C THR C 137 -12.49 -48.49 -10.36
N ASN C 138 -13.06 -49.40 -9.56
CA ASN C 138 -13.04 -49.36 -8.10
C ASN C 138 -11.69 -49.85 -7.53
N VAL C 139 -11.25 -49.23 -6.40
CA VAL C 139 -10.07 -49.68 -5.65
C VAL C 139 -10.53 -50.55 -4.51
N THR C 140 -10.37 -51.85 -4.67
CA THR C 140 -10.82 -52.80 -3.67
C THR C 140 -9.80 -53.87 -3.44
N ASN C 141 -8.59 -53.49 -3.09
CA ASN C 141 -7.53 -54.48 -2.95
C ASN C 141 -7.43 -55.03 -1.50
N ASN C 142 -7.37 -54.09 -0.52
CA ASN C 142 -7.26 -54.33 0.92
C ASN C 142 -8.15 -53.29 1.62
N ILE C 143 -9.46 -53.33 1.31
CA ILE C 143 -10.39 -52.28 1.75
C ILE C 143 -11.34 -52.79 2.77
N THR C 144 -11.52 -52.00 3.81
CA THR C 144 -12.45 -52.37 4.84
C THR C 144 -13.85 -52.01 4.44
N ASP C 145 -14.80 -52.27 5.29
CA ASP C 145 -16.14 -52.03 4.84
C ASP C 145 -16.47 -50.57 5.06
N ASP C 146 -17.68 -50.17 4.68
CA ASP C 146 -18.13 -48.78 4.78
C ASP C 146 -17.32 -47.84 3.88
N MET C 147 -16.48 -48.40 3.00
CA MET C 147 -15.66 -47.61 2.11
C MET C 147 -15.65 -48.09 0.69
N ARG C 148 -16.29 -49.20 0.38
CA ARG C 148 -16.16 -49.64 -0.97
C ARG C 148 -16.82 -48.59 -1.82
N GLY C 149 -16.13 -48.20 -2.87
CA GLY C 149 -16.63 -47.18 -3.77
C GLY C 149 -16.04 -45.81 -3.49
N GLU C 150 -15.37 -45.62 -2.34
CA GLU C 150 -14.78 -44.33 -2.01
C GLU C 150 -13.58 -43.97 -2.86
N LEU C 151 -12.79 -44.96 -3.24
CA LEU C 151 -11.61 -44.68 -4.03
C LEU C 151 -11.70 -45.33 -5.38
N LYS C 152 -11.31 -44.56 -6.39
CA LYS C 152 -11.32 -45.04 -7.75
C LYS C 152 -9.94 -44.93 -8.39
N ASN C 153 -9.61 -45.89 -9.26
CA ASN C 153 -8.39 -46.00 -10.06
C ASN C 153 -8.71 -45.50 -11.48
N CYS C 154 -8.29 -44.25 -11.81
CA CYS C 154 -8.67 -43.57 -13.06
C CYS C 154 -7.49 -43.36 -13.99
N SER C 155 -7.70 -43.70 -15.25
CA SER C 155 -6.68 -43.49 -16.27
C SER C 155 -7.12 -42.46 -17.28
N PHE C 156 -6.15 -41.76 -17.85
CA PHE C 156 -6.42 -40.73 -18.85
C PHE C 156 -5.22 -40.39 -19.74
N ASN C 157 -5.49 -39.68 -20.88
CA ASN C 157 -4.50 -39.22 -21.85
C ASN C 157 -4.15 -37.74 -21.60
N MET C 158 -2.97 -37.52 -21.01
CA MET C 158 -2.40 -36.25 -20.55
C MET C 158 -1.36 -35.72 -21.55
N THR C 159 -1.17 -34.41 -21.56
CA THR C 159 -0.17 -33.76 -22.40
C THR C 159 1.20 -33.99 -21.82
N THR C 160 2.24 -33.70 -22.58
CA THR C 160 3.62 -33.86 -22.13
C THR C 160 4.31 -32.54 -22.40
N GLU C 161 5.64 -32.53 -22.27
CA GLU C 161 6.42 -31.32 -22.51
C GLU C 161 6.24 -30.81 -23.94
N LEU C 162 5.96 -31.72 -24.87
CA LEU C 162 5.85 -31.31 -26.27
C LEU C 162 4.39 -31.30 -26.68
N ARG C 163 4.03 -30.42 -27.59
CA ARG C 163 2.62 -30.34 -27.94
C ARG C 163 2.18 -31.47 -28.86
N ASP C 164 3.13 -32.16 -29.48
CA ASP C 164 2.81 -33.24 -30.38
C ASP C 164 2.95 -34.61 -29.74
N LYS C 165 3.08 -34.67 -28.40
CA LYS C 165 3.20 -35.95 -27.73
C LYS C 165 2.10 -36.10 -26.68
N LYS C 166 1.73 -37.35 -26.40
CA LYS C 166 0.73 -37.65 -25.37
C LYS C 166 1.23 -38.77 -24.47
N GLN C 167 0.73 -38.82 -23.25
CA GLN C 167 1.08 -39.91 -22.35
C GLN C 167 -0.13 -40.50 -21.64
N LYS C 168 -0.06 -41.79 -21.36
CA LYS C 168 -1.11 -42.44 -20.59
C LYS C 168 -0.68 -42.49 -19.15
N VAL C 169 -1.48 -41.88 -18.30
CA VAL C 169 -1.17 -41.81 -16.88
C VAL C 169 -2.37 -42.23 -16.08
N TYR C 170 -2.16 -42.55 -14.81
CA TYR C 170 -3.32 -42.84 -13.99
C TYR C 170 -3.08 -42.35 -12.60
N SER C 171 -4.15 -42.20 -11.86
CA SER C 171 -4.11 -41.76 -10.48
C SER C 171 -5.31 -42.17 -9.67
N LEU C 172 -5.22 -42.02 -8.36
CA LEU C 172 -6.39 -42.32 -7.58
C LEU C 172 -7.14 -41.06 -7.26
N PHE C 173 -8.45 -41.19 -7.19
CA PHE C 173 -9.35 -40.11 -6.82
C PHE C 173 -10.37 -40.52 -5.80
N TYR C 174 -10.84 -39.54 -5.04
CA TYR C 174 -11.92 -39.78 -4.10
C TYR C 174 -13.25 -39.62 -4.80
N ARG C 175 -14.19 -40.47 -4.43
CA ARG C 175 -15.52 -40.52 -5.01
C ARG C 175 -16.22 -39.20 -5.06
N LEU C 176 -16.09 -38.40 -4.04
CA LEU C 176 -16.84 -37.16 -4.03
C LEU C 176 -16.49 -36.23 -5.16
N ASP C 177 -15.30 -36.34 -5.71
CA ASP C 177 -14.88 -35.44 -6.76
C ASP C 177 -15.04 -35.97 -8.18
N VAL C 178 -15.55 -37.18 -8.32
CA VAL C 178 -15.65 -37.82 -9.62
C VAL C 178 -17.11 -38.21 -9.92
N VAL C 179 -17.61 -37.79 -11.07
CA VAL C 179 -19.01 -38.04 -11.42
C VAL C 179 -19.22 -38.77 -12.73
N GLN C 180 -20.40 -39.36 -12.90
CA GLN C 180 -20.71 -40.04 -14.15
C GLN C 180 -20.87 -38.97 -15.23
N ILE C 181 -20.56 -39.31 -16.50
CA ILE C 181 -20.63 -38.40 -17.67
C ILE C 181 -22.06 -37.81 -17.78
N LYS C 194 -17.42 -47.41 -18.15
CA LYS C 194 -17.31 -46.75 -16.85
C LYS C 194 -16.44 -45.47 -16.97
N GLU C 195 -16.93 -44.49 -17.77
CA GLU C 195 -16.28 -43.19 -17.97
C GLU C 195 -16.79 -42.19 -16.95
N TYR C 196 -15.86 -41.37 -16.47
CA TYR C 196 -16.11 -40.35 -15.48
C TYR C 196 -15.53 -38.99 -15.80
N ARG C 197 -16.16 -38.00 -15.21
CA ARG C 197 -15.76 -36.62 -15.32
C ARG C 197 -15.40 -36.10 -13.94
N LEU C 198 -14.57 -35.08 -13.86
CA LEU C 198 -14.35 -34.45 -12.57
C LEU C 198 -15.52 -33.51 -12.33
N ILE C 199 -15.77 -33.15 -11.08
CA ILE C 199 -16.83 -32.18 -10.79
C ILE C 199 -16.62 -30.77 -11.39
N ASN C 200 -15.41 -30.48 -11.79
CA ASN C 200 -15.04 -29.23 -12.42
C ASN C 200 -15.39 -29.35 -13.90
N CYS C 201 -15.14 -28.30 -14.74
CA CYS C 201 -15.39 -28.27 -16.21
C CYS C 201 -16.86 -27.93 -16.46
N ASN C 202 -17.73 -28.58 -15.72
CA ASN C 202 -19.16 -28.32 -15.73
C ASN C 202 -19.48 -26.90 -15.19
N THR C 203 -18.59 -26.35 -14.33
CA THR C 203 -18.65 -25.06 -13.67
C THR C 203 -17.45 -24.23 -14.04
N SER C 204 -16.30 -24.50 -13.42
CA SER C 204 -15.12 -23.72 -13.72
C SER C 204 -13.82 -24.46 -13.77
N ALA C 205 -12.77 -23.68 -13.94
CA ALA C 205 -11.38 -24.12 -14.04
C ALA C 205 -10.82 -24.39 -12.67
N ILE C 206 -9.84 -25.26 -12.60
CA ILE C 206 -9.21 -25.54 -11.33
C ILE C 206 -7.73 -25.29 -11.34
N THR C 207 -7.27 -24.65 -10.27
CA THR C 207 -5.86 -24.33 -10.07
C THR C 207 -5.27 -25.22 -8.98
N GLN C 208 -4.11 -25.79 -9.23
CA GLN C 208 -3.49 -26.61 -8.21
C GLN C 208 -2.86 -25.75 -7.17
N ALA C 209 -3.11 -26.06 -5.92
CA ALA C 209 -2.45 -25.28 -4.90
C ALA C 209 -0.99 -25.58 -4.98
N CYS C 210 -0.11 -24.58 -4.79
CA CYS C 210 1.33 -24.77 -4.80
C CYS C 210 1.71 -25.56 -3.52
N PRO C 211 2.36 -26.73 -3.63
CA PRO C 211 2.70 -27.63 -2.54
C PRO C 211 3.75 -27.05 -1.61
N LYS C 212 4.40 -26.01 -2.09
CA LYS C 212 5.46 -25.35 -1.38
C LYS C 212 4.99 -24.29 -0.39
N VAL C 213 3.70 -23.95 -0.40
CA VAL C 213 3.25 -22.90 0.52
C VAL C 213 2.26 -23.46 1.52
N SER C 214 2.49 -23.11 2.77
CA SER C 214 1.63 -23.51 3.85
C SER C 214 0.41 -22.64 4.02
N PHE C 215 -0.71 -23.29 4.25
CA PHE C 215 -1.97 -22.63 4.52
C PHE C 215 -2.31 -22.75 5.97
N GLU C 216 -1.35 -23.15 6.77
CA GLU C 216 -1.60 -23.30 8.18
C GLU C 216 -1.80 -21.93 8.78
N PRO C 217 -2.71 -21.76 9.71
CA PRO C 217 -2.92 -20.52 10.38
C PRO C 217 -1.79 -20.25 11.31
N ILE C 218 -1.48 -18.99 11.49
CA ILE C 218 -0.54 -18.54 12.47
C ILE C 218 -1.34 -17.44 13.10
N PRO C 219 -1.10 -16.97 14.30
CA PRO C 219 -1.80 -15.84 14.82
C PRO C 219 -1.46 -14.64 14.00
N ILE C 220 -2.42 -13.79 13.72
CA ILE C 220 -2.13 -12.53 13.08
C ILE C 220 -2.74 -11.45 13.94
N HIS C 221 -2.13 -10.30 13.98
CA HIS C 221 -2.66 -9.25 14.82
C HIS C 221 -3.11 -8.12 13.94
N TYR C 222 -4.26 -7.56 14.25
CA TYR C 222 -4.68 -6.38 13.50
C TYR C 222 -4.30 -5.16 14.26
N CYS C 223 -3.61 -4.20 13.61
CA CYS C 223 -3.10 -2.98 14.25
C CYS C 223 -3.70 -1.73 13.62
N ALA C 224 -4.01 -0.76 14.47
CA ALA C 224 -4.59 0.50 14.02
C ALA C 224 -3.57 1.37 13.30
N PRO C 225 -3.97 2.13 12.29
CA PRO C 225 -3.18 3.13 11.62
C PRO C 225 -3.04 4.31 12.52
N ALA C 226 -2.03 5.11 12.31
CA ALA C 226 -1.89 6.29 13.14
C ALA C 226 -3.12 7.17 13.09
N GLY C 227 -3.53 7.65 14.26
CA GLY C 227 -4.68 8.54 14.39
C GLY C 227 -5.93 7.79 14.84
N PHE C 228 -5.84 6.48 14.82
CA PHE C 228 -6.91 5.59 15.23
C PHE C 228 -6.50 4.78 16.43
N ALA C 229 -7.46 4.23 17.12
CA ALA C 229 -7.16 3.41 18.28
C ALA C 229 -8.11 2.25 18.40
N ILE C 230 -7.69 1.15 19.02
CA ILE C 230 -8.60 0.05 19.19
C ILE C 230 -9.03 -0.03 20.64
N LEU C 231 -10.32 0.00 20.86
CA LEU C 231 -10.82 -0.09 22.21
C LEU C 231 -11.21 -1.50 22.48
N LYS C 232 -10.65 -2.06 23.51
CA LYS C 232 -10.88 -3.43 23.89
C LYS C 232 -11.78 -3.52 25.11
N CYS C 233 -12.84 -4.36 25.06
CA CYS C 233 -13.74 -4.57 26.20
C CYS C 233 -13.23 -5.73 27.04
N LYS C 234 -12.98 -5.42 28.30
CA LYS C 234 -12.44 -6.38 29.25
C LYS C 234 -13.52 -6.97 30.15
N ASP C 235 -14.77 -6.61 29.90
CA ASP C 235 -15.85 -7.13 30.70
C ASP C 235 -15.86 -8.62 30.57
N LYS C 236 -15.78 -9.29 31.70
CA LYS C 236 -15.71 -10.72 31.73
C LYS C 236 -16.86 -11.39 31.02
N LYS C 237 -18.05 -10.84 31.16
CA LYS C 237 -19.18 -11.53 30.57
C LYS C 237 -20.21 -10.63 29.93
N PHE C 238 -20.03 -10.27 28.68
CA PHE C 238 -21.06 -9.46 28.04
C PHE C 238 -21.48 -10.27 26.82
N ASN C 239 -22.71 -10.05 26.33
CA ASN C 239 -23.34 -10.85 25.26
C ASN C 239 -23.11 -10.31 23.84
N GLY C 240 -22.11 -9.43 23.66
CA GLY C 240 -21.69 -8.86 22.39
C GLY C 240 -22.21 -7.45 22.18
N THR C 241 -23.19 -7.02 22.95
CA THR C 241 -23.68 -5.67 22.74
C THR C 241 -23.87 -4.93 24.03
N GLY C 242 -23.94 -3.62 23.94
CA GLY C 242 -24.28 -2.82 25.08
C GLY C 242 -23.06 -2.16 25.67
N PRO C 243 -23.22 -1.43 26.76
CA PRO C 243 -22.18 -0.71 27.41
C PRO C 243 -21.21 -1.70 28.02
N CYS C 244 -19.94 -1.32 28.07
CA CYS C 244 -18.84 -2.04 28.66
C CYS C 244 -18.19 -1.05 29.60
N THR C 245 -18.04 -1.45 30.85
CA THR C 245 -17.48 -0.57 31.85
C THR C 245 -15.99 -0.74 32.19
N ASN C 246 -15.29 -1.69 31.53
CA ASN C 246 -13.87 -1.98 31.69
C ASN C 246 -13.25 -1.95 30.28
N VAL C 247 -12.78 -0.77 29.84
CA VAL C 247 -12.30 -0.55 28.46
C VAL C 247 -10.87 -0.13 28.47
N SER C 248 -10.06 -0.79 27.66
CA SER C 248 -8.66 -0.41 27.56
C SER C 248 -8.31 -0.11 26.12
N THR C 249 -7.25 0.64 25.92
CA THR C 249 -6.83 0.96 24.58
C THR C 249 -5.61 0.20 24.17
N VAL C 250 -5.64 -0.38 22.99
CA VAL C 250 -4.49 -1.11 22.50
C VAL C 250 -4.10 -0.66 21.11
N GLN C 251 -2.87 -0.97 20.72
CA GLN C 251 -2.49 -0.71 19.33
C GLN C 251 -2.84 -1.85 18.37
N CYS C 252 -2.82 -3.12 18.87
CA CYS C 252 -3.02 -4.34 18.11
C CYS C 252 -3.93 -5.30 18.85
N THR C 253 -4.58 -6.17 18.11
CA THR C 253 -5.40 -7.22 18.68
C THR C 253 -4.50 -8.30 19.27
N HIS C 254 -5.07 -9.25 20.02
CA HIS C 254 -4.31 -10.28 20.72
C HIS C 254 -3.66 -11.36 19.87
N GLY C 255 -4.07 -11.48 18.65
CA GLY C 255 -3.54 -12.50 17.76
C GLY C 255 -4.57 -13.56 17.52
N ILE C 256 -5.12 -13.53 16.34
CA ILE C 256 -6.17 -14.42 15.93
C ILE C 256 -5.70 -15.40 14.92
N LYS C 257 -5.91 -16.67 15.17
CA LYS C 257 -5.53 -17.65 14.18
C LYS C 257 -6.68 -17.75 13.19
N PRO C 258 -6.49 -17.53 11.89
CA PRO C 258 -7.52 -17.58 10.88
C PRO C 258 -7.87 -19.00 10.54
N VAL C 259 -8.43 -19.70 11.51
CA VAL C 259 -8.80 -21.08 11.35
C VAL C 259 -10.11 -21.14 10.63
N VAL C 260 -10.20 -21.95 9.60
CA VAL C 260 -11.43 -22.07 8.86
C VAL C 260 -12.06 -23.42 9.10
N SER C 261 -13.29 -23.38 9.59
CA SER C 261 -14.06 -24.56 9.89
C SER C 261 -15.53 -24.25 9.87
N THR C 262 -16.34 -25.29 9.92
CA THR C 262 -17.78 -25.10 10.03
C THR C 262 -18.33 -25.82 11.23
N GLN C 263 -19.47 -25.36 11.73
CA GLN C 263 -20.21 -25.96 12.86
C GLN C 263 -19.47 -25.93 14.20
N LEU C 264 -18.29 -26.49 14.27
CA LEU C 264 -17.49 -26.44 15.47
C LEU C 264 -16.33 -25.50 15.22
N LEU C 265 -16.12 -24.60 16.17
CA LEU C 265 -15.07 -23.61 16.12
C LEU C 265 -13.89 -24.17 16.85
N LEU C 266 -12.78 -24.27 16.15
CA LEU C 266 -11.59 -24.84 16.73
C LEU C 266 -10.53 -23.78 17.00
N ASN C 267 -9.71 -24.02 18.05
CA ASN C 267 -8.50 -23.29 18.46
C ASN C 267 -8.72 -21.78 18.69
N GLY C 268 -9.87 -21.38 19.27
CA GLY C 268 -10.20 -19.99 19.59
C GLY C 268 -9.89 -19.65 21.04
N SER C 269 -10.39 -18.52 21.47
CA SER C 269 -10.18 -18.07 22.83
C SER C 269 -11.38 -18.44 23.70
N LEU C 270 -11.12 -19.16 24.78
CA LEU C 270 -12.13 -19.63 25.71
C LEU C 270 -12.61 -18.55 26.63
N ALA C 271 -13.85 -18.67 27.07
CA ALA C 271 -14.38 -17.74 28.05
C ALA C 271 -13.62 -17.99 29.34
N GLU C 272 -13.29 -16.96 30.10
CA GLU C 272 -12.61 -17.28 31.35
C GLU C 272 -13.56 -17.80 32.42
N GLU C 273 -14.85 -17.52 32.26
CA GLU C 273 -15.81 -18.00 33.23
C GLU C 273 -17.17 -18.23 32.58
N GLU C 274 -17.71 -19.42 32.83
CA GLU C 274 -18.99 -19.89 32.33
C GLU C 274 -19.05 -19.97 30.81
N VAL C 275 -20.15 -20.47 30.31
CA VAL C 275 -20.39 -20.53 28.89
C VAL C 275 -21.14 -19.30 28.47
N ILE C 276 -20.69 -18.64 27.43
CA ILE C 276 -21.35 -17.42 27.04
C ILE C 276 -22.07 -17.60 25.73
N ILE C 277 -23.36 -17.32 25.72
CA ILE C 277 -24.13 -17.48 24.50
C ILE C 277 -24.44 -16.14 23.90
N ARG C 278 -24.04 -15.94 22.64
CA ARG C 278 -24.27 -14.65 22.02
C ARG C 278 -25.02 -14.79 20.70
N SER C 279 -25.96 -13.91 20.43
CA SER C 279 -26.67 -13.93 19.16
C SER C 279 -27.13 -12.52 18.86
N GLU C 280 -27.33 -12.19 17.60
CA GLU C 280 -27.78 -10.82 17.28
C GLU C 280 -29.16 -10.50 17.85
N ASN C 281 -30.09 -11.46 17.73
CA ASN C 281 -31.48 -11.44 18.16
C ASN C 281 -31.85 -12.88 18.53
N ILE C 282 -31.86 -13.20 19.84
CA ILE C 282 -32.08 -14.56 20.36
C ILE C 282 -33.45 -15.16 20.06
N THR C 283 -34.45 -14.32 19.82
CA THR C 283 -35.77 -14.80 19.52
C THR C 283 -36.03 -14.91 18.03
N ASN C 284 -35.05 -14.56 17.21
CA ASN C 284 -35.20 -14.62 15.77
C ASN C 284 -34.54 -15.88 15.24
N ASN C 285 -35.32 -16.82 14.74
CA ASN C 285 -34.77 -18.11 14.33
C ASN C 285 -33.90 -18.01 13.08
N ALA C 286 -33.88 -16.85 12.45
CA ALA C 286 -33.06 -16.64 11.28
C ALA C 286 -31.62 -16.32 11.65
N LYS C 287 -31.33 -16.12 12.92
CA LYS C 287 -29.98 -15.75 13.32
C LYS C 287 -29.25 -16.92 13.96
N ASN C 288 -27.93 -16.93 13.85
CA ASN C 288 -27.14 -18.00 14.47
C ASN C 288 -26.76 -17.64 15.89
N ILE C 289 -26.53 -18.67 16.68
CA ILE C 289 -26.07 -18.54 18.04
C ILE C 289 -24.63 -18.97 18.16
N LEU C 290 -23.80 -18.09 18.69
CA LEU C 290 -22.40 -18.41 18.86
C LEU C 290 -22.17 -18.75 20.32
N VAL C 291 -21.70 -19.97 20.57
CA VAL C 291 -21.51 -20.37 21.94
C VAL C 291 -20.05 -20.50 22.28
N GLN C 292 -19.59 -19.71 23.24
CA GLN C 292 -18.19 -19.73 23.66
C GLN C 292 -18.03 -20.54 24.92
N LEU C 293 -17.23 -21.58 24.85
CA LEU C 293 -17.04 -22.48 25.97
C LEU C 293 -15.94 -21.94 26.86
N ASN C 294 -15.92 -22.30 28.18
CA ASN C 294 -14.82 -21.96 29.10
C ASN C 294 -13.80 -23.11 29.28
N GLU C 295 -14.01 -24.28 28.61
CA GLU C 295 -13.16 -25.47 28.64
C GLU C 295 -13.06 -25.97 27.23
N SER C 296 -11.90 -26.47 26.84
CA SER C 296 -11.78 -27.03 25.51
C SER C 296 -12.21 -28.47 25.49
N VAL C 297 -12.76 -28.89 24.37
CA VAL C 297 -13.02 -30.31 24.20
C VAL C 297 -11.98 -30.79 23.23
N GLN C 298 -11.18 -31.75 23.62
CA GLN C 298 -10.12 -32.14 22.73
C GLN C 298 -10.63 -33.11 21.69
N ILE C 299 -10.31 -32.87 20.42
CA ILE C 299 -10.71 -33.78 19.33
C ILE C 299 -9.50 -34.29 18.49
N ASN C 300 -9.39 -35.64 18.33
CA ASN C 300 -8.34 -36.33 17.57
C ASN C 300 -8.85 -36.66 16.16
N CYS C 301 -8.32 -35.99 15.11
CA CYS C 301 -8.75 -36.18 13.71
C CYS C 301 -7.64 -36.92 12.99
N THR C 302 -8.03 -37.86 12.13
CA THR C 302 -7.02 -38.59 11.38
C THR C 302 -7.44 -39.21 10.05
N ARG C 303 -6.44 -39.40 9.21
CA ARG C 303 -6.52 -40.07 7.92
C ARG C 303 -5.44 -41.13 7.99
N PRO C 304 -5.76 -42.34 8.48
CA PRO C 304 -4.85 -43.40 8.82
C PRO C 304 -4.11 -44.06 7.66
N ASN C 305 -4.61 -43.90 6.44
CA ASN C 305 -4.00 -44.55 5.29
C ASN C 305 -2.66 -43.90 4.95
N ASN C 306 -1.62 -44.72 4.70
CA ASN C 306 -0.28 -44.28 4.32
C ASN C 306 -0.23 -44.12 2.80
N ASN C 307 -0.34 -42.85 2.32
CA ASN C 307 -0.44 -42.51 0.90
C ASN C 307 0.87 -42.06 0.31
N THR C 308 1.01 -42.27 -1.00
CA THR C 308 2.16 -41.79 -1.73
C THR C 308 1.72 -40.76 -2.75
N ARG C 309 2.67 -39.99 -3.25
CA ARG C 309 2.38 -38.95 -4.21
C ARG C 309 3.11 -39.18 -5.52
N LYS C 310 2.34 -39.18 -6.59
CA LYS C 310 2.86 -39.45 -7.91
C LYS C 310 3.00 -38.16 -8.70
N SER C 311 4.23 -37.75 -8.92
CA SER C 311 4.44 -36.47 -9.60
C SER C 311 4.51 -36.64 -11.11
N ILE C 312 3.57 -36.00 -11.79
CA ILE C 312 3.45 -36.12 -13.23
C ILE C 312 3.78 -34.83 -13.94
N ARG C 313 4.72 -34.89 -14.88
CA ARG C 313 5.04 -33.67 -15.61
C ARG C 313 3.99 -33.55 -16.70
N ILE C 314 3.33 -32.41 -16.78
CA ILE C 314 2.26 -32.21 -17.76
C ILE C 314 2.60 -31.15 -18.81
N GLY C 315 3.69 -30.43 -18.56
CA GLY C 315 4.10 -29.40 -19.50
C GLY C 315 5.47 -28.83 -19.12
N PRO C 316 5.90 -27.73 -19.72
CA PRO C 316 7.20 -27.11 -19.57
C PRO C 316 7.39 -26.49 -18.19
N GLY C 317 7.72 -27.37 -17.24
CA GLY C 317 7.91 -27.01 -15.84
C GLY C 317 6.59 -27.05 -15.09
N GLN C 318 5.61 -27.64 -15.73
CA GLN C 318 4.29 -27.73 -15.18
C GLN C 318 4.06 -29.10 -14.59
N TRP C 319 3.83 -29.15 -13.30
CA TRP C 319 3.65 -30.42 -12.64
C TRP C 319 2.30 -30.60 -11.98
N PHE C 320 1.82 -31.81 -12.07
CA PHE C 320 0.60 -32.25 -11.44
C PHE C 320 0.88 -33.25 -10.35
N TYR C 321 0.32 -33.04 -9.18
CA TYR C 321 0.58 -33.96 -8.11
C TYR C 321 -0.61 -34.84 -7.85
N ALA C 322 -0.47 -36.09 -8.21
CA ALA C 322 -1.54 -37.05 -8.15
C ALA C 322 -1.46 -37.96 -6.96
N THR C 323 -2.59 -38.46 -6.53
CA THR C 323 -2.53 -39.49 -5.51
C THR C 323 -1.93 -40.69 -6.21
N GLY C 324 -0.91 -41.27 -5.61
CA GLY C 324 -0.22 -42.40 -6.20
C GLY C 324 -0.85 -43.71 -5.84
N ASP C 325 -0.50 -44.24 -4.70
CA ASP C 325 -1.10 -45.47 -4.25
C ASP C 325 -1.09 -45.52 -2.73
N ILE C 326 -1.62 -46.61 -2.18
CA ILE C 326 -1.65 -46.76 -0.74
C ILE C 326 -0.76 -47.92 -0.34
N ILE C 327 0.17 -47.65 0.55
CA ILE C 327 1.15 -48.63 1.00
C ILE C 327 0.56 -49.69 1.90
N GLY C 328 -0.33 -49.29 2.78
CA GLY C 328 -0.94 -50.21 3.70
C GLY C 328 -2.33 -50.54 3.23
N ASP C 329 -3.20 -50.83 4.16
CA ASP C 329 -4.57 -51.16 3.83
C ASP C 329 -5.39 -49.88 3.77
N ILE C 330 -6.68 -50.01 3.45
CA ILE C 330 -7.53 -48.84 3.35
C ILE C 330 -8.55 -48.79 4.49
N ARG C 331 -8.43 -47.76 5.30
CA ARG C 331 -9.25 -47.54 6.48
C ARG C 331 -9.91 -46.17 6.41
N GLN C 332 -11.04 -46.01 7.07
CA GLN C 332 -11.77 -44.76 7.00
C GLN C 332 -11.23 -43.68 7.91
N ALA C 333 -11.19 -42.45 7.37
CA ALA C 333 -10.80 -41.27 8.11
C ALA C 333 -11.85 -41.02 9.17
N HIS C 334 -11.42 -40.49 10.30
CA HIS C 334 -12.33 -40.28 11.40
C HIS C 334 -11.88 -39.26 12.41
N CYS C 335 -12.76 -38.91 13.34
CA CYS C 335 -12.36 -38.05 14.43
C CYS C 335 -12.96 -38.55 15.77
N ASN C 336 -12.19 -38.46 16.88
CA ASN C 336 -12.55 -38.96 18.22
C ASN C 336 -12.68 -37.84 19.28
N VAL C 337 -13.86 -37.81 19.95
CA VAL C 337 -14.24 -36.88 21.04
C VAL C 337 -14.56 -37.65 22.33
N SER C 338 -13.97 -37.30 23.46
CA SER C 338 -14.24 -38.04 24.71
C SER C 338 -15.70 -37.95 25.12
N LYS C 339 -16.29 -39.05 25.59
CA LYS C 339 -17.70 -39.00 25.95
C LYS C 339 -18.02 -38.17 27.15
N ALA C 340 -17.22 -38.27 28.20
CA ALA C 340 -17.57 -37.53 29.39
C ALA C 340 -17.45 -36.05 29.14
N THR C 341 -16.43 -35.66 28.40
CA THR C 341 -16.21 -34.27 28.18
C THR C 341 -17.35 -33.71 27.36
N TRP C 342 -17.72 -34.39 26.29
CA TRP C 342 -18.76 -33.86 25.47
C TRP C 342 -20.07 -33.80 26.22
N ASN C 343 -20.42 -34.85 26.95
CA ASN C 343 -21.70 -34.85 27.65
C ASN C 343 -21.79 -33.71 28.64
N GLU C 344 -20.71 -33.46 29.38
CA GLU C 344 -20.77 -32.39 30.36
C GLU C 344 -20.75 -31.04 29.68
N THR C 345 -19.99 -30.93 28.58
CA THR C 345 -19.88 -29.67 27.87
C THR C 345 -21.23 -29.29 27.34
N LEU C 346 -21.93 -30.27 26.80
CA LEU C 346 -23.21 -29.95 26.25
C LEU C 346 -24.14 -29.57 27.36
N GLY C 347 -24.09 -30.24 28.50
CA GLY C 347 -24.97 -29.89 29.59
C GLY C 347 -24.76 -28.44 30.03
N LYS C 348 -23.51 -27.95 29.99
CA LYS C 348 -23.23 -26.56 30.38
C LYS C 348 -23.94 -25.60 29.42
N VAL C 349 -23.95 -25.96 28.14
CA VAL C 349 -24.59 -25.14 27.15
C VAL C 349 -26.08 -25.12 27.42
N VAL C 350 -26.63 -26.28 27.75
CA VAL C 350 -28.05 -26.40 28.01
C VAL C 350 -28.45 -25.53 29.16
N LYS C 351 -27.67 -25.54 30.23
CA LYS C 351 -27.98 -24.72 31.38
C LYS C 351 -28.08 -23.25 31.00
N GLN C 352 -27.14 -22.78 30.20
CA GLN C 352 -27.17 -21.39 29.80
C GLN C 352 -28.32 -21.14 28.82
N LEU C 353 -28.68 -22.11 28.01
CA LEU C 353 -29.83 -21.88 27.14
C LEU C 353 -31.10 -21.74 27.98
N ARG C 354 -31.26 -22.54 29.04
CA ARG C 354 -32.47 -22.46 29.88
C ARG C 354 -32.61 -21.07 30.45
N LYS C 355 -31.49 -20.46 30.75
CA LYS C 355 -31.48 -19.11 31.27
C LYS C 355 -32.29 -18.17 30.37
N HIS C 356 -32.30 -18.42 29.05
CA HIS C 356 -33.03 -17.57 28.13
C HIS C 356 -34.35 -18.18 27.67
N PHE C 357 -34.45 -19.52 27.69
CA PHE C 357 -35.65 -20.17 27.17
C PHE C 357 -36.63 -20.77 28.18
N GLY C 358 -36.32 -20.74 29.46
CA GLY C 358 -37.20 -21.22 30.51
C GLY C 358 -36.56 -22.34 31.31
N ASN C 359 -36.88 -22.40 32.59
CA ASN C 359 -36.28 -23.43 33.43
C ASN C 359 -37.13 -24.68 33.49
N ASN C 360 -38.25 -24.65 32.79
CA ASN C 360 -39.19 -25.75 32.71
C ASN C 360 -39.43 -26.20 31.26
N THR C 361 -38.48 -25.91 30.39
CA THR C 361 -38.59 -26.25 28.97
C THR C 361 -37.81 -27.50 28.62
N ILE C 362 -37.91 -27.91 27.38
CA ILE C 362 -37.14 -29.05 26.93
C ILE C 362 -36.22 -28.66 25.79
N ILE C 363 -34.96 -29.03 25.96
CA ILE C 363 -33.96 -28.72 24.95
C ILE C 363 -33.46 -29.91 24.18
N ARG C 364 -33.58 -29.82 22.87
CA ARG C 364 -33.16 -30.89 21.98
C ARG C 364 -32.04 -30.54 21.06
N PHE C 365 -31.15 -31.49 20.87
CA PHE C 365 -30.07 -31.36 19.92
C PHE C 365 -30.22 -32.36 18.82
N ALA C 366 -30.37 -31.84 17.63
CA ALA C 366 -30.59 -32.58 16.41
C ALA C 366 -29.50 -32.30 15.41
N ASN C 367 -29.42 -33.12 14.36
CA ASN C 367 -28.38 -32.90 13.38
C ASN C 367 -28.74 -31.83 12.39
N SER C 368 -27.80 -31.58 11.51
CA SER C 368 -27.93 -30.59 10.46
C SER C 368 -28.83 -31.10 9.34
N SER C 369 -29.30 -30.17 8.47
CA SER C 369 -30.15 -30.45 7.31
C SER C 369 -29.43 -31.32 6.28
N LEU C 373 -23.12 -30.19 1.63
CA LEU C 373 -22.01 -30.88 2.28
C LEU C 373 -21.21 -29.90 3.17
N GLU C 374 -20.72 -28.78 2.60
CA GLU C 374 -19.86 -27.78 3.27
C GLU C 374 -20.46 -27.18 4.53
N VAL C 375 -21.78 -27.08 4.60
CA VAL C 375 -22.42 -26.54 5.78
C VAL C 375 -23.24 -27.61 6.52
N THR C 376 -23.11 -28.86 6.09
CA THR C 376 -23.87 -29.95 6.67
C THR C 376 -22.97 -30.76 7.58
N THR C 377 -21.72 -30.91 7.16
CA THR C 377 -20.71 -31.62 7.91
C THR C 377 -19.71 -30.66 8.54
N HIS C 378 -18.87 -31.19 9.40
CA HIS C 378 -17.85 -30.39 10.07
C HIS C 378 -16.63 -30.31 9.21
N SER C 379 -16.44 -29.15 8.58
CA SER C 379 -15.32 -28.99 7.69
C SER C 379 -14.13 -28.45 8.42
N PHE C 380 -12.97 -28.99 8.10
CA PHE C 380 -11.70 -28.48 8.63
C PHE C 380 -10.51 -28.90 7.79
N ASN C 381 -9.39 -28.24 8.00
CA ASN C 381 -8.14 -28.56 7.32
C ASN C 381 -7.10 -29.09 8.34
N CYS C 382 -6.81 -30.40 8.30
CA CYS C 382 -5.95 -31.13 9.25
C CYS C 382 -4.71 -31.66 8.55
N GLY C 383 -3.56 -31.07 8.88
CA GLY C 383 -2.30 -31.49 8.29
C GLY C 383 -2.11 -30.98 6.88
N GLY C 384 -3.05 -30.18 6.44
CA GLY C 384 -3.07 -29.66 5.08
C GLY C 384 -4.08 -30.40 4.20
N GLU C 385 -4.81 -31.37 4.75
CA GLU C 385 -5.80 -32.08 3.97
C GLU C 385 -7.22 -31.75 4.44
N PHE C 386 -8.14 -31.68 3.50
CA PHE C 386 -9.50 -31.30 3.85
C PHE C 386 -10.41 -32.44 4.27
N PHE C 387 -11.05 -32.24 5.41
CA PHE C 387 -11.98 -33.19 6.00
C PHE C 387 -13.38 -32.64 6.07
N TYR C 388 -14.35 -33.53 5.86
CA TYR C 388 -15.79 -33.27 6.00
C TYR C 388 -16.39 -34.34 6.90
N CYS C 389 -16.36 -34.10 8.23
CA CYS C 389 -16.72 -35.10 9.25
C CYS C 389 -18.18 -35.03 9.66
N ASN C 390 -18.73 -36.18 9.93
CA ASN C 390 -20.10 -36.25 10.41
C ASN C 390 -20.13 -35.78 11.86
N THR C 391 -21.20 -35.05 12.26
CA THR C 391 -21.43 -34.62 13.64
C THR C 391 -22.55 -35.41 14.24
N SER C 392 -23.12 -36.33 13.48
CA SER C 392 -24.19 -37.08 14.06
C SER C 392 -23.62 -37.82 15.24
N GLY C 393 -24.36 -37.80 16.32
CA GLY C 393 -23.97 -38.44 17.54
C GLY C 393 -23.46 -37.43 18.56
N LEU C 394 -23.10 -36.23 18.11
CA LEU C 394 -22.69 -35.17 19.03
C LEU C 394 -23.91 -34.38 19.41
N PHE C 395 -24.88 -34.35 18.50
CA PHE C 395 -26.11 -33.60 18.66
C PHE C 395 -27.21 -34.61 18.52
N ASN C 396 -27.37 -35.39 19.58
CA ASN C 396 -28.25 -36.53 19.58
C ASN C 396 -28.84 -36.69 20.96
N SER C 397 -29.47 -35.65 21.48
CA SER C 397 -30.00 -35.76 22.84
C SER C 397 -31.14 -34.84 23.20
N THR C 398 -31.87 -35.22 24.26
CA THR C 398 -32.95 -34.39 24.78
C THR C 398 -32.68 -34.14 26.26
N TRP C 399 -32.70 -32.89 26.65
CA TRP C 399 -32.43 -32.47 28.01
C TRP C 399 -33.69 -31.97 28.72
N ILE C 400 -34.12 -32.72 29.72
CA ILE C 400 -35.37 -32.41 30.43
C ILE C 400 -35.11 -32.08 31.91
N SER C 401 -35.61 -30.91 32.38
CA SER C 401 -35.51 -30.40 33.76
C SER C 401 -34.10 -30.56 34.36
N ASP C 415 -15.80 -45.06 25.95
CA ASP C 415 -14.99 -43.95 26.45
C ASP C 415 -15.05 -42.70 25.55
N SER C 416 -15.13 -42.89 24.20
CA SER C 416 -15.15 -41.82 23.18
C SER C 416 -16.11 -42.12 22.05
N ILE C 417 -16.49 -41.06 21.36
CA ILE C 417 -17.35 -41.16 20.20
C ILE C 417 -16.55 -40.94 18.94
N THR C 418 -16.76 -41.82 17.99
CA THR C 418 -16.07 -41.72 16.73
C THR C 418 -16.98 -41.15 15.69
N LEU C 419 -16.47 -40.19 14.98
CA LEU C 419 -17.14 -39.52 13.91
C LEU C 419 -16.50 -39.97 12.60
N PRO C 420 -17.23 -40.57 11.66
CA PRO C 420 -16.67 -40.99 10.39
C PRO C 420 -16.41 -39.72 9.65
N CYS C 421 -15.37 -39.68 8.78
CA CYS C 421 -15.05 -38.51 7.94
C CYS C 421 -14.86 -38.86 6.47
N ARG C 422 -15.25 -37.92 5.62
CA ARG C 422 -15.01 -38.02 4.19
C ARG C 422 -13.97 -37.00 3.78
N ILE C 423 -13.28 -37.29 2.69
CA ILE C 423 -12.27 -36.39 2.17
C ILE C 423 -12.49 -35.99 0.73
N LYS C 424 -12.35 -34.70 0.46
CA LYS C 424 -12.47 -34.18 -0.89
C LYS C 424 -11.12 -33.69 -1.25
N GLN C 425 -10.79 -33.69 -2.53
CA GLN C 425 -9.53 -33.15 -2.95
C GLN C 425 -9.77 -31.82 -3.67
N ILE C 426 -10.92 -31.73 -4.31
CA ILE C 426 -11.28 -30.51 -5.02
C ILE C 426 -12.09 -29.64 -4.12
N ILE C 427 -11.54 -28.49 -3.82
CA ILE C 427 -12.13 -27.61 -2.86
C ILE C 427 -12.53 -26.27 -3.41
N ASN C 428 -13.77 -25.86 -3.20
CA ASN C 428 -14.15 -24.52 -3.57
C ASN C 428 -14.25 -23.82 -2.23
N MET C 429 -14.09 -22.52 -2.17
CA MET C 429 -14.18 -21.87 -0.87
C MET C 429 -15.02 -20.62 -0.86
N TRP C 430 -15.56 -20.35 0.32
CA TRP C 430 -16.34 -19.18 0.61
C TRP C 430 -17.55 -19.04 -0.26
N GLN C 431 -18.16 -20.18 -0.57
CA GLN C 431 -19.37 -20.27 -1.36
C GLN C 431 -19.23 -19.75 -2.77
N ARG C 432 -18.01 -19.62 -3.27
CA ARG C 432 -17.85 -19.19 -4.62
C ARG C 432 -17.92 -20.41 -5.52
N ILE C 433 -18.49 -20.20 -6.70
CA ILE C 433 -18.62 -21.25 -7.70
C ILE C 433 -17.59 -21.16 -8.81
N GLY C 434 -17.23 -19.95 -9.20
CA GLY C 434 -16.38 -19.68 -10.36
C GLY C 434 -14.91 -20.04 -10.20
N GLN C 435 -14.50 -20.45 -9.01
CA GLN C 435 -13.12 -20.82 -8.73
C GLN C 435 -13.06 -22.16 -8.03
N ALA C 436 -11.96 -22.88 -8.22
CA ALA C 436 -11.73 -24.12 -7.50
C ALA C 436 -10.25 -24.35 -7.32
N MET C 437 -9.91 -25.04 -6.25
CA MET C 437 -8.54 -25.37 -5.93
C MET C 437 -8.32 -26.87 -5.85
N TYR C 438 -7.21 -27.35 -6.37
CA TYR C 438 -6.90 -28.75 -6.22
C TYR C 438 -5.92 -28.91 -5.13
N ALA C 439 -6.29 -29.62 -4.09
CA ALA C 439 -5.39 -29.80 -2.98
C ALA C 439 -4.53 -31.01 -3.29
N PRO C 440 -3.22 -30.88 -3.47
CA PRO C 440 -2.38 -31.98 -3.83
C PRO C 440 -2.40 -32.84 -2.62
N PRO C 441 -2.17 -34.13 -2.74
CA PRO C 441 -2.14 -35.09 -1.67
C PRO C 441 -0.88 -34.88 -0.91
N ILE C 442 -0.87 -35.37 0.32
CA ILE C 442 0.33 -35.34 1.11
C ILE C 442 0.66 -36.75 1.50
N GLN C 443 1.95 -37.03 1.55
CA GLN C 443 2.38 -38.38 1.82
C GLN C 443 2.38 -38.71 3.28
N GLY C 444 2.26 -39.99 3.56
CA GLY C 444 2.31 -40.41 4.95
C GLY C 444 0.92 -40.49 5.51
N VAL C 445 0.85 -40.40 6.84
CA VAL C 445 -0.37 -40.58 7.61
C VAL C 445 -0.68 -39.29 8.37
N ILE C 446 -1.94 -38.87 8.37
CA ILE C 446 -2.33 -37.62 9.01
C ILE C 446 -3.01 -37.76 10.32
N ARG C 447 -2.50 -37.07 11.32
CA ARG C 447 -3.18 -36.98 12.59
C ARG C 447 -2.96 -35.56 13.11
N CYS C 448 -3.98 -34.97 13.75
CA CYS C 448 -3.89 -33.68 14.42
C CYS C 448 -4.84 -33.72 15.60
N VAL C 449 -4.60 -32.83 16.53
CA VAL C 449 -5.46 -32.73 17.68
C VAL C 449 -5.86 -31.29 17.83
N SER C 450 -7.14 -31.04 17.88
CA SER C 450 -7.60 -29.66 18.01
C SER C 450 -8.40 -29.46 19.28
N ASN C 451 -8.53 -28.18 19.70
CA ASN C 451 -9.32 -27.75 20.86
C ASN C 451 -10.65 -27.15 20.37
N ILE C 452 -11.81 -27.78 20.70
CA ILE C 452 -13.11 -27.23 20.31
C ILE C 452 -13.38 -26.16 21.34
N THR C 453 -13.53 -24.93 20.87
CA THR C 453 -13.68 -23.80 21.76
C THR C 453 -15.04 -23.17 21.68
N GLY C 454 -15.79 -23.49 20.63
CA GLY C 454 -17.13 -22.93 20.52
C GLY C 454 -17.96 -23.62 19.48
N LEU C 455 -19.25 -23.36 19.53
CA LEU C 455 -20.20 -23.99 18.64
C LEU C 455 -21.01 -22.97 17.85
N ILE C 456 -21.45 -23.34 16.65
CA ILE C 456 -22.44 -22.48 15.98
C ILE C 456 -23.74 -23.24 15.93
N LEU C 457 -24.74 -22.72 16.63
CA LEU C 457 -26.04 -23.40 16.71
C LEU C 457 -27.18 -22.57 16.15
N THR C 458 -28.21 -23.23 15.67
CA THR C 458 -29.39 -22.53 15.17
C THR C 458 -30.63 -23.09 15.85
N ARG C 459 -31.77 -22.41 15.71
CA ARG C 459 -33.05 -22.88 16.26
C ARG C 459 -34.08 -23.13 15.17
N ASP C 460 -34.94 -24.17 15.35
CA ASP C 460 -36.06 -24.50 14.45
C ASP C 460 -37.12 -23.41 14.56
N ASN C 465 -45.44 -21.85 20.28
CA ASN C 465 -46.52 -22.58 20.93
C ASN C 465 -45.98 -23.72 21.83
N SER C 466 -45.04 -24.51 21.29
CA SER C 466 -44.37 -25.65 21.92
C SER C 466 -43.42 -25.28 23.05
N THR C 467 -43.34 -26.15 24.05
CA THR C 467 -42.43 -25.95 25.17
C THR C 467 -41.12 -26.67 24.93
N THR C 468 -41.01 -27.36 23.79
CA THR C 468 -39.80 -28.08 23.44
C THR C 468 -39.14 -27.39 22.25
N GLU C 469 -37.86 -27.08 22.42
CA GLU C 469 -37.10 -26.35 21.41
C GLU C 469 -35.91 -27.13 20.88
N THR C 470 -35.80 -27.23 19.55
CA THR C 470 -34.70 -27.94 18.92
C THR C 470 -33.65 -27.02 18.34
N PHE C 471 -32.41 -27.34 18.69
CA PHE C 471 -31.22 -26.65 18.25
C PHE C 471 -30.43 -27.55 17.31
N ARG C 472 -29.79 -26.94 16.31
CA ARG C 472 -29.00 -27.70 15.34
C ARG C 472 -27.67 -27.02 15.06
N PRO C 473 -26.63 -27.74 14.63
CA PRO C 473 -25.40 -27.18 14.14
C PRO C 473 -25.66 -26.37 12.90
N GLY C 474 -24.87 -25.34 12.68
CA GLY C 474 -25.02 -24.54 11.47
C GLY C 474 -23.81 -23.65 11.17
N GLY C 475 -23.97 -22.69 10.22
CA GLY C 475 -22.94 -21.76 9.78
C GLY C 475 -21.85 -22.44 8.94
N MET C 478 -20.15 -18.18 7.89
CA MET C 478 -18.96 -17.86 7.10
C MET C 478 -18.03 -16.92 7.87
N ARG C 479 -18.59 -15.77 8.34
CA ARG C 479 -17.89 -14.71 9.07
C ARG C 479 -18.01 -14.92 10.55
N ASP C 480 -18.80 -15.90 10.94
CA ASP C 480 -19.05 -16.20 12.33
C ASP C 480 -17.78 -16.65 13.00
N ASN C 481 -16.89 -17.26 12.23
CA ASN C 481 -15.64 -17.74 12.74
C ASN C 481 -14.75 -16.62 13.20
N TRP C 482 -14.93 -15.43 12.66
CA TRP C 482 -14.08 -14.33 13.01
C TRP C 482 -14.80 -13.39 13.93
N ARG C 483 -16.11 -13.33 13.78
CA ARG C 483 -16.90 -12.49 14.63
C ARG C 483 -16.74 -12.92 16.06
N SER C 484 -16.60 -14.23 16.27
CA SER C 484 -16.44 -14.84 17.58
C SER C 484 -15.10 -14.50 18.26
N GLU C 485 -14.12 -13.98 17.53
CA GLU C 485 -12.83 -13.60 18.10
C GLU C 485 -12.70 -12.09 18.25
N LEU C 486 -13.31 -11.36 17.34
CA LEU C 486 -13.23 -9.90 17.29
C LEU C 486 -14.29 -9.19 18.11
N TYR C 487 -15.06 -9.93 18.86
CA TYR C 487 -16.12 -9.37 19.69
C TYR C 487 -15.66 -8.40 20.74
N LYS C 488 -14.42 -8.47 21.16
CA LYS C 488 -13.96 -7.57 22.17
C LYS C 488 -13.45 -6.27 21.62
N TYR C 489 -13.39 -6.11 20.31
CA TYR C 489 -12.76 -4.90 19.81
C TYR C 489 -13.65 -3.94 19.05
N LYS C 490 -13.34 -2.67 19.20
CA LYS C 490 -13.99 -1.61 18.45
C LYS C 490 -12.94 -0.64 17.92
N VAL C 491 -13.11 -0.12 16.72
CA VAL C 491 -12.14 0.86 16.22
C VAL C 491 -12.69 2.26 16.25
N VAL C 492 -11.93 3.17 16.83
CA VAL C 492 -12.38 4.54 16.89
C VAL C 492 -11.34 5.49 16.32
N LYS C 493 -11.80 6.67 15.94
CA LYS C 493 -10.97 7.73 15.38
C LYS C 493 -10.72 8.83 16.38
N ILE C 494 -9.48 9.23 16.52
CA ILE C 494 -9.15 10.28 17.46
C ILE C 494 -9.46 11.63 16.87
N GLU C 495 -10.12 12.47 17.65
CA GLU C 495 -10.50 13.82 17.27
C GLU C 495 -9.86 14.83 18.22
N PRO C 496 -8.60 15.21 18.01
CA PRO C 496 -7.77 15.99 18.92
C PRO C 496 -8.15 17.44 19.14
N LEU C 497 -9.00 18.05 18.30
CA LEU C 497 -9.35 19.44 18.56
C LEU C 497 -10.67 19.61 19.25
N GLY C 498 -10.71 20.60 20.11
CA GLY C 498 -11.96 20.97 20.73
C GLY C 498 -11.83 22.29 21.40
N VAL C 499 -12.95 22.84 21.82
CA VAL C 499 -12.96 24.14 22.45
C VAL C 499 -13.73 24.08 23.73
N ALA C 500 -13.49 25.05 24.59
CA ALA C 500 -14.23 25.18 25.83
C ALA C 500 -14.11 26.62 26.33
N PRO C 501 -15.05 27.14 27.11
CA PRO C 501 -14.96 28.42 27.75
C PRO C 501 -13.98 28.45 28.90
N THR C 502 -13.35 29.59 29.06
CA THR C 502 -12.48 29.89 30.18
C THR C 502 -12.35 31.39 30.39
N ARG C 503 -11.41 31.80 31.23
CA ARG C 503 -11.24 33.24 31.50
C ARG C 503 -10.06 33.93 30.77
N CYS C 504 -9.37 33.21 29.89
CA CYS C 504 -8.16 33.59 29.15
C CYS C 504 -8.48 34.18 27.78
N LYS C 505 -7.95 35.36 27.51
CA LYS C 505 -8.15 36.01 26.22
C LYS C 505 -6.84 36.59 25.73
N ARG C 506 -6.72 36.76 24.43
CA ARG C 506 -5.53 37.38 23.88
C ARG C 506 -5.45 38.88 24.22
N ARG C 507 -4.19 39.40 24.37
CA ARG C 507 -3.87 40.82 24.58
C ARG C 507 -3.83 41.55 23.22
N GLY D 5 8.13 1.24 21.62
CA GLY D 5 6.78 1.33 22.18
C GLY D 5 6.66 2.28 23.40
N ALA D 6 7.69 3.12 23.66
CA ALA D 6 7.74 4.13 24.75
C ALA D 6 6.72 5.24 24.59
N VAL D 7 6.41 5.58 23.34
CA VAL D 7 5.48 6.64 23.04
C VAL D 7 4.05 6.26 23.37
N PHE D 8 3.68 5.00 23.19
CA PHE D 8 2.31 4.62 23.43
C PHE D 8 2.06 4.30 24.87
N LEU D 9 2.10 5.31 25.68
CA LEU D 9 1.90 5.14 27.09
C LEU D 9 1.14 6.33 27.60
N GLY D 10 0.01 6.06 28.24
CA GLY D 10 -0.84 7.12 28.75
C GLY D 10 -1.77 7.62 27.68
N PHE D 11 -1.73 7.00 26.52
CA PHE D 11 -2.56 7.44 25.44
C PHE D 11 -3.99 7.16 25.81
N LEU D 12 -4.78 8.22 25.83
CA LEU D 12 -6.17 8.23 26.26
C LEU D 12 -6.34 7.86 27.71
N GLY D 13 -5.26 7.89 28.50
CA GLY D 13 -5.37 7.54 29.89
C GLY D 13 -6.31 8.48 30.61
N ALA D 14 -6.34 9.72 30.16
CA ALA D 14 -7.15 10.74 30.76
C ALA D 14 -8.55 10.78 30.19
N ALA D 15 -8.90 9.90 29.27
CA ALA D 15 -10.20 9.99 28.63
C ALA D 15 -11.37 9.96 29.60
N GLY D 16 -11.27 9.22 30.68
CA GLY D 16 -12.39 9.19 31.61
C GLY D 16 -12.24 10.20 32.75
N SER D 17 -11.17 10.97 32.73
CA SER D 17 -10.91 11.91 33.80
C SER D 17 -11.60 13.20 33.50
N THR D 18 -11.69 14.08 34.47
CA THR D 18 -12.32 15.32 34.15
C THR D 18 -11.43 16.20 33.30
N MET D 19 -12.06 17.17 32.65
CA MET D 19 -11.40 18.11 31.75
C MET D 19 -10.29 18.84 32.46
N GLY D 20 -10.49 19.15 33.71
CA GLY D 20 -9.50 19.87 34.48
C GLY D 20 -8.16 19.13 34.56
N ALA D 21 -8.16 17.80 34.60
CA ALA D 21 -6.90 17.07 34.67
C ALA D 21 -6.44 16.72 33.29
N ALA D 22 -7.39 16.39 32.43
CA ALA D 22 -7.11 15.91 31.10
C ALA D 22 -6.40 16.95 30.28
N SER D 23 -6.63 18.22 30.58
CA SER D 23 -5.99 19.29 29.85
C SER D 23 -4.48 19.28 30.03
N MET D 24 -3.96 18.56 31.02
CA MET D 24 -2.52 18.52 31.21
C MET D 24 -1.85 17.35 30.51
N THR D 25 -2.59 16.55 29.75
CA THR D 25 -2.02 15.40 29.06
C THR D 25 -2.09 15.55 27.56
N LEU D 26 -2.19 16.77 27.07
CA LEU D 26 -2.36 17.01 25.66
C LEU D 26 -1.15 16.54 24.86
N THR D 27 0.04 16.64 25.44
CA THR D 27 1.24 16.21 24.75
C THR D 27 1.17 14.73 24.48
N VAL D 28 0.66 13.99 25.44
CA VAL D 28 0.63 12.55 25.32
C VAL D 28 -0.26 12.18 24.15
N GLN D 29 -1.39 12.84 24.01
CA GLN D 29 -2.19 12.48 22.87
C GLN D 29 -1.54 12.93 21.58
N ALA D 30 -0.97 14.13 21.57
CA ALA D 30 -0.40 14.67 20.35
C ALA D 30 0.77 13.88 19.83
N ARG D 31 1.58 13.33 20.72
CA ARG D 31 2.78 12.63 20.31
C ARG D 31 2.49 11.27 19.72
N ASN D 32 1.23 10.84 19.77
CA ASN D 32 0.84 9.57 19.21
C ASN D 32 0.05 9.75 17.93
N LEU D 33 0.09 10.94 17.36
CA LEU D 33 -0.52 11.18 16.07
C LEU D 33 0.63 11.04 15.11
N LEU D 34 0.36 10.70 13.86
CA LEU D 34 1.44 10.34 12.94
C LEU D 34 2.15 9.20 13.65
N SER D 35 3.47 9.14 13.63
CA SER D 35 4.11 8.01 14.30
C SER D 35 3.51 6.66 13.83
N GLY D 36 3.43 5.64 14.74
CA GLY D 36 2.88 4.32 14.51
C GLY D 36 4.00 3.33 14.16
N TRP D 60 -1.14 -8.12 -0.57
CA TRP D 60 0.05 -7.32 -0.80
C TRP D 60 -0.11 -5.89 -0.20
N GLY D 61 0.95 -5.05 -0.32
CA GLY D 61 1.06 -3.67 0.21
C GLY D 61 0.34 -2.65 -0.65
N ILE D 62 -0.96 -2.86 -0.81
CA ILE D 62 -1.75 -2.04 -1.71
C ILE D 62 -2.74 -1.08 -1.07
N LYS D 63 -2.91 -1.19 0.25
CA LYS D 63 -3.83 -0.37 1.03
C LYS D 63 -3.10 0.46 2.10
N GLN D 64 -1.86 0.09 2.37
CA GLN D 64 -1.05 0.66 3.41
C GLN D 64 -0.62 2.07 3.11
N LEU D 65 -0.45 2.40 1.83
CA LEU D 65 -0.07 3.76 1.53
C LEU D 65 -1.25 4.66 1.71
N GLN D 66 -2.46 4.15 1.56
CA GLN D 66 -3.61 4.98 1.75
C GLN D 66 -3.71 5.26 3.24
N ALA D 67 -3.38 4.25 4.05
CA ALA D 67 -3.41 4.46 5.48
C ALA D 67 -2.40 5.51 5.92
N ARG D 68 -1.22 5.49 5.31
CA ARG D 68 -0.17 6.45 5.67
C ARG D 68 -0.46 7.83 5.14
N VAL D 69 -0.99 7.92 3.92
CA VAL D 69 -1.33 9.20 3.36
C VAL D 69 -2.44 9.82 4.15
N LEU D 70 -3.45 9.04 4.52
CA LEU D 70 -4.52 9.59 5.29
C LEU D 70 -4.03 10.12 6.61
N ALA D 71 -3.14 9.40 7.31
CA ALA D 71 -2.69 9.93 8.59
C ALA D 71 -2.07 11.29 8.41
N VAL D 72 -1.31 11.46 7.32
CA VAL D 72 -0.72 12.76 7.08
C VAL D 72 -1.78 13.78 6.77
N GLU D 73 -2.73 13.46 5.93
CA GLU D 73 -3.74 14.45 5.58
C GLU D 73 -4.54 14.88 6.78
N ARG D 74 -4.88 13.97 7.67
CA ARG D 74 -5.67 14.37 8.80
C ARG D 74 -4.85 15.27 9.70
N TYR D 75 -3.58 14.94 9.88
CA TYR D 75 -2.71 15.73 10.70
C TYR D 75 -2.61 17.13 10.16
N LEU D 76 -2.37 17.26 8.86
CA LEU D 76 -2.21 18.56 8.31
C LEU D 76 -3.48 19.36 8.34
N ARG D 77 -4.64 18.75 8.18
CA ARG D 77 -5.84 19.55 8.25
C ARG D 77 -5.98 20.15 9.63
N ASP D 78 -5.62 19.42 10.69
CA ASP D 78 -5.72 20.03 12.01
C ASP D 78 -4.69 21.13 12.19
N GLN D 79 -3.50 20.93 11.66
CA GLN D 79 -2.50 21.97 11.84
C GLN D 79 -2.84 23.20 11.03
N GLN D 80 -3.42 23.03 9.85
CA GLN D 80 -3.76 24.18 9.07
C GLN D 80 -4.80 24.98 9.77
N LEU D 81 -5.77 24.29 10.37
CA LEU D 81 -6.83 24.99 11.03
C LEU D 81 -6.30 25.79 12.20
N LEU D 82 -5.38 25.23 12.96
CA LEU D 82 -4.83 26.00 14.06
C LEU D 82 -4.09 27.20 13.49
N GLY D 83 -3.41 27.02 12.37
CA GLY D 83 -2.72 28.14 11.78
C GLY D 83 -3.68 29.24 11.37
N ILE D 84 -4.80 28.87 10.77
CA ILE D 84 -5.78 29.86 10.33
C ILE D 84 -6.30 30.65 11.49
N TRP D 85 -6.53 30.00 12.61
CA TRP D 85 -7.00 30.65 13.81
C TRP D 85 -5.93 31.42 14.57
N GLY D 86 -4.68 31.38 14.12
CA GLY D 86 -3.56 32.03 14.80
C GLY D 86 -3.03 31.30 16.04
N CYS D 87 -3.19 29.95 16.09
CA CYS D 87 -2.82 29.07 17.19
C CYS D 87 -1.70 28.11 16.78
N SER D 88 -0.97 28.45 15.75
CA SER D 88 0.08 27.55 15.32
C SER D 88 1.14 27.44 16.38
N GLY D 89 1.60 26.22 16.61
CA GLY D 89 2.67 25.99 17.56
C GLY D 89 2.22 25.85 19.00
N LYS D 90 0.92 25.87 19.27
CA LYS D 90 0.46 25.76 20.66
C LYS D 90 -0.46 24.57 20.88
N LEU D 91 -0.46 24.05 22.11
CA LEU D 91 -1.40 23.00 22.46
C LEU D 91 -2.61 23.68 23.05
N ILE D 92 -2.36 24.79 23.73
CA ILE D 92 -3.44 25.56 24.31
C ILE D 92 -3.31 26.99 23.78
N CYS D 93 -4.37 27.57 23.15
CA CYS D 93 -4.33 28.96 22.68
C CYS D 93 -5.59 29.67 23.10
N CYS D 94 -5.41 30.90 23.49
CA CYS D 94 -6.54 31.69 23.88
C CYS D 94 -6.88 32.53 22.69
N THR D 95 -8.16 32.81 22.53
CA THR D 95 -8.64 33.62 21.44
C THR D 95 -9.21 34.89 21.99
N ASN D 96 -9.78 35.72 21.13
CA ASN D 96 -10.40 36.95 21.55
C ASN D 96 -11.90 36.87 21.27
N VAL D 97 -12.42 35.66 21.26
CA VAL D 97 -13.82 35.40 21.01
C VAL D 97 -14.61 35.05 22.26
N PRO D 98 -15.65 35.79 22.64
CA PRO D 98 -16.48 35.55 23.79
C PRO D 98 -17.24 34.25 23.64
N TRP D 99 -17.51 33.61 24.75
CA TRP D 99 -18.33 32.41 24.79
C TRP D 99 -19.80 32.80 24.84
N ASN D 100 -20.65 32.18 24.01
CA ASN D 100 -22.09 32.38 23.95
C ASN D 100 -22.82 31.34 24.83
N SER D 101 -23.68 31.83 25.76
CA SER D 101 -24.46 31.05 26.72
C SER D 101 -25.47 30.13 26.05
N THR D 102 -25.71 30.37 24.77
CA THR D 102 -26.62 29.56 24.00
C THR D 102 -25.95 28.29 23.55
N TRP D 103 -24.61 28.26 23.53
CA TRP D 103 -23.92 27.04 23.13
C TRP D 103 -23.94 26.16 24.36
N SER D 104 -23.67 26.79 25.49
CA SER D 104 -23.70 26.18 26.81
C SER D 104 -23.89 27.21 27.87
N ASN D 105 -24.84 26.97 28.75
CA ASN D 105 -25.13 27.88 29.83
C ASN D 105 -24.56 27.42 31.15
N ARG D 106 -23.61 26.50 31.11
CA ARG D 106 -23.00 26.07 32.35
C ARG D 106 -21.90 27.02 32.79
N ASN D 107 -21.64 27.03 34.11
CA ASN D 107 -20.58 27.79 34.77
C ASN D 107 -19.28 26.98 34.71
N LEU D 108 -18.14 27.63 34.95
CA LEU D 108 -16.83 26.97 34.85
C LEU D 108 -16.66 25.83 35.83
N SER D 109 -17.26 25.94 37.00
CA SER D 109 -17.13 24.89 38.00
C SER D 109 -17.91 23.63 37.67
N GLU D 110 -18.82 23.69 36.71
CA GLU D 110 -19.60 22.51 36.34
C GLU D 110 -19.01 21.90 35.09
N ILE D 111 -18.31 22.69 34.28
CA ILE D 111 -17.70 22.14 33.09
C ILE D 111 -16.35 21.57 33.46
N TRP D 112 -15.54 22.39 34.09
CA TRP D 112 -14.21 22.00 34.46
C TRP D 112 -14.33 21.30 35.79
N ASP D 113 -13.42 20.39 36.05
CA ASP D 113 -13.42 19.66 37.29
C ASP D 113 -14.74 18.94 37.55
N ASN D 114 -15.35 18.42 36.49
CA ASN D 114 -16.60 17.72 36.59
C ASN D 114 -16.88 16.85 35.37
N MET D 115 -16.96 17.46 34.19
CA MET D 115 -17.26 16.71 32.98
C MET D 115 -16.00 16.13 32.40
N THR D 116 -16.13 15.06 31.64
CA THR D 116 -15.01 14.51 30.89
C THR D 116 -15.01 15.19 29.54
N TRP D 117 -13.94 15.06 28.76
CA TRP D 117 -13.98 15.68 27.45
C TRP D 117 -14.95 15.00 26.52
N LEU D 118 -15.17 13.71 26.70
CA LEU D 118 -16.12 12.99 25.88
C LEU D 118 -17.51 13.53 26.15
N GLN D 119 -17.82 13.80 27.41
CA GLN D 119 -19.14 14.32 27.70
C GLN D 119 -19.31 15.69 27.11
N TRP D 120 -18.26 16.49 27.16
CA TRP D 120 -18.31 17.82 26.60
C TRP D 120 -18.53 17.71 25.10
N ASP D 121 -17.82 16.81 24.43
CA ASP D 121 -17.94 16.64 22.99
C ASP D 121 -19.32 16.16 22.56
N LYS D 122 -20.03 15.44 23.42
CA LYS D 122 -21.36 14.99 23.09
C LYS D 122 -22.36 16.13 23.16
N GLU D 123 -21.95 17.23 23.77
CA GLU D 123 -22.73 18.42 23.89
C GLU D 123 -22.06 19.36 22.95
N ILE D 124 -22.57 20.55 22.80
CA ILE D 124 -22.08 21.57 21.87
C ILE D 124 -21.57 21.11 20.48
N SER D 125 -21.79 19.87 20.09
CA SER D 125 -21.36 19.36 18.79
C SER D 125 -22.08 20.02 17.60
N ASN D 126 -23.24 20.66 17.87
CA ASN D 126 -24.07 21.38 16.93
C ASN D 126 -23.56 22.80 16.65
N TYR D 127 -22.60 23.33 17.47
CA TYR D 127 -22.11 24.70 17.38
C TYR D 127 -20.65 24.75 16.97
N THR D 128 -20.07 23.61 16.64
CA THR D 128 -18.65 23.63 16.35
C THR D 128 -18.34 24.35 15.08
N GLN D 129 -19.22 24.23 14.10
CA GLN D 129 -18.96 24.91 12.86
C GLN D 129 -19.15 26.39 13.02
N ILE D 130 -20.05 26.77 13.91
CA ILE D 130 -20.29 28.16 14.14
C ILE D 130 -19.06 28.74 14.78
N ILE D 131 -18.54 28.06 15.77
CA ILE D 131 -17.38 28.55 16.46
C ILE D 131 -16.21 28.60 15.54
N TYR D 132 -15.99 27.56 14.76
CA TYR D 132 -14.83 27.59 13.90
C TYR D 132 -14.91 28.73 12.91
N GLY D 133 -16.09 28.97 12.36
CA GLY D 133 -16.25 30.03 11.39
C GLY D 133 -15.94 31.39 11.99
N LEU D 134 -16.50 31.67 13.15
CA LEU D 134 -16.25 32.97 13.72
C LEU D 134 -14.81 33.12 14.22
N LEU D 135 -14.16 32.02 14.59
CA LEU D 135 -12.76 32.14 14.97
C LEU D 135 -11.96 32.60 13.76
N GLU D 136 -12.28 32.10 12.56
CA GLU D 136 -11.51 32.52 11.41
C GLU D 136 -11.73 34.01 11.15
N GLU D 137 -12.96 34.49 11.32
CA GLU D 137 -13.19 35.91 11.07
C GLU D 137 -12.41 36.77 12.04
N SER D 138 -12.34 36.33 13.30
CA SER D 138 -11.60 37.11 14.27
C SER D 138 -10.15 37.19 13.87
N GLN D 139 -9.59 36.07 13.42
CA GLN D 139 -8.20 36.15 13.08
C GLN D 139 -7.98 37.05 11.90
N ASN D 140 -8.91 37.08 10.94
CA ASN D 140 -8.67 37.96 9.81
C ASN D 140 -8.63 39.41 10.26
N GLN D 141 -9.47 39.76 11.24
CA GLN D 141 -9.43 41.12 11.73
C GLN D 141 -8.12 41.41 12.41
N GLN D 142 -7.61 40.43 13.15
CA GLN D 142 -6.35 40.59 13.84
C GLN D 142 -5.18 40.70 12.88
N GLU D 143 -5.21 39.95 11.77
CA GLU D 143 -4.09 40.01 10.82
C GLU D 143 -4.03 41.40 10.25
N LYS D 144 -5.21 41.98 9.96
CA LYS D 144 -5.24 43.32 9.42
C LYS D 144 -4.83 44.32 10.48
N ASN D 145 -5.32 44.17 11.71
CA ASN D 145 -4.99 45.15 12.71
C ASN D 145 -3.52 45.15 12.99
N GLU D 146 -2.87 43.99 12.95
CA GLU D 146 -1.46 43.96 13.20
C GLU D 146 -0.74 44.63 12.05
N GLN D 147 -1.17 44.40 10.81
CA GLN D 147 -0.47 45.07 9.73
C GLN D 147 -0.59 46.58 9.86
N ASP D 148 -1.76 47.06 10.26
CA ASP D 148 -1.97 48.50 10.41
C ASP D 148 -1.26 49.08 11.63
N LEU D 149 -1.15 48.32 12.72
CA LEU D 149 -0.49 48.82 13.93
C LEU D 149 1.00 48.54 13.99
N LEU D 150 1.52 47.68 13.10
CA LEU D 150 2.94 47.42 13.07
C LEU D 150 3.62 48.57 12.35
N ALA D 151 2.82 49.27 11.57
CA ALA D 151 3.20 50.43 10.82
C ALA D 151 3.37 51.53 11.85
N LEU D 152 4.04 52.61 11.54
CA LEU D 152 4.20 53.60 12.62
C LEU D 152 2.89 54.16 13.23
N ASP D 153 1.81 54.32 12.40
CA ASP D 153 0.45 54.82 12.77
C ASP D 153 0.44 56.38 12.79
N ALA E 36 6.83 55.33 -2.36
CA ALA E 36 7.98 56.03 -2.91
C ALA E 36 9.28 55.75 -2.11
N GLU E 37 9.18 55.70 -0.77
CA GLU E 37 10.28 55.50 0.18
C GLU E 37 9.82 54.65 1.33
N ASN E 38 10.77 54.01 2.00
CA ASN E 38 10.43 53.23 3.19
C ASN E 38 9.37 52.19 2.96
N LEU E 39 9.51 51.43 1.88
CA LEU E 39 8.56 50.37 1.63
C LEU E 39 9.26 49.05 1.85
N TRP E 40 8.52 48.09 2.42
CA TRP E 40 9.07 46.76 2.68
C TRP E 40 8.20 45.66 2.13
N VAL E 41 8.85 44.54 1.91
CA VAL E 41 8.22 43.35 1.40
C VAL E 41 7.37 42.68 2.43
N THR E 42 6.14 42.39 2.03
CA THR E 42 5.25 41.62 2.86
C THR E 42 4.77 40.51 1.99
N VAL E 43 4.34 39.43 2.61
CA VAL E 43 3.82 38.35 1.82
C VAL E 43 2.43 38.02 2.26
N TYR E 44 1.66 37.52 1.30
CA TYR E 44 0.29 37.16 1.55
C TYR E 44 -0.01 35.75 1.15
N TYR E 45 -0.68 35.02 2.01
CA TYR E 45 -1.03 33.65 1.66
C TYR E 45 -2.53 33.49 1.56
N GLY E 46 -2.99 32.98 0.42
CA GLY E 46 -4.41 32.84 0.15
C GLY E 46 -4.82 33.83 -0.92
N VAL E 47 -3.85 34.19 -1.75
CA VAL E 47 -4.00 35.11 -2.85
C VAL E 47 -4.70 34.48 -4.07
N PRO E 48 -5.77 35.08 -4.63
CA PRO E 48 -6.56 34.54 -5.71
C PRO E 48 -5.95 34.61 -7.07
N VAL E 49 -4.87 33.86 -7.27
CA VAL E 49 -4.25 33.80 -8.57
C VAL E 49 -4.10 32.39 -9.03
N TRP E 50 -3.98 32.22 -10.33
CA TRP E 50 -3.84 30.92 -10.92
C TRP E 50 -3.12 30.93 -12.24
N LYS E 51 -2.69 29.76 -12.65
CA LYS E 51 -2.05 29.55 -13.93
C LYS E 51 -2.62 28.36 -14.67
N ASP E 52 -2.55 28.39 -15.99
CA ASP E 52 -3.05 27.28 -16.78
C ASP E 52 -2.31 26.04 -16.34
N ALA E 53 -2.98 24.92 -16.20
CA ALA E 53 -2.22 23.76 -15.77
C ALA E 53 -2.76 22.44 -16.26
N GLU E 54 -1.87 21.48 -16.35
CA GLU E 54 -2.24 20.14 -16.72
C GLU E 54 -2.19 19.20 -15.55
N THR E 55 -3.33 18.67 -15.18
CA THR E 55 -3.37 17.74 -14.07
C THR E 55 -4.29 16.61 -14.40
N THR E 56 -4.40 15.69 -13.48
CA THR E 56 -5.30 14.58 -13.69
C THR E 56 -6.57 14.87 -12.94
N LEU E 57 -7.68 14.81 -13.63
CA LEU E 57 -8.98 15.07 -13.05
C LEU E 57 -9.55 13.77 -12.60
N PHE E 58 -10.47 13.80 -11.68
CA PHE E 58 -11.06 12.54 -11.27
C PHE E 58 -12.52 12.53 -11.63
N CYS E 59 -13.10 11.32 -11.76
CA CYS E 59 -14.50 11.11 -12.12
C CYS E 59 -15.39 10.95 -10.89
N ALA E 60 -16.59 11.44 -11.03
CA ALA E 60 -17.67 11.34 -10.07
C ALA E 60 -18.97 11.13 -10.82
N SER E 61 -19.98 10.59 -10.15
CA SER E 61 -21.26 10.39 -10.80
C SER E 61 -22.43 10.52 -9.82
N ASP E 62 -23.63 10.74 -10.34
CA ASP E 62 -24.79 10.84 -9.46
C ASP E 62 -25.51 9.49 -9.35
N ALA E 63 -25.35 8.76 -8.21
CA ALA E 63 -25.89 7.43 -7.94
C ALA E 63 -25.56 6.45 -9.07
N HIS E 71 -24.42 -2.39 -12.47
CA HIS E 71 -23.83 -3.24 -13.52
C HIS E 71 -23.25 -2.43 -14.73
N ASN E 72 -23.30 -1.08 -14.65
CA ASN E 72 -22.78 -0.10 -15.61
C ASN E 72 -21.27 0.07 -15.50
N VAL E 73 -20.61 0.11 -16.64
CA VAL E 73 -19.17 0.21 -16.65
C VAL E 73 -18.64 1.50 -16.02
N TRP E 74 -19.34 2.61 -16.19
CA TRP E 74 -18.85 3.83 -15.61
C TRP E 74 -19.28 3.91 -14.19
N ALA E 75 -20.44 3.34 -13.88
CA ALA E 75 -20.90 3.42 -12.51
C ALA E 75 -19.93 2.71 -11.60
N THR E 76 -19.35 1.62 -12.09
CA THR E 76 -18.39 0.87 -11.29
C THR E 76 -17.14 1.71 -11.06
N HIS E 77 -16.63 2.34 -12.11
CA HIS E 77 -15.44 3.17 -12.01
C HIS E 77 -15.61 4.50 -11.23
N CYS E 78 -16.65 5.27 -11.55
CA CYS E 78 -16.97 6.60 -11.03
C CYS E 78 -17.82 6.44 -9.77
N CYS E 79 -17.19 5.84 -8.77
CA CYS E 79 -17.82 5.50 -7.51
C CYS E 79 -18.08 6.69 -6.60
N VAL E 80 -17.42 7.79 -6.87
CA VAL E 80 -17.53 8.98 -6.06
C VAL E 80 -18.85 9.69 -6.35
N PRO E 81 -19.69 9.98 -5.36
CA PRO E 81 -20.96 10.66 -5.48
C PRO E 81 -20.76 12.15 -5.74
N THR E 82 -21.81 12.81 -6.29
CA THR E 82 -21.86 14.25 -6.54
C THR E 82 -23.30 14.66 -6.89
N PRO E 86 -23.37 21.10 -6.23
CA PRO E 86 -23.31 21.70 -7.57
C PRO E 86 -23.00 23.21 -7.47
N GLN E 87 -21.83 23.55 -6.90
CA GLN E 87 -21.35 24.92 -6.71
C GLN E 87 -20.85 25.60 -7.97
N GLU E 88 -21.10 26.90 -8.05
CA GLU E 88 -20.59 27.77 -9.10
C GLU E 88 -20.42 29.19 -8.58
N ILE E 89 -19.23 29.73 -8.71
CA ILE E 89 -18.97 31.09 -8.25
C ILE E 89 -18.61 32.04 -9.38
N HIS E 90 -19.44 33.04 -9.57
CA HIS E 90 -19.17 33.97 -10.65
C HIS E 90 -18.03 34.91 -10.34
N LEU E 91 -17.18 35.20 -11.31
CA LEU E 91 -16.08 36.13 -11.10
C LEU E 91 -16.43 37.43 -11.81
N GLU E 92 -16.91 38.40 -11.05
CA GLU E 92 -17.49 39.61 -11.64
C GLU E 92 -16.64 40.42 -12.61
N ASN E 93 -15.34 40.61 -12.33
CA ASN E 93 -14.43 41.42 -13.14
C ASN E 93 -13.26 40.61 -13.72
N VAL E 94 -13.47 39.30 -14.04
CA VAL E 94 -12.43 38.44 -14.62
C VAL E 94 -12.69 38.05 -16.05
N THR E 95 -11.70 38.36 -16.87
CA THR E 95 -11.70 37.99 -18.27
C THR E 95 -10.63 36.94 -18.37
N GLU E 96 -10.91 35.86 -19.05
CA GLU E 96 -9.93 34.79 -19.16
C GLU E 96 -9.92 34.18 -20.54
N GLU E 97 -8.79 33.62 -20.93
CA GLU E 97 -8.61 32.95 -22.22
C GLU E 97 -8.93 31.47 -22.16
N PHE E 98 -9.89 31.08 -22.98
CA PHE E 98 -10.36 29.72 -23.09
C PHE E 98 -9.95 29.12 -24.41
N ASN E 99 -9.84 27.80 -24.48
CA ASN E 99 -9.50 27.29 -25.78
C ASN E 99 -10.12 25.93 -26.06
N MET E 100 -9.86 25.46 -27.25
CA MET E 100 -10.29 24.20 -27.79
C MET E 100 -9.20 23.74 -28.66
N TRP E 101 -9.15 22.44 -28.90
CA TRP E 101 -8.16 21.85 -29.80
C TRP E 101 -6.74 21.84 -29.15
N LYS E 102 -6.53 22.70 -28.17
CA LYS E 102 -5.34 22.82 -27.36
C LYS E 102 -5.71 22.55 -25.91
N ASN E 103 -6.93 22.06 -25.71
CA ASN E 103 -7.52 21.78 -24.41
C ASN E 103 -7.26 20.34 -23.97
N ASN E 104 -6.54 20.17 -22.87
CA ASN E 104 -6.16 18.84 -22.43
C ASN E 104 -7.24 18.09 -21.66
N MET E 105 -8.36 18.73 -21.35
CA MET E 105 -9.38 18.00 -20.59
C MET E 105 -9.99 16.95 -21.47
N VAL E 106 -10.06 17.26 -22.75
CA VAL E 106 -10.59 16.35 -23.72
C VAL E 106 -9.68 15.18 -23.88
N GLU E 107 -8.39 15.45 -23.88
CA GLU E 107 -7.46 14.37 -24.05
C GLU E 107 -7.57 13.43 -22.86
N GLN E 108 -7.77 13.97 -21.66
CA GLN E 108 -7.91 13.08 -20.52
C GLN E 108 -9.16 12.25 -20.68
N MET E 109 -10.26 12.85 -21.14
CA MET E 109 -11.48 12.09 -21.27
C MET E 109 -11.33 10.99 -22.30
N HIS E 110 -10.67 11.30 -23.40
CA HIS E 110 -10.47 10.32 -24.44
C HIS E 110 -9.71 9.14 -23.91
N THR E 111 -8.62 9.41 -23.21
CA THR E 111 -7.81 8.34 -22.68
C THR E 111 -8.58 7.51 -21.69
N ASP E 112 -9.37 8.15 -20.80
CA ASP E 112 -10.11 7.41 -19.80
C ASP E 112 -11.08 6.46 -20.44
N ILE E 113 -11.72 6.89 -21.52
CA ILE E 113 -12.67 6.03 -22.19
C ILE E 113 -12.00 4.85 -22.82
N ILE E 114 -10.87 5.05 -23.50
CA ILE E 114 -10.26 3.91 -24.12
C ILE E 114 -9.85 2.94 -23.04
N SER E 115 -9.26 3.47 -21.97
CA SER E 115 -8.80 2.64 -20.90
C SER E 115 -9.91 1.85 -20.25
N LEU E 116 -11.04 2.50 -20.00
CA LEU E 116 -12.12 1.82 -19.33
C LEU E 116 -12.61 0.66 -20.17
N TRP E 117 -12.75 0.86 -21.47
CA TRP E 117 -13.20 -0.23 -22.32
C TRP E 117 -12.22 -1.38 -22.37
N ASP E 118 -10.93 -1.07 -22.48
CA ASP E 118 -9.99 -2.15 -22.58
C ASP E 118 -9.92 -2.90 -21.28
N GLN E 119 -10.04 -2.19 -20.16
CA GLN E 119 -10.00 -2.85 -18.87
C GLN E 119 -11.22 -3.72 -18.69
N SER E 120 -12.36 -3.24 -19.16
CA SER E 120 -13.62 -3.93 -18.99
C SER E 120 -13.66 -5.26 -19.67
N LEU E 121 -12.98 -5.39 -20.80
CA LEU E 121 -12.99 -6.63 -21.53
C LEU E 121 -11.93 -7.63 -21.09
N LYS E 122 -11.02 -7.23 -20.21
CA LYS E 122 -9.94 -8.15 -19.85
C LYS E 122 -10.39 -9.48 -19.31
N PRO E 123 -11.33 -9.57 -18.37
CA PRO E 123 -11.78 -10.83 -17.80
C PRO E 123 -12.85 -11.59 -18.59
N CYS E 124 -13.24 -11.12 -19.80
CA CYS E 124 -14.33 -11.71 -20.58
C CYS E 124 -13.80 -12.80 -21.50
N VAL E 125 -14.71 -13.66 -21.93
CA VAL E 125 -14.41 -14.79 -22.78
C VAL E 125 -13.73 -14.44 -24.08
N LYS E 126 -12.65 -15.15 -24.37
CA LYS E 126 -11.92 -14.93 -25.59
C LYS E 126 -12.43 -15.92 -26.58
N LEU E 127 -12.88 -15.48 -27.74
CA LEU E 127 -13.42 -16.39 -28.72
C LEU E 127 -12.33 -16.85 -29.63
N THR E 128 -11.35 -17.47 -29.01
CA THR E 128 -10.20 -17.96 -29.70
C THR E 128 -10.54 -19.10 -30.62
N PRO E 129 -11.22 -20.19 -30.20
CA PRO E 129 -11.46 -21.34 -31.03
C PRO E 129 -12.64 -21.15 -31.96
N LEU E 130 -12.70 -20.01 -32.64
CA LEU E 130 -13.77 -19.78 -33.61
C LEU E 130 -13.30 -19.45 -35.04
N CYS E 131 -11.99 -19.61 -35.37
CA CYS E 131 -11.43 -19.41 -36.70
C CYS E 131 -11.50 -20.73 -37.45
N VAL E 132 -12.71 -21.07 -37.75
CA VAL E 132 -13.05 -22.32 -38.35
C VAL E 132 -13.80 -22.05 -39.63
N THR E 133 -13.89 -23.04 -40.49
CA THR E 133 -14.66 -22.82 -41.67
C THR E 133 -16.10 -23.04 -41.35
N LEU E 134 -16.91 -22.08 -41.72
CA LEU E 134 -18.33 -22.12 -41.52
C LEU E 134 -18.99 -22.63 -42.77
N GLN E 135 -20.03 -23.42 -42.60
CA GLN E 135 -20.81 -23.91 -43.73
C GLN E 135 -22.07 -23.06 -43.77
N CYS E 136 -22.12 -22.01 -44.65
CA CYS E 136 -23.15 -20.97 -44.62
C CYS E 136 -24.08 -20.99 -45.81
N THR E 137 -25.36 -20.99 -45.52
CA THR E 137 -26.41 -20.90 -46.52
C THR E 137 -27.18 -19.62 -46.27
N ASN E 138 -28.02 -19.18 -47.23
CA ASN E 138 -28.87 -17.98 -47.11
C ASN E 138 -30.04 -18.24 -46.17
N VAL E 139 -30.44 -17.22 -45.36
CA VAL E 139 -31.67 -17.28 -44.55
C VAL E 139 -32.76 -16.77 -45.49
N THR E 140 -33.81 -17.55 -45.70
CA THR E 140 -34.87 -17.20 -46.64
C THR E 140 -36.24 -17.06 -46.01
N ASN E 141 -36.30 -16.89 -44.72
CA ASN E 141 -37.59 -16.87 -44.04
C ASN E 141 -38.29 -15.53 -44.09
N ASN E 142 -39.06 -15.34 -45.15
CA ASN E 142 -39.80 -14.09 -45.38
C ASN E 142 -38.91 -12.87 -45.30
N ILE E 143 -37.79 -12.93 -46.00
CA ILE E 143 -36.85 -11.85 -45.99
C ILE E 143 -37.35 -10.81 -46.95
N THR E 144 -37.42 -9.56 -46.54
CA THR E 144 -37.88 -8.56 -47.50
C THR E 144 -36.85 -8.24 -48.58
N ASP E 145 -37.30 -7.51 -49.58
CA ASP E 145 -36.51 -7.19 -50.77
C ASP E 145 -35.28 -6.35 -50.55
N ASP E 146 -35.27 -5.56 -49.50
CA ASP E 146 -34.13 -4.70 -49.26
C ASP E 146 -33.02 -5.39 -48.49
N MET E 147 -33.19 -6.65 -48.14
CA MET E 147 -32.15 -7.31 -47.38
C MET E 147 -32.04 -8.78 -47.74
N ARG E 148 -32.25 -9.10 -49.01
CA ARG E 148 -32.27 -10.48 -49.43
C ARG E 148 -31.00 -11.25 -49.11
N GLY E 149 -29.85 -10.58 -49.22
CA GLY E 149 -28.56 -11.22 -48.97
C GLY E 149 -27.99 -10.92 -47.59
N GLU E 150 -28.79 -10.32 -46.71
CA GLU E 150 -28.30 -9.84 -45.43
C GLU E 150 -27.90 -10.89 -44.39
N LEU E 151 -28.62 -12.02 -44.33
CA LEU E 151 -28.31 -12.99 -43.30
C LEU E 151 -27.88 -14.35 -43.78
N LYS E 152 -26.93 -14.91 -43.02
CA LYS E 152 -26.41 -16.24 -43.24
C LYS E 152 -26.77 -17.20 -42.10
N ASN E 153 -26.97 -18.50 -42.43
CA ASN E 153 -27.17 -19.62 -41.50
C ASN E 153 -25.92 -20.51 -41.56
N CYS E 154 -25.00 -20.38 -40.57
CA CYS E 154 -23.66 -20.99 -40.58
C CYS E 154 -23.44 -22.10 -39.55
N SER E 155 -23.02 -23.28 -40.02
CA SER E 155 -22.75 -24.41 -39.13
C SER E 155 -21.27 -24.71 -39.05
N PHE E 156 -20.80 -25.12 -37.87
CA PHE E 156 -19.39 -25.44 -37.70
C PHE E 156 -19.07 -26.38 -36.52
N ASN E 157 -17.84 -26.96 -36.52
CA ASN E 157 -17.30 -27.84 -35.47
C ASN E 157 -16.54 -27.04 -34.41
N MET E 158 -17.15 -26.86 -33.22
CA MET E 158 -16.65 -26.09 -32.08
C MET E 158 -16.13 -27.02 -30.97
N THR E 159 -15.06 -26.61 -30.29
CA THR E 159 -14.54 -27.38 -29.15
C THR E 159 -15.50 -27.33 -27.95
N THR E 160 -15.76 -28.47 -27.30
CA THR E 160 -16.61 -28.56 -26.10
C THR E 160 -15.76 -28.54 -24.87
N GLU E 161 -16.36 -28.50 -23.68
CA GLU E 161 -15.51 -28.59 -22.52
C GLU E 161 -15.01 -30.02 -22.49
N LEU E 162 -14.15 -30.34 -21.54
CA LEU E 162 -13.51 -31.65 -21.41
C LEU E 162 -12.53 -32.00 -22.52
N ARG E 163 -12.10 -31.05 -23.34
CA ARG E 163 -11.02 -31.22 -24.33
C ARG E 163 -11.13 -32.28 -25.45
N ASP E 164 -11.78 -33.41 -25.21
CA ASP E 164 -11.82 -34.54 -26.12
C ASP E 164 -12.86 -34.42 -27.22
N LYS E 165 -13.96 -33.75 -26.96
CA LYS E 165 -15.05 -33.70 -27.92
C LYS E 165 -15.25 -32.37 -28.61
N LYS E 166 -15.91 -32.47 -29.76
CA LYS E 166 -16.34 -31.33 -30.55
C LYS E 166 -17.84 -31.39 -30.66
N GLN E 167 -18.44 -30.27 -30.95
CA GLN E 167 -19.87 -30.20 -31.16
C GLN E 167 -20.18 -29.47 -32.44
N LYS E 168 -21.26 -29.86 -33.09
CA LYS E 168 -21.67 -29.13 -34.27
C LYS E 168 -22.72 -28.17 -33.83
N VAL E 169 -22.45 -26.90 -34.05
CA VAL E 169 -23.33 -25.83 -33.64
C VAL E 169 -23.59 -24.94 -34.81
N TYR E 170 -24.59 -24.10 -34.70
CA TYR E 170 -24.77 -23.16 -35.76
C TYR E 170 -25.21 -21.86 -35.19
N SER E 171 -25.02 -20.82 -35.97
CA SER E 171 -25.44 -19.48 -35.59
C SER E 171 -25.75 -18.63 -36.79
N LEU E 172 -26.45 -17.53 -36.56
CA LEU E 172 -26.69 -16.65 -37.67
C LEU E 172 -25.67 -15.53 -37.67
N PHE E 173 -25.34 -15.08 -38.86
CA PHE E 173 -24.43 -13.97 -39.06
C PHE E 173 -24.91 -12.96 -40.04
N TYR E 174 -24.44 -11.74 -39.90
CA TYR E 174 -24.77 -10.72 -40.87
C TYR E 174 -23.80 -10.88 -42.00
N ARG E 175 -24.16 -10.46 -43.18
CA ARG E 175 -23.25 -10.57 -44.31
C ARG E 175 -21.96 -9.77 -44.11
N LEU E 176 -21.96 -8.84 -43.16
CA LEU E 176 -20.80 -8.03 -42.89
C LEU E 176 -19.89 -8.63 -41.82
N ASP E 177 -20.26 -9.82 -41.32
CA ASP E 177 -19.46 -10.51 -40.31
C ASP E 177 -18.56 -11.62 -40.88
N VAL E 178 -18.87 -12.13 -42.08
CA VAL E 178 -18.13 -13.28 -42.65
C VAL E 178 -17.60 -13.04 -44.06
N VAL E 179 -16.62 -13.86 -44.46
CA VAL E 179 -15.97 -13.82 -45.77
C VAL E 179 -16.13 -15.09 -46.56
N GLN E 180 -16.61 -14.98 -47.79
CA GLN E 180 -16.74 -16.17 -48.62
C GLN E 180 -15.39 -16.49 -49.26
N ILE E 181 -14.98 -17.77 -49.27
CA ILE E 181 -13.73 -18.27 -49.86
C ILE E 181 -14.06 -19.43 -50.81
N LYS E 194 -20.53 -21.74 -50.15
CA LYS E 194 -20.90 -22.10 -48.77
C LYS E 194 -19.72 -22.08 -47.78
N GLU E 195 -18.47 -21.89 -48.26
CA GLU E 195 -17.22 -21.85 -47.48
C GLU E 195 -16.91 -20.48 -46.94
N TYR E 196 -17.15 -20.26 -45.66
CA TYR E 196 -16.93 -18.95 -45.04
C TYR E 196 -16.05 -18.91 -43.80
N ARG E 197 -15.40 -17.78 -43.61
CA ARG E 197 -14.65 -17.57 -42.38
C ARG E 197 -14.99 -16.24 -41.76
N LEU E 198 -14.72 -16.09 -40.47
CA LEU E 198 -15.02 -14.81 -39.83
C LEU E 198 -14.10 -13.72 -40.31
N ILE E 199 -14.62 -12.51 -40.39
CA ILE E 199 -13.76 -11.41 -40.76
C ILE E 199 -12.79 -11.04 -39.69
N ASN E 200 -11.53 -10.99 -40.09
CA ASN E 200 -10.41 -10.59 -39.25
C ASN E 200 -10.27 -11.27 -37.90
N CYS E 201 -10.45 -12.63 -37.80
CA CYS E 201 -10.29 -13.34 -36.52
C CYS E 201 -8.84 -13.81 -36.39
N ASN E 202 -8.15 -13.74 -37.51
CA ASN E 202 -6.77 -14.20 -37.63
C ASN E 202 -5.74 -13.06 -37.72
N THR E 203 -6.13 -11.81 -37.35
CA THR E 203 -5.28 -10.63 -37.31
C THR E 203 -5.31 -10.25 -35.87
N SER E 204 -6.31 -10.79 -35.21
CA SER E 204 -6.58 -10.58 -33.81
C SER E 204 -7.56 -11.56 -33.27
N ALA E 205 -7.36 -11.99 -32.04
CA ALA E 205 -8.39 -12.77 -31.38
C ALA E 205 -9.54 -11.84 -31.14
N ILE E 206 -10.75 -12.37 -31.04
CA ILE E 206 -11.91 -11.55 -30.80
C ILE E 206 -12.37 -11.76 -29.37
N THR E 207 -12.55 -10.69 -28.63
CA THR E 207 -13.00 -10.83 -27.25
C THR E 207 -14.49 -10.60 -27.16
N GLN E 208 -15.21 -11.49 -26.51
CA GLN E 208 -16.65 -11.30 -26.37
C GLN E 208 -16.91 -10.37 -25.24
N ALA E 209 -17.75 -9.40 -25.46
CA ALA E 209 -18.08 -8.53 -24.35
C ALA E 209 -18.93 -9.34 -23.39
N CYS E 210 -18.76 -9.18 -22.06
CA CYS E 210 -19.58 -9.85 -21.05
C CYS E 210 -20.99 -9.22 -21.15
N PRO E 211 -22.04 -10.02 -21.38
CA PRO E 211 -23.41 -9.58 -21.65
C PRO E 211 -24.03 -8.84 -20.49
N LYS E 212 -23.47 -9.01 -19.32
CA LYS E 212 -23.96 -8.38 -18.12
C LYS E 212 -23.52 -6.94 -17.98
N VAL E 213 -22.53 -6.51 -18.76
CA VAL E 213 -22.01 -5.18 -18.56
C VAL E 213 -22.75 -4.17 -19.40
N SER E 214 -23.21 -3.12 -18.74
CA SER E 214 -23.89 -2.07 -19.44
C SER E 214 -22.96 -0.96 -19.84
N PHE E 215 -23.17 -0.45 -21.04
CA PHE E 215 -22.38 0.65 -21.54
C PHE E 215 -23.23 1.88 -21.71
N GLU E 216 -24.35 1.93 -20.99
CA GLU E 216 -25.19 3.11 -21.06
C GLU E 216 -24.35 4.32 -20.69
N PRO E 217 -24.37 5.40 -21.47
CA PRO E 217 -23.60 6.61 -21.27
C PRO E 217 -24.18 7.51 -20.20
N ILE E 218 -24.12 7.06 -18.97
CA ILE E 218 -24.62 7.80 -17.82
C ILE E 218 -23.73 9.04 -17.71
N PRO E 219 -24.24 10.23 -17.38
CA PRO E 219 -23.45 11.44 -17.28
C PRO E 219 -22.27 11.30 -16.36
N ILE E 220 -21.13 11.78 -16.84
CA ILE E 220 -19.87 11.74 -16.14
C ILE E 220 -19.42 13.10 -15.70
N HIS E 221 -19.09 13.23 -14.43
CA HIS E 221 -18.67 14.50 -13.91
C HIS E 221 -17.19 14.50 -13.68
N TYR E 222 -16.47 15.43 -14.31
CA TYR E 222 -15.05 15.53 -14.03
C TYR E 222 -14.92 16.58 -12.98
N CYS E 223 -14.10 16.32 -11.94
CA CYS E 223 -13.91 17.19 -10.80
C CYS E 223 -12.44 17.48 -10.56
N ALA E 224 -12.15 18.72 -10.17
CA ALA E 224 -10.77 19.12 -9.91
C ALA E 224 -10.21 18.52 -8.63
N PRO E 225 -8.92 18.16 -8.61
CA PRO E 225 -8.17 17.72 -7.46
C PRO E 225 -7.84 18.91 -6.59
N ALA E 226 -7.50 18.67 -5.35
CA ALA E 226 -7.15 19.78 -4.48
C ALA E 226 -6.00 20.59 -5.05
N GLY E 227 -6.14 21.91 -4.94
CA GLY E 227 -5.15 22.87 -5.42
C GLY E 227 -5.47 23.37 -6.81
N PHE E 228 -6.49 22.80 -7.44
CA PHE E 228 -6.93 23.14 -8.78
C PHE E 228 -8.38 23.54 -8.83
N ALA E 229 -8.74 24.23 -9.90
CA ALA E 229 -10.12 24.63 -10.09
C ALA E 229 -10.49 24.60 -11.55
N ILE E 230 -11.78 24.43 -11.86
CA ILE E 230 -12.19 24.45 -13.24
C ILE E 230 -12.90 25.74 -13.54
N LEU E 231 -12.43 26.46 -14.53
CA LEU E 231 -13.07 27.69 -14.86
C LEU E 231 -14.00 27.41 -16.02
N LYS E 232 -15.13 28.05 -16.00
CA LYS E 232 -16.12 27.89 -17.04
C LYS E 232 -16.42 29.21 -17.73
N CYS E 233 -16.58 29.17 -19.08
CA CYS E 233 -17.00 30.32 -19.88
C CYS E 233 -18.52 30.30 -20.02
N LYS E 234 -19.16 31.35 -19.55
CA LYS E 234 -20.60 31.51 -19.56
C LYS E 234 -21.10 32.38 -20.69
N ASP E 235 -20.23 32.72 -21.62
CA ASP E 235 -20.63 33.52 -22.75
C ASP E 235 -21.40 32.65 -23.71
N LYS E 236 -22.68 32.95 -23.82
CA LYS E 236 -23.67 32.19 -24.56
C LYS E 236 -23.37 32.06 -26.04
N LYS E 237 -22.62 33.00 -26.58
CA LYS E 237 -22.31 32.98 -27.99
C LYS E 237 -20.84 32.77 -28.25
N PHE E 238 -20.11 32.28 -27.26
CA PHE E 238 -18.68 32.11 -27.41
C PHE E 238 -18.33 31.12 -28.52
N ASN E 239 -17.57 31.60 -29.54
CA ASN E 239 -17.19 30.83 -30.72
C ASN E 239 -15.92 30.00 -30.47
N GLY E 240 -16.00 29.10 -29.48
CA GLY E 240 -14.98 28.11 -29.16
C GLY E 240 -13.79 28.61 -28.38
N THR E 241 -13.05 29.55 -28.94
CA THR E 241 -11.83 30.02 -28.28
C THR E 241 -11.68 31.51 -28.18
N GLY E 242 -10.71 31.94 -27.36
CA GLY E 242 -10.41 33.34 -27.17
C GLY E 242 -10.88 33.78 -25.80
N PRO E 243 -10.81 35.08 -25.47
CA PRO E 243 -11.15 35.62 -24.20
C PRO E 243 -12.65 35.51 -24.00
N CYS E 244 -13.06 35.31 -22.74
CA CYS E 244 -14.43 35.22 -22.29
C CYS E 244 -14.54 36.15 -21.09
N THR E 245 -15.56 36.99 -21.10
CA THR E 245 -15.75 38.03 -20.07
C THR E 245 -16.82 37.69 -19.07
N ASN E 246 -17.33 36.49 -19.15
CA ASN E 246 -18.37 36.04 -18.24
C ASN E 246 -17.89 34.69 -17.80
N VAL E 247 -17.13 34.67 -16.72
CA VAL E 247 -16.43 33.49 -16.25
C VAL E 247 -16.81 33.14 -14.83
N SER E 248 -16.92 31.85 -14.55
CA SER E 248 -17.23 31.38 -13.21
C SER E 248 -16.36 30.20 -12.84
N THR E 249 -16.23 29.96 -11.55
CA THR E 249 -15.44 28.84 -11.06
C THR E 249 -16.32 27.71 -10.57
N VAL E 250 -16.02 26.50 -11.02
CA VAL E 250 -16.79 25.35 -10.59
C VAL E 250 -15.91 24.26 -10.05
N GLN E 251 -16.52 23.36 -9.30
CA GLN E 251 -15.80 22.21 -8.80
C GLN E 251 -15.78 21.02 -9.77
N CYS E 252 -16.91 20.79 -10.49
CA CYS E 252 -17.13 19.69 -11.41
C CYS E 252 -17.77 20.21 -12.70
N THR E 253 -17.69 19.41 -13.76
CA THR E 253 -18.22 19.73 -15.09
C THR E 253 -19.74 19.54 -15.27
N HIS E 254 -20.39 18.99 -14.25
CA HIS E 254 -21.83 18.74 -14.14
C HIS E 254 -22.47 17.65 -15.00
N GLY E 255 -21.67 16.81 -15.61
CA GLY E 255 -22.21 15.65 -16.29
C GLY E 255 -22.25 15.72 -17.80
N ILE E 256 -21.37 14.96 -18.42
CA ILE E 256 -21.25 14.83 -19.84
C ILE E 256 -21.55 13.41 -20.22
N LYS E 257 -22.45 13.18 -21.16
CA LYS E 257 -22.73 11.80 -21.52
C LYS E 257 -21.70 11.34 -22.54
N PRO E 258 -20.91 10.29 -22.28
CA PRO E 258 -19.86 9.79 -23.14
C PRO E 258 -20.45 8.98 -24.29
N VAL E 259 -21.20 9.65 -25.14
CA VAL E 259 -21.83 9.01 -26.28
C VAL E 259 -20.84 8.95 -27.41
N VAL E 260 -20.71 7.78 -28.01
CA VAL E 260 -19.81 7.55 -29.10
C VAL E 260 -20.54 7.45 -30.43
N SER E 261 -20.20 8.33 -31.36
CA SER E 261 -20.85 8.36 -32.66
C SER E 261 -20.01 9.05 -33.73
N THR E 262 -20.45 8.89 -34.98
CA THR E 262 -19.84 9.60 -36.12
C THR E 262 -20.90 10.43 -36.84
N GLN E 263 -20.49 11.47 -37.59
CA GLN E 263 -21.38 12.34 -38.38
C GLN E 263 -22.36 13.18 -37.54
N LEU E 264 -23.24 12.53 -36.80
CA LEU E 264 -24.18 13.21 -35.94
C LEU E 264 -23.87 12.94 -34.49
N LEU E 265 -23.94 13.99 -33.70
CA LEU E 265 -23.70 13.95 -32.28
C LEU E 265 -25.01 13.83 -31.59
N LEU E 266 -25.12 12.75 -30.83
CA LEU E 266 -26.35 12.46 -30.13
C LEU E 266 -26.27 12.75 -28.64
N ASN E 267 -27.43 13.14 -28.04
CA ASN E 267 -27.73 13.37 -26.63
C ASN E 267 -26.76 14.33 -25.92
N GLY E 268 -26.29 15.40 -26.60
CA GLY E 268 -25.37 16.40 -26.06
C GLY E 268 -26.06 17.66 -25.63
N SER E 269 -25.27 18.71 -25.51
CA SER E 269 -25.75 20.00 -25.09
C SER E 269 -26.29 20.79 -26.26
N LEU E 270 -27.18 21.72 -25.96
CA LEU E 270 -27.70 22.65 -26.94
C LEU E 270 -27.21 24.04 -26.66
N ALA E 271 -27.11 24.83 -27.69
CA ALA E 271 -26.79 26.24 -27.58
C ALA E 271 -28.03 26.92 -27.05
N GLU E 272 -27.92 28.03 -26.33
CA GLU E 272 -29.16 28.63 -25.84
C GLU E 272 -29.86 29.61 -26.78
N GLU E 273 -29.10 30.31 -27.61
CA GLU E 273 -29.75 31.33 -28.46
C GLU E 273 -29.52 31.20 -29.95
N GLU E 274 -28.34 30.75 -30.35
CA GLU E 274 -27.97 30.69 -31.76
C GLU E 274 -27.25 29.39 -32.07
N VAL E 275 -27.30 28.97 -33.32
CA VAL E 275 -26.50 27.82 -33.71
C VAL E 275 -25.06 28.29 -33.77
N ILE E 276 -24.17 27.56 -33.13
CA ILE E 276 -22.79 27.99 -33.10
C ILE E 276 -21.89 27.10 -33.92
N ILE E 277 -21.15 27.72 -34.81
CA ILE E 277 -20.27 27.00 -35.69
C ILE E 277 -18.81 27.19 -35.26
N ARG E 278 -18.15 26.09 -34.91
CA ARG E 278 -16.79 26.19 -34.40
C ARG E 278 -15.76 25.40 -35.18
N SER E 279 -14.62 26.00 -35.38
CA SER E 279 -13.50 25.32 -36.00
C SER E 279 -12.19 25.93 -35.64
N GLU E 280 -11.19 25.11 -35.52
CA GLU E 280 -9.85 25.63 -35.29
C GLU E 280 -9.40 26.60 -36.40
N ASN E 281 -9.79 26.32 -37.68
CA ASN E 281 -9.43 27.09 -38.87
C ASN E 281 -10.60 27.08 -39.86
N ILE E 282 -11.46 28.12 -39.86
CA ILE E 282 -12.66 28.25 -40.72
C ILE E 282 -12.32 28.23 -42.18
N THR E 283 -11.22 28.87 -42.49
CA THR E 283 -10.72 29.00 -43.82
C THR E 283 -10.03 27.76 -44.38
N ASN E 284 -9.72 26.76 -43.56
CA ASN E 284 -9.02 25.62 -44.13
C ASN E 284 -10.02 24.54 -44.55
N ASN E 285 -9.52 23.46 -45.13
CA ASN E 285 -10.33 22.31 -45.51
C ASN E 285 -9.72 21.08 -44.88
N ALA E 286 -9.05 21.30 -43.77
CA ALA E 286 -8.36 20.23 -43.08
C ALA E 286 -8.77 20.17 -41.62
N LYS E 287 -9.92 20.73 -41.33
CA LYS E 287 -10.42 20.78 -39.98
C LYS E 287 -11.89 20.44 -40.01
N ASN E 288 -12.37 19.83 -38.95
CA ASN E 288 -13.79 19.57 -38.85
C ASN E 288 -14.49 20.79 -38.33
N ILE E 289 -15.72 20.97 -38.76
CA ILE E 289 -16.55 22.02 -38.27
C ILE E 289 -17.55 21.43 -37.31
N LEU E 290 -17.55 21.92 -36.10
CA LEU E 290 -18.45 21.37 -35.11
C LEU E 290 -19.62 22.30 -35.00
N VAL E 291 -20.81 21.79 -35.24
CA VAL E 291 -21.98 22.65 -35.19
C VAL E 291 -22.86 22.28 -34.02
N GLN E 292 -23.08 23.26 -33.16
CA GLN E 292 -23.91 23.08 -31.98
C GLN E 292 -25.28 23.68 -32.21
N LEU E 293 -26.30 22.86 -32.22
CA LEU E 293 -27.63 23.36 -32.51
C LEU E 293 -28.20 23.99 -31.26
N ASN E 294 -29.14 24.95 -31.40
CA ASN E 294 -29.86 25.55 -30.26
C ASN E 294 -31.22 24.84 -29.98
N GLU E 295 -31.61 23.84 -30.79
CA GLU E 295 -32.83 23.03 -30.68
C GLU E 295 -32.42 21.63 -31.06
N SER E 296 -32.97 20.62 -30.40
CA SER E 296 -32.66 19.25 -30.75
C SER E 296 -33.54 18.73 -31.87
N VAL E 297 -33.06 17.68 -32.54
CA VAL E 297 -33.88 17.00 -33.53
C VAL E 297 -34.12 15.61 -33.01
N GLN E 298 -35.37 15.22 -32.83
CA GLN E 298 -35.58 13.90 -32.27
C GLN E 298 -35.55 12.86 -33.37
N ILE E 299 -34.80 11.80 -33.13
CA ILE E 299 -34.68 10.70 -34.08
C ILE E 299 -35.03 9.32 -33.44
N ASN E 300 -35.92 8.53 -34.10
CA ASN E 300 -36.29 7.19 -33.67
C ASN E 300 -35.38 6.19 -34.39
N CYS E 301 -35.05 5.05 -33.74
CA CYS E 301 -34.31 3.94 -34.35
C CYS E 301 -34.91 2.64 -33.86
N THR E 302 -34.90 1.64 -34.73
CA THR E 302 -35.44 0.34 -34.39
C THR E 302 -34.70 -0.82 -35.01
N ARG E 303 -34.80 -1.98 -34.37
CA ARG E 303 -34.26 -3.19 -34.96
C ARG E 303 -35.30 -4.32 -34.86
N PRO E 304 -36.35 -4.30 -35.69
CA PRO E 304 -37.57 -5.08 -35.60
C PRO E 304 -37.42 -6.51 -36.08
N ASN E 305 -36.53 -7.24 -35.47
CA ASN E 305 -36.31 -8.64 -35.79
C ASN E 305 -36.22 -9.39 -34.48
N ASN E 306 -37.20 -10.27 -34.18
CA ASN E 306 -37.30 -10.93 -32.89
C ASN E 306 -36.36 -12.15 -32.80
N ASN E 307 -35.05 -11.85 -32.74
CA ASN E 307 -33.98 -12.84 -32.58
C ASN E 307 -33.90 -13.22 -31.12
N THR E 308 -33.40 -14.39 -30.86
CA THR E 308 -33.19 -14.83 -29.51
C THR E 308 -31.73 -15.13 -29.30
N ARG E 309 -31.36 -15.30 -28.04
CA ARG E 309 -29.98 -15.61 -27.68
C ARG E 309 -29.75 -17.09 -27.54
N LYS E 310 -28.82 -17.63 -28.33
CA LYS E 310 -28.53 -19.05 -28.28
C LYS E 310 -27.25 -19.26 -27.51
N SER E 311 -27.37 -19.75 -26.29
CA SER E 311 -26.20 -19.87 -25.44
C SER E 311 -25.45 -21.16 -25.69
N ILE E 312 -24.19 -21.04 -26.07
CA ILE E 312 -23.35 -22.19 -26.37
C ILE E 312 -22.22 -22.32 -25.38
N ARG E 313 -22.12 -23.46 -24.73
CA ARG E 313 -21.01 -23.64 -23.81
C ARG E 313 -19.81 -23.92 -24.70
N ILE E 314 -18.70 -23.20 -24.49
CA ILE E 314 -17.55 -23.40 -25.38
C ILE E 314 -16.33 -23.93 -24.65
N GLY E 315 -16.45 -24.10 -23.36
CA GLY E 315 -15.32 -24.54 -22.59
C GLY E 315 -15.69 -24.62 -21.13
N PRO E 316 -14.73 -24.95 -20.26
CA PRO E 316 -14.90 -25.18 -18.85
C PRO E 316 -15.21 -23.92 -18.07
N GLY E 317 -16.45 -23.47 -18.22
CA GLY E 317 -16.98 -22.26 -17.61
C GLY E 317 -17.12 -21.07 -18.57
N GLN E 318 -16.99 -21.32 -19.88
CA GLN E 318 -17.11 -20.22 -20.81
C GLN E 318 -18.28 -20.37 -21.74
N TRP E 319 -18.94 -19.27 -22.01
CA TRP E 319 -20.08 -19.26 -22.91
C TRP E 319 -19.95 -18.27 -24.03
N PHE E 320 -20.46 -18.66 -25.17
CA PHE E 320 -20.57 -17.84 -26.35
C PHE E 320 -22.00 -17.55 -26.64
N TYR E 321 -22.31 -16.31 -26.95
CA TYR E 321 -23.71 -16.01 -27.23
C TYR E 321 -23.92 -15.77 -28.68
N ALA E 322 -24.62 -16.71 -29.30
CA ALA E 322 -24.88 -16.73 -30.71
C ALA E 322 -26.22 -16.12 -31.05
N THR E 323 -26.34 -15.63 -32.27
CA THR E 323 -27.64 -15.19 -32.73
C THR E 323 -28.42 -16.44 -33.04
N GLY E 324 -29.60 -16.58 -32.44
CA GLY E 324 -30.43 -17.75 -32.66
C GLY E 324 -31.39 -17.52 -33.81
N ASP E 325 -32.33 -18.43 -33.97
CA ASP E 325 -33.29 -18.31 -35.06
C ASP E 325 -34.12 -17.06 -34.84
N ILE E 326 -34.50 -16.39 -35.91
CA ILE E 326 -35.35 -15.21 -35.80
C ILE E 326 -36.80 -15.58 -35.90
N ILE E 327 -37.57 -15.11 -34.95
CA ILE E 327 -38.98 -15.34 -34.90
C ILE E 327 -39.69 -14.29 -35.74
N GLY E 328 -40.56 -14.74 -36.63
CA GLY E 328 -41.31 -13.82 -37.48
C GLY E 328 -40.54 -13.48 -38.74
N ASP E 329 -41.08 -12.48 -39.45
CA ASP E 329 -40.58 -12.02 -40.74
C ASP E 329 -39.32 -11.22 -40.52
N ILE E 330 -38.48 -11.10 -41.54
CA ILE E 330 -37.23 -10.35 -41.39
C ILE E 330 -37.21 -9.02 -42.15
N ARG E 331 -36.98 -7.94 -41.39
CA ARG E 331 -37.05 -6.57 -41.89
C ARG E 331 -35.84 -5.69 -41.54
N GLN E 332 -35.74 -4.54 -42.21
CA GLN E 332 -34.66 -3.62 -41.95
C GLN E 332 -34.70 -3.10 -40.53
N ALA E 333 -33.68 -2.33 -40.18
CA ALA E 333 -33.52 -1.75 -38.85
C ALA E 333 -33.23 -0.29 -39.03
N HIS E 334 -34.25 0.44 -39.41
CA HIS E 334 -34.14 1.82 -39.84
C HIS E 334 -34.29 2.86 -38.75
N CYS E 335 -34.16 4.13 -39.16
CA CYS E 335 -34.32 5.27 -38.25
C CYS E 335 -35.19 6.37 -38.92
N ASN E 336 -35.98 7.13 -38.11
CA ASN E 336 -36.97 8.14 -38.55
C ASN E 336 -36.69 9.55 -38.00
N VAL E 337 -36.55 10.52 -38.94
CA VAL E 337 -36.32 11.96 -38.71
C VAL E 337 -37.45 12.81 -39.31
N SER E 338 -38.07 13.71 -38.55
CA SER E 338 -39.17 14.50 -39.12
C SER E 338 -38.65 15.38 -40.24
N LYS E 339 -39.42 15.53 -41.32
CA LYS E 339 -38.95 16.34 -42.44
C LYS E 339 -38.85 17.81 -42.14
N ALA E 340 -39.83 18.35 -41.45
CA ALA E 340 -39.81 19.77 -41.20
C ALA E 340 -38.69 20.15 -40.29
N THR E 341 -38.43 19.31 -39.29
CA THR E 341 -37.42 19.64 -38.34
C THR E 341 -36.08 19.62 -39.02
N TRP E 342 -35.83 18.59 -39.81
CA TRP E 342 -34.56 18.53 -40.50
C TRP E 342 -34.34 19.69 -41.47
N ASN E 343 -35.38 20.03 -42.30
CA ASN E 343 -35.31 21.11 -43.30
C ASN E 343 -35.05 22.47 -42.63
N GLU E 344 -35.70 22.76 -41.47
CA GLU E 344 -35.51 23.98 -40.72
C GLU E 344 -34.15 24.00 -40.08
N THR E 345 -33.72 22.85 -39.55
CA THR E 345 -32.44 22.76 -38.90
C THR E 345 -31.35 23.13 -39.87
N LEU E 346 -31.41 22.63 -41.10
CA LEU E 346 -30.36 23.03 -42.02
C LEU E 346 -30.50 24.51 -42.33
N GLY E 347 -31.71 25.03 -42.48
CA GLY E 347 -31.83 26.45 -42.76
C GLY E 347 -31.18 27.29 -41.67
N LYS E 348 -31.35 26.88 -40.40
CA LYS E 348 -30.73 27.60 -39.30
C LYS E 348 -29.22 27.54 -39.39
N VAL E 349 -28.69 26.37 -39.75
CA VAL E 349 -27.26 26.21 -39.86
C VAL E 349 -26.71 27.07 -40.97
N VAL E 350 -27.39 27.07 -42.10
CA VAL E 350 -26.89 27.83 -43.22
C VAL E 350 -26.90 29.32 -42.92
N LYS E 351 -27.95 29.84 -42.30
CA LYS E 351 -27.95 31.27 -42.03
C LYS E 351 -26.73 31.66 -41.21
N GLN E 352 -26.33 30.82 -40.26
CA GLN E 352 -25.15 31.13 -39.48
C GLN E 352 -23.86 30.81 -40.24
N LEU E 353 -23.90 29.79 -41.09
CA LEU E 353 -22.73 29.36 -41.83
C LEU E 353 -22.31 30.45 -42.78
N ARG E 354 -23.28 31.15 -43.36
CA ARG E 354 -23.03 32.20 -44.33
C ARG E 354 -22.16 33.31 -43.80
N LYS E 355 -22.08 33.48 -42.49
CA LYS E 355 -21.28 34.55 -41.93
C LYS E 355 -19.81 34.42 -42.35
N HIS E 356 -19.39 33.22 -42.72
CA HIS E 356 -18.03 32.99 -43.14
C HIS E 356 -17.87 32.77 -44.66
N PHE E 357 -18.98 32.70 -45.39
CA PHE E 357 -18.92 32.36 -46.82
C PHE E 357 -19.54 33.35 -47.80
N GLY E 358 -20.45 34.21 -47.33
CA GLY E 358 -21.14 35.17 -48.19
C GLY E 358 -22.64 34.95 -48.30
N ASN E 359 -23.36 36.03 -48.55
CA ASN E 359 -24.81 35.98 -48.66
C ASN E 359 -25.31 35.83 -50.08
N ASN E 360 -24.36 35.71 -51.00
CA ASN E 360 -24.64 35.51 -52.40
C ASN E 360 -23.96 34.23 -52.85
N THR E 361 -23.54 33.44 -51.88
CA THR E 361 -22.84 32.20 -52.09
C THR E 361 -23.80 31.04 -52.00
N ILE E 362 -23.81 30.18 -53.01
CA ILE E 362 -24.72 29.06 -52.92
C ILE E 362 -24.06 27.97 -52.10
N ILE E 363 -24.81 27.47 -51.12
CA ILE E 363 -24.32 26.42 -50.24
C ILE E 363 -25.04 25.13 -50.50
N ARG E 364 -24.27 24.09 -50.78
CA ARG E 364 -24.87 22.80 -51.07
C ARG E 364 -24.44 21.75 -50.08
N PHE E 365 -25.37 20.89 -49.74
CA PHE E 365 -25.02 19.79 -48.90
C PHE E 365 -24.84 18.60 -49.77
N ALA E 366 -23.81 17.85 -49.47
CA ALA E 366 -23.45 16.68 -50.23
C ALA E 366 -23.38 15.45 -49.34
N ASN E 367 -23.38 14.30 -50.00
CA ASN E 367 -23.36 13.00 -49.36
C ASN E 367 -21.96 12.65 -48.88
N SER E 368 -21.84 11.49 -48.26
CA SER E 368 -20.59 11.02 -47.73
C SER E 368 -19.53 10.81 -48.77
N SER E 369 -18.30 11.11 -48.40
CA SER E 369 -17.17 10.83 -49.25
C SER E 369 -16.92 9.34 -49.11
N GLY E 370 -16.09 8.73 -50.00
CA GLY E 370 -15.74 7.31 -49.94
C GLY E 370 -15.06 6.92 -48.61
N GLU E 374 -18.24 2.56 -41.53
CA GLU E 374 -17.99 3.11 -40.20
C GLU E 374 -18.10 4.64 -40.13
N VAL E 375 -17.49 5.36 -41.11
CA VAL E 375 -17.45 6.83 -41.18
C VAL E 375 -18.22 7.42 -42.34
N THR E 376 -18.63 6.57 -43.28
CA THR E 376 -19.37 7.02 -44.45
C THR E 376 -20.85 6.90 -44.15
N THR E 377 -21.09 6.41 -42.96
CA THR E 377 -22.37 6.17 -42.36
C THR E 377 -22.42 6.81 -40.99
N HIS E 378 -23.57 6.77 -40.37
CA HIS E 378 -23.74 7.28 -39.02
C HIS E 378 -23.64 6.15 -38.03
N SER E 379 -22.50 6.08 -37.36
CA SER E 379 -22.32 5.01 -36.42
C SER E 379 -22.78 5.40 -35.05
N PHE E 380 -23.49 4.51 -34.40
CA PHE E 380 -23.93 4.68 -33.02
C PHE E 380 -24.29 3.35 -32.41
N ASN E 381 -24.47 3.33 -31.11
CA ASN E 381 -24.91 2.13 -30.44
C ASN E 381 -26.26 2.40 -29.82
N CYS E 382 -27.18 1.46 -29.91
CA CYS E 382 -28.47 1.67 -29.28
C CYS E 382 -29.04 0.36 -28.79
N GLY E 383 -29.34 0.30 -27.50
CA GLY E 383 -29.92 -0.89 -26.92
C GLY E 383 -28.85 -1.95 -26.72
N GLY E 384 -27.61 -1.56 -26.98
CA GLY E 384 -26.46 -2.42 -26.93
C GLY E 384 -26.02 -2.85 -28.33
N GLU E 385 -26.88 -2.68 -29.35
CA GLU E 385 -26.52 -3.08 -30.73
C GLU E 385 -25.81 -1.99 -31.50
N PHE E 386 -24.96 -2.37 -32.44
CA PHE E 386 -24.26 -1.40 -33.25
C PHE E 386 -24.94 -1.12 -34.58
N PHE E 387 -25.23 0.16 -34.81
CA PHE E 387 -25.94 0.63 -35.99
C PHE E 387 -25.07 1.43 -36.91
N TYR E 388 -25.28 1.19 -38.19
CA TYR E 388 -24.62 1.90 -39.28
C TYR E 388 -25.64 2.46 -40.26
N CYS E 389 -26.17 3.67 -39.98
CA CYS E 389 -27.30 4.27 -40.72
C CYS E 389 -26.87 5.07 -41.93
N ASN E 390 -27.64 4.93 -43.00
CA ASN E 390 -27.40 5.64 -44.24
C ASN E 390 -28.01 7.05 -44.18
N THR E 391 -27.14 8.08 -44.18
CA THR E 391 -27.46 9.50 -44.05
C THR E 391 -27.55 10.19 -45.39
N SER E 392 -27.53 9.41 -46.47
CA SER E 392 -27.61 9.97 -47.82
C SER E 392 -28.92 10.69 -48.08
N GLY E 393 -29.93 10.37 -47.29
CA GLY E 393 -31.26 10.97 -47.43
C GLY E 393 -31.30 12.35 -46.77
N LEU E 394 -30.28 12.64 -46.00
CA LEU E 394 -30.10 13.86 -45.27
C LEU E 394 -29.02 14.63 -46.03
N PHE E 395 -28.80 15.89 -45.68
CA PHE E 395 -27.72 16.63 -46.32
C PHE E 395 -27.83 16.72 -47.83
N ASN E 396 -29.03 17.02 -48.30
CA ASN E 396 -29.25 17.19 -49.72
C ASN E 396 -29.57 18.66 -50.04
N SER E 397 -29.77 18.93 -51.32
CA SER E 397 -30.15 20.23 -51.88
C SER E 397 -29.21 21.39 -51.63
N THR E 398 -29.68 22.56 -52.05
CA THR E 398 -28.93 23.80 -51.96
C THR E 398 -29.70 24.88 -51.25
N TRP E 399 -28.95 25.82 -50.71
CA TRP E 399 -29.57 26.94 -50.06
C TRP E 399 -29.02 28.24 -50.65
N ILE E 400 -29.92 29.23 -50.88
CA ILE E 400 -29.65 30.57 -51.44
C ILE E 400 -30.96 31.34 -51.40
N ASP E 415 -44.30 13.25 -44.27
CA ASP E 415 -44.08 13.91 -42.97
C ASP E 415 -42.68 13.64 -42.38
N SER E 416 -42.11 12.43 -42.62
CA SER E 416 -40.82 11.97 -42.08
C SER E 416 -40.00 11.21 -43.09
N ILE E 417 -38.70 11.17 -42.86
CA ILE E 417 -37.78 10.42 -43.69
C ILE E 417 -37.26 9.20 -42.96
N THR E 418 -37.32 8.06 -43.63
CA THR E 418 -36.82 6.81 -43.07
C THR E 418 -35.50 6.44 -43.70
N LEU E 419 -34.50 6.19 -42.88
CA LEU E 419 -33.18 5.84 -43.34
C LEU E 419 -32.89 4.38 -42.98
N PRO E 420 -32.36 3.54 -43.89
CA PRO E 420 -31.97 2.16 -43.64
C PRO E 420 -30.71 2.16 -42.82
N CYS E 421 -30.44 1.09 -42.04
CA CYS E 421 -29.22 0.94 -41.25
C CYS E 421 -28.77 -0.52 -41.30
N ARG E 422 -27.47 -0.74 -41.25
CA ARG E 422 -26.91 -2.08 -41.17
C ARG E 422 -26.43 -2.37 -39.75
N ILE E 423 -26.26 -3.65 -39.44
CA ILE E 423 -25.81 -4.12 -38.14
C ILE E 423 -24.54 -4.94 -38.27
N LYS E 424 -23.59 -4.79 -37.34
CA LYS E 424 -22.38 -5.61 -37.34
C LYS E 424 -22.14 -6.21 -35.96
N GLN E 425 -21.56 -7.42 -35.87
CA GLN E 425 -21.23 -7.96 -34.54
C GLN E 425 -19.75 -7.88 -34.18
N ILE E 426 -18.88 -7.77 -35.18
CA ILE E 426 -17.46 -7.66 -34.88
C ILE E 426 -17.12 -6.20 -34.96
N ILE E 427 -16.71 -5.66 -33.85
CA ILE E 427 -16.47 -4.25 -33.76
C ILE E 427 -15.02 -3.90 -33.51
N ASN E 428 -14.46 -3.12 -34.39
CA ASN E 428 -13.11 -2.63 -34.19
C ASN E 428 -13.31 -1.26 -33.61
N MET E 429 -13.14 -1.10 -32.32
CA MET E 429 -13.50 0.18 -31.79
C MET E 429 -12.45 1.22 -32.06
N TRP E 430 -12.93 2.42 -32.26
CA TRP E 430 -12.16 3.61 -32.54
C TRP E 430 -11.31 3.39 -33.78
N GLN E 431 -10.01 3.55 -33.67
CA GLN E 431 -9.19 3.36 -34.85
C GLN E 431 -8.04 2.43 -34.56
N ARG E 432 -8.36 1.16 -34.48
CA ARG E 432 -7.37 0.15 -34.16
C ARG E 432 -7.58 -0.97 -35.17
N ILE E 433 -6.58 -1.79 -35.38
CA ILE E 433 -6.73 -2.87 -36.33
C ILE E 433 -7.14 -4.17 -35.68
N GLY E 434 -6.51 -4.50 -34.58
CA GLY E 434 -6.82 -5.73 -33.89
C GLY E 434 -7.58 -5.38 -32.64
N GLN E 435 -7.54 -6.28 -31.66
CA GLN E 435 -8.23 -6.08 -30.39
C GLN E 435 -9.70 -5.86 -30.62
N ALA E 436 -10.24 -6.62 -31.55
CA ALA E 436 -11.62 -6.57 -31.93
C ALA E 436 -12.51 -7.18 -30.87
N MET E 437 -13.71 -6.65 -30.79
CA MET E 437 -14.73 -7.11 -29.88
C MET E 437 -15.91 -7.80 -30.55
N TYR E 438 -16.43 -8.84 -29.92
CA TYR E 438 -17.65 -9.45 -30.38
C TYR E 438 -18.79 -8.97 -29.53
N ALA E 439 -19.77 -8.41 -30.19
CA ALA E 439 -20.92 -7.90 -29.51
C ALA E 439 -21.97 -8.99 -29.52
N PRO E 440 -22.37 -9.54 -28.38
CA PRO E 440 -23.33 -10.59 -28.34
C PRO E 440 -24.60 -9.91 -28.76
N PRO E 441 -25.55 -10.63 -29.34
CA PRO E 441 -26.84 -10.13 -29.75
C PRO E 441 -27.68 -9.86 -28.55
N ILE E 442 -28.58 -8.91 -28.68
CA ILE E 442 -29.51 -8.69 -27.59
C ILE E 442 -30.71 -9.57 -27.82
N GLN E 443 -31.37 -9.93 -26.73
CA GLN E 443 -32.57 -10.75 -26.76
C GLN E 443 -33.80 -9.90 -27.03
N GLY E 444 -34.59 -10.26 -28.04
CA GLY E 444 -35.79 -9.51 -28.33
C GLY E 444 -35.58 -8.32 -29.27
N VAL E 445 -36.55 -7.42 -29.26
CA VAL E 445 -36.62 -6.29 -30.18
C VAL E 445 -36.47 -4.97 -29.46
N ILE E 446 -35.72 -4.07 -30.07
CA ILE E 446 -35.48 -2.76 -29.49
C ILE E 446 -35.87 -1.58 -30.34
N ARG E 447 -36.06 -0.50 -29.61
CA ARG E 447 -36.33 0.84 -30.11
C ARG E 447 -35.49 1.76 -29.28
N CYS E 448 -35.08 2.86 -29.86
CA CYS E 448 -34.38 3.89 -29.13
C CYS E 448 -34.78 5.22 -29.68
N VAL E 449 -34.88 6.21 -28.80
CA VAL E 449 -35.18 7.54 -29.28
C VAL E 449 -34.07 8.44 -28.77
N SER E 450 -33.40 9.09 -29.69
CA SER E 450 -32.26 9.91 -29.35
C SER E 450 -32.45 11.34 -29.87
N ASN E 451 -31.68 12.28 -29.31
CA ASN E 451 -31.66 13.68 -29.75
C ASN E 451 -30.38 13.97 -30.53
N ILE E 452 -30.52 14.62 -31.71
CA ILE E 452 -29.39 15.10 -32.50
C ILE E 452 -29.16 16.48 -31.97
N THR E 453 -28.01 16.69 -31.39
CA THR E 453 -27.71 17.96 -30.75
C THR E 453 -26.64 18.71 -31.50
N GLY E 454 -25.94 18.02 -32.37
CA GLY E 454 -24.91 18.68 -33.14
C GLY E 454 -24.44 17.83 -34.28
N LEU E 455 -23.69 18.47 -35.16
CA LEU E 455 -23.18 17.83 -36.36
C LEU E 455 -21.69 18.02 -36.55
N ILE E 456 -21.05 17.05 -37.20
CA ILE E 456 -19.68 17.29 -37.61
C ILE E 456 -19.63 17.34 -39.12
N LEU E 457 -19.25 18.49 -39.64
CA LEU E 457 -19.22 18.72 -41.08
C LEU E 457 -17.84 19.06 -41.61
N THR E 458 -17.58 18.73 -42.87
CA THR E 458 -16.33 19.11 -43.51
C THR E 458 -16.59 19.80 -44.83
N ARG E 459 -15.54 20.40 -45.43
CA ARG E 459 -15.66 21.05 -46.73
C ARG E 459 -14.70 20.42 -47.73
N ASP E 460 -15.06 20.47 -49.05
CA ASP E 460 -14.25 20.01 -50.18
C ASP E 460 -13.05 20.96 -50.38
N THR E 467 -16.36 30.17 -55.71
CA THR E 467 -17.62 30.38 -56.38
C THR E 467 -18.77 30.01 -55.40
N THR E 468 -19.11 28.70 -55.33
CA THR E 468 -20.11 28.10 -54.44
C THR E 468 -19.40 27.06 -53.61
N GLU E 469 -20.02 26.62 -52.53
CA GLU E 469 -19.32 25.64 -51.70
C GLU E 469 -20.18 24.50 -51.23
N THR E 470 -19.52 23.39 -50.95
CA THR E 470 -20.17 22.19 -50.46
C THR E 470 -19.70 21.78 -49.09
N PHE E 471 -20.61 21.14 -48.38
CA PHE E 471 -20.37 20.57 -47.06
C PHE E 471 -20.79 19.11 -47.01
N ARG E 472 -20.03 18.31 -46.27
CA ARG E 472 -20.34 16.89 -46.13
C ARG E 472 -20.30 16.45 -44.67
N PRO E 473 -21.05 15.43 -44.26
CA PRO E 473 -20.97 14.82 -42.97
C PRO E 473 -19.60 14.20 -42.73
N GLY E 474 -19.10 14.27 -41.47
CA GLY E 474 -17.86 13.65 -41.04
C GLY E 474 -17.78 13.63 -39.51
N MET E 478 -12.39 11.07 -33.06
CA MET E 478 -13.37 10.79 -32.01
C MET E 478 -13.39 11.89 -30.91
N ARG E 479 -12.24 12.58 -30.70
CA ARG E 479 -12.04 13.61 -29.67
C ARG E 479 -13.00 14.77 -29.84
N ASP E 480 -13.39 15.03 -31.07
CA ASP E 480 -14.30 16.09 -31.40
C ASP E 480 -15.65 15.90 -30.73
N ASN E 481 -16.01 14.66 -30.39
CA ASN E 481 -17.28 14.45 -29.77
C ASN E 481 -17.29 15.00 -28.37
N TRP E 482 -16.11 15.18 -27.80
CA TRP E 482 -16.01 15.66 -26.46
C TRP E 482 -15.58 17.10 -26.48
N ARG E 483 -14.91 17.53 -27.54
CA ARG E 483 -14.56 18.95 -27.62
C ARG E 483 -15.82 19.75 -27.68
N SER E 484 -16.86 19.19 -28.28
CA SER E 484 -18.15 19.83 -28.40
C SER E 484 -18.88 19.97 -27.05
N GLU E 485 -18.44 19.25 -26.03
CA GLU E 485 -19.03 19.30 -24.70
C GLU E 485 -18.14 20.03 -23.68
N LEU E 486 -16.83 20.01 -23.89
CA LEU E 486 -15.92 20.58 -22.92
C LEU E 486 -15.24 21.86 -23.40
N TYR E 487 -15.81 22.53 -24.38
CA TYR E 487 -15.25 23.76 -24.95
C TYR E 487 -15.25 24.91 -23.99
N LYS E 488 -16.09 24.82 -23.01
CA LYS E 488 -16.26 25.86 -22.04
C LYS E 488 -15.44 25.65 -20.81
N TYR E 489 -14.69 24.55 -20.71
CA TYR E 489 -13.97 24.35 -19.46
C TYR E 489 -12.47 24.47 -19.59
N LYS E 490 -11.87 25.02 -18.55
CA LYS E 490 -10.43 25.13 -18.46
C LYS E 490 -9.93 24.75 -17.06
N VAL E 491 -8.78 24.09 -16.96
CA VAL E 491 -8.24 23.76 -15.64
C VAL E 491 -7.08 24.63 -15.27
N VAL E 492 -7.14 25.22 -14.09
CA VAL E 492 -6.05 26.06 -13.64
C VAL E 492 -5.56 25.63 -12.27
N LYS E 493 -4.31 25.91 -12.00
CA LYS E 493 -3.65 25.61 -10.74
C LYS E 493 -3.62 26.84 -9.90
N ILE E 494 -3.94 26.70 -8.63
CA ILE E 494 -3.94 27.83 -7.73
C ILE E 494 -2.61 27.99 -7.05
N GLU E 495 -2.10 29.22 -7.07
CA GLU E 495 -0.83 29.56 -6.45
C GLU E 495 -1.04 30.65 -5.41
N PRO E 496 -1.36 30.29 -4.17
CA PRO E 496 -1.82 31.15 -3.11
C PRO E 496 -0.79 32.09 -2.51
N LEU E 497 0.49 31.95 -2.84
CA LEU E 497 1.46 32.84 -2.22
C LEU E 497 1.86 34.03 -3.08
N GLY E 498 1.61 35.24 -2.57
CA GLY E 498 1.94 36.46 -3.31
C GLY E 498 2.87 37.38 -2.52
N VAL E 499 3.47 38.34 -3.22
CA VAL E 499 4.38 39.33 -2.64
C VAL E 499 3.97 40.73 -3.10
N ALA E 500 3.97 41.72 -2.21
CA ALA E 500 3.63 43.10 -2.59
C ALA E 500 4.26 44.07 -1.57
N PRO E 501 4.54 45.36 -1.93
CA PRO E 501 5.01 46.41 -1.04
C PRO E 501 3.98 47.04 -0.14
N THR E 502 4.41 47.44 1.03
CA THR E 502 3.60 48.28 1.93
C THR E 502 4.48 48.98 2.96
N ARG E 503 3.86 49.46 4.04
CA ARG E 503 4.60 50.20 5.06
C ARG E 503 4.53 49.62 6.49
N CYS E 504 5.14 48.42 6.70
CA CYS E 504 5.19 47.70 7.97
C CYS E 504 6.47 46.86 8.01
N LYS E 505 7.02 46.64 9.20
CA LYS E 505 8.21 45.80 9.33
C LYS E 505 8.47 45.45 10.79
N ARG E 506 9.27 44.39 11.04
CA ARG E 506 9.79 44.05 12.37
C ARG E 506 10.92 43.04 12.21
N MET F 19 31.50 23.35 16.89
CA MET F 19 30.12 23.27 16.40
C MET F 19 29.52 24.67 16.02
N GLY F 20 30.23 25.77 16.33
CA GLY F 20 29.87 27.15 16.01
C GLY F 20 29.87 27.40 14.51
N ALA F 21 30.99 27.12 13.86
CA ALA F 21 31.07 27.38 12.42
C ALA F 21 30.03 26.55 11.68
N ALA F 22 29.80 25.35 12.18
CA ALA F 22 28.91 24.38 11.60
C ALA F 22 27.46 24.81 11.63
N SER F 23 27.17 25.78 12.47
CA SER F 23 25.84 26.26 12.69
C SER F 23 25.67 27.70 12.25
N MET F 24 26.61 28.24 11.44
CA MET F 24 26.45 29.62 10.97
C MET F 24 25.17 29.75 10.16
N THR F 25 24.88 28.71 9.41
CA THR F 25 23.65 28.62 8.68
C THR F 25 23.07 27.26 8.87
N LEU F 26 21.83 27.27 9.24
CA LEU F 26 21.05 26.09 9.43
C LEU F 26 19.95 26.03 8.41
N THR F 27 20.07 26.84 7.35
CA THR F 27 19.00 26.85 6.38
C THR F 27 19.31 26.05 5.14
N VAL F 28 20.55 25.98 4.74
CA VAL F 28 20.83 25.31 3.47
C VAL F 28 20.54 23.83 3.55
N GLN F 29 20.73 23.26 4.72
CA GLN F 29 20.46 21.86 4.98
C GLN F 29 19.07 21.60 5.55
N ALA F 30 18.30 22.67 5.74
CA ALA F 30 16.96 22.54 6.30
C ALA F 30 15.94 22.65 5.18
N ARG F 31 16.29 23.44 4.19
CA ARG F 31 15.45 23.71 3.05
C ARG F 31 15.56 22.58 2.06
N ASN F 32 14.61 22.53 1.14
CA ASN F 32 14.62 21.54 0.08
C ASN F 32 14.68 20.11 0.57
N LEU F 33 13.98 19.81 1.66
CA LEU F 33 13.91 18.42 2.12
C LEU F 33 12.60 17.87 1.58
N LEU F 34 11.92 18.76 0.89
CA LEU F 34 10.67 18.63 0.21
C LEU F 34 10.92 19.20 -1.17
N SER F 35 11.50 18.43 -2.06
CA SER F 35 11.90 19.00 -3.35
C SER F 35 11.69 18.04 -4.52
N GLY F 36 12.12 18.47 -5.74
CA GLY F 36 11.97 17.74 -6.98
C GLY F 36 10.76 18.30 -7.73
N TRP F 60 7.60 -2.26 -9.17
CA TRP F 60 6.87 -1.33 -10.03
C TRP F 60 7.15 0.15 -9.56
N GLY F 61 6.19 1.10 -9.72
CA GLY F 61 6.36 2.53 -9.37
C GLY F 61 5.95 2.83 -7.94
N ILE F 62 5.53 1.80 -7.23
CA ILE F 62 5.07 1.95 -5.86
C ILE F 62 6.22 2.39 -5.02
N LYS F 63 7.39 1.84 -5.27
CA LYS F 63 8.52 2.24 -4.50
C LYS F 63 8.82 3.73 -4.64
N GLN F 64 8.47 4.37 -5.77
CA GLN F 64 8.73 5.80 -5.85
C GLN F 64 7.76 6.49 -4.89
N LEU F 65 6.53 5.99 -4.80
CA LEU F 65 5.60 6.58 -3.85
C LEU F 65 6.10 6.39 -2.45
N GLN F 66 6.65 5.22 -2.17
CA GLN F 66 7.10 4.99 -0.82
C GLN F 66 8.20 5.97 -0.47
N ALA F 67 9.09 6.26 -1.42
CA ALA F 67 10.14 7.21 -1.15
C ALA F 67 9.59 8.60 -0.86
N ARG F 68 8.55 9.00 -1.58
CA ARG F 68 7.97 10.32 -1.40
C ARG F 68 7.18 10.42 -0.12
N VAL F 69 6.43 9.38 0.21
CA VAL F 69 5.64 9.38 1.41
C VAL F 69 6.54 9.43 2.58
N LEU F 70 7.61 8.64 2.56
CA LEU F 70 8.53 8.65 3.66
C LEU F 70 9.16 10.01 3.84
N ALA F 71 9.58 10.67 2.75
CA ALA F 71 10.20 11.96 2.95
C ALA F 71 9.27 12.91 3.67
N VAL F 72 7.99 12.87 3.31
CA VAL F 72 7.04 13.73 3.98
C VAL F 72 6.89 13.35 5.43
N GLU F 73 6.76 12.06 5.72
CA GLU F 73 6.60 11.66 7.09
C GLU F 73 7.78 12.05 7.95
N ARG F 74 8.99 11.91 7.44
CA ARG F 74 10.13 12.26 8.27
C ARG F 74 10.14 13.75 8.52
N TYR F 75 9.82 14.54 7.50
CA TYR F 75 9.77 15.97 7.65
C TYR F 75 8.78 16.36 8.73
N LEU F 76 7.57 15.81 8.64
CA LEU F 76 6.56 16.17 9.60
C LEU F 76 6.88 15.70 10.98
N ARG F 77 7.53 14.56 11.14
CA ARG F 77 7.84 14.12 12.46
C ARG F 77 8.77 15.10 13.14
N ASP F 78 9.76 15.60 12.42
CA ASP F 78 10.65 16.54 13.07
C ASP F 78 9.94 17.83 13.40
N GLN F 79 9.05 18.28 12.53
CA GLN F 79 8.34 19.51 12.83
C GLN F 79 7.40 19.32 13.99
N GLN F 80 6.81 18.14 14.09
CA GLN F 80 5.90 17.83 15.18
C GLN F 80 6.64 17.94 16.49
N LEU F 81 7.86 17.38 16.53
CA LEU F 81 8.62 17.43 17.77
C LEU F 81 8.98 18.83 18.13
N LEU F 82 9.36 19.66 17.17
CA LEU F 82 9.69 21.00 17.58
C LEU F 82 8.47 21.72 18.11
N GLY F 83 7.32 21.48 17.49
CA GLY F 83 6.12 22.15 17.94
C GLY F 83 5.81 21.85 19.39
N ILE F 84 5.84 20.59 19.78
CA ILE F 84 5.53 20.24 21.15
C ILE F 84 6.59 20.64 22.17
N TRP F 85 7.73 21.18 21.72
CA TRP F 85 8.77 21.65 22.61
C TRP F 85 8.77 23.17 22.64
N GLY F 86 7.81 23.77 21.94
CA GLY F 86 7.71 25.22 21.84
C GLY F 86 8.73 25.90 20.91
N CYS F 87 9.25 25.18 19.88
CA CYS F 87 10.28 25.65 18.96
C CYS F 87 9.76 25.68 17.53
N SER F 88 8.46 25.80 17.38
CA SER F 88 7.94 25.84 16.03
C SER F 88 8.47 27.08 15.34
N GLY F 89 8.96 26.91 14.12
CA GLY F 89 9.43 28.05 13.35
C GLY F 89 10.83 28.51 13.70
N LYS F 90 11.50 27.80 14.59
CA LYS F 90 12.82 28.24 14.98
C LYS F 90 13.86 27.21 14.59
N LEU F 91 15.08 27.65 14.35
CA LEU F 91 16.15 26.72 14.08
C LEU F 91 16.96 26.56 15.33
N ILE F 92 17.01 27.62 16.13
CA ILE F 92 17.72 27.59 17.39
C ILE F 92 16.78 28.07 18.48
N CYS F 93 16.56 27.28 19.55
CA CYS F 93 15.67 27.67 20.65
C CYS F 93 16.19 27.25 22.02
N CYS F 94 15.99 28.13 22.97
CA CYS F 94 16.37 27.89 24.35
C CYS F 94 15.22 27.20 25.05
N THR F 95 15.51 26.41 26.05
CA THR F 95 14.45 25.73 26.76
C THR F 95 14.62 25.93 28.23
N ASN F 96 13.71 25.33 29.00
CA ASN F 96 13.75 25.38 30.44
C ASN F 96 14.21 24.06 31.05
N VAL F 97 14.84 23.21 30.27
CA VAL F 97 15.35 21.97 30.81
C VAL F 97 16.84 22.15 31.08
N PRO F 98 17.32 22.02 32.33
CA PRO F 98 18.70 22.16 32.71
C PRO F 98 19.51 21.09 32.07
N TRP F 99 20.77 21.36 31.80
CA TRP F 99 21.63 20.32 31.28
C TRP F 99 22.21 19.54 32.46
N ASN F 100 22.14 18.19 32.43
CA ASN F 100 22.66 17.29 33.45
C ASN F 100 24.11 16.89 33.12
N SER F 101 24.99 16.84 34.16
CA SER F 101 26.40 16.40 34.09
C SER F 101 26.48 14.90 33.79
N THR F 102 25.36 14.25 34.01
CA THR F 102 25.13 12.84 33.74
C THR F 102 25.20 12.59 32.25
N TRP F 103 24.67 13.54 31.48
CA TRP F 103 24.62 13.42 30.05
C TRP F 103 26.00 13.72 29.51
N SER F 104 26.60 14.79 30.03
CA SER F 104 27.95 15.21 29.65
C SER F 104 28.59 16.08 30.70
N ASN F 105 29.88 15.85 30.94
CA ASN F 105 30.61 16.64 31.90
C ASN F 105 31.72 17.48 31.27
N ARG F 106 31.61 17.75 29.99
CA ARG F 106 32.60 18.59 29.31
C ARG F 106 32.11 20.05 29.44
N ASN F 107 33.02 21.02 29.46
CA ASN F 107 32.61 22.40 29.61
C ASN F 107 32.09 22.97 28.30
N LEU F 108 31.62 24.22 28.27
CA LEU F 108 31.16 24.75 26.98
C LEU F 108 32.32 24.92 26.05
N SER F 109 33.47 25.26 26.60
CA SER F 109 34.63 25.38 25.77
C SER F 109 34.89 23.94 25.44
N GLU F 110 35.62 23.65 24.38
CA GLU F 110 35.86 22.26 23.96
C GLU F 110 34.59 21.64 23.33
N ILE F 111 33.42 21.66 23.99
CA ILE F 111 32.21 21.13 23.36
C ILE F 111 31.86 21.91 22.13
N TRP F 112 31.88 23.22 22.23
CA TRP F 112 31.47 24.04 21.13
C TRP F 112 32.54 24.46 20.15
N ASP F 113 33.78 24.09 20.38
CA ASP F 113 34.85 24.56 19.50
C ASP F 113 35.59 23.43 18.78
N ASN F 114 36.57 22.80 19.38
CA ASN F 114 37.35 21.77 18.70
C ASN F 114 36.66 20.42 18.78
N MET F 115 35.51 20.33 18.12
CA MET F 115 34.67 19.15 18.12
C MET F 115 33.63 19.33 17.05
N THR F 116 32.99 18.25 16.61
CA THR F 116 31.87 18.45 15.72
C THR F 116 30.65 17.69 16.16
N TRP F 117 29.60 17.90 15.42
CA TRP F 117 28.31 17.34 15.74
C TRP F 117 28.24 15.83 15.63
N LEU F 118 29.05 15.22 14.78
CA LEU F 118 28.94 13.78 14.63
C LEU F 118 29.36 13.04 15.90
N GLN F 119 30.51 13.40 16.48
CA GLN F 119 30.88 12.71 17.69
C GLN F 119 30.08 13.19 18.85
N TRP F 120 29.57 14.42 18.78
CA TRP F 120 28.75 14.90 19.87
C TRP F 120 27.51 14.03 19.98
N ASP F 121 26.88 13.78 18.83
CA ASP F 121 25.66 12.99 18.83
C ASP F 121 25.95 11.59 19.34
N LYS F 122 27.11 11.04 19.02
CA LYS F 122 27.41 9.72 19.51
C LYS F 122 27.57 9.73 21.02
N GLU F 123 28.25 10.74 21.56
CA GLU F 123 28.49 10.78 23.00
C GLU F 123 27.24 10.84 23.84
N ILE F 124 26.21 11.51 23.35
CA ILE F 124 24.99 11.61 24.15
C ILE F 124 23.84 10.82 23.55
N SER F 125 24.15 9.85 22.70
CA SER F 125 23.09 9.08 22.03
C SER F 125 22.16 8.27 22.92
N ASN F 126 22.58 7.90 24.15
CA ASN F 126 21.77 7.12 25.10
C ASN F 126 20.78 7.98 25.92
N TYR F 127 20.82 9.33 25.77
CA TYR F 127 20.00 10.26 26.55
C TYR F 127 18.97 10.99 25.73
N THR F 128 18.82 10.66 24.46
CA THR F 128 17.92 11.43 23.65
C THR F 128 16.49 11.20 24.05
N GLN F 129 16.18 9.99 24.47
CA GLN F 129 14.82 9.72 24.87
C GLN F 129 14.49 10.50 26.12
N ILE F 130 15.48 10.62 26.99
CA ILE F 130 15.33 11.32 28.25
C ILE F 130 15.13 12.79 28.03
N ILE F 131 15.98 13.36 27.20
CA ILE F 131 15.90 14.77 26.96
C ILE F 131 14.61 15.11 26.30
N TYR F 132 14.19 14.34 25.32
CA TYR F 132 12.96 14.68 24.68
C TYR F 132 11.81 14.62 25.66
N GLY F 133 11.79 13.61 26.54
CA GLY F 133 10.69 13.55 27.49
C GLY F 133 10.67 14.77 28.39
N LEU F 134 11.83 15.24 28.81
CA LEU F 134 11.89 16.40 29.67
C LEU F 134 11.41 17.64 28.93
N LEU F 135 11.76 17.76 27.67
CA LEU F 135 11.33 18.93 26.94
C LEU F 135 9.83 18.94 26.82
N GLU F 136 9.23 17.78 26.60
CA GLU F 136 7.79 17.71 26.48
C GLU F 136 7.07 18.12 27.75
N GLU F 137 7.59 17.70 28.88
CA GLU F 137 6.95 18.05 30.13
C GLU F 137 7.07 19.52 30.44
N SER F 138 8.23 20.10 30.13
CA SER F 138 8.41 21.50 30.41
C SER F 138 7.51 22.35 29.54
N GLN F 139 7.33 21.97 28.28
CA GLN F 139 6.49 22.80 27.44
C GLN F 139 5.07 22.78 27.88
N ASN F 140 4.59 21.62 28.30
CA ASN F 140 3.22 21.54 28.71
C ASN F 140 2.97 22.39 29.93
N GLN F 141 3.89 22.36 30.89
CA GLN F 141 3.66 23.17 32.06
C GLN F 141 3.76 24.64 31.72
N GLN F 142 4.67 25.01 30.83
CA GLN F 142 4.78 26.42 30.50
C GLN F 142 3.52 26.94 29.86
N GLU F 143 2.90 26.18 28.97
CA GLU F 143 1.70 26.71 28.36
C GLU F 143 0.60 26.87 29.37
N LYS F 144 0.50 25.95 30.33
CA LYS F 144 -0.52 26.13 31.34
C LYS F 144 -0.26 27.39 32.15
N ASN F 145 1.00 27.64 32.49
CA ASN F 145 1.29 28.80 33.30
C ASN F 145 0.95 30.08 32.55
N GLU F 146 1.23 30.10 31.24
CA GLU F 146 0.92 31.28 30.47
C GLU F 146 -0.58 31.50 30.39
N GLN F 147 -1.36 30.42 30.23
CA GLN F 147 -2.80 30.54 30.15
C GLN F 147 -3.35 31.16 31.42
N ASP F 148 -2.81 30.75 32.57
CA ASP F 148 -3.33 31.28 33.80
C ASP F 148 -2.95 32.74 33.99
N LEU F 149 -1.72 33.13 33.62
CA LEU F 149 -1.35 34.52 33.81
C LEU F 149 -2.13 35.42 32.89
N LEU F 150 -2.38 34.94 31.69
CA LEU F 150 -3.10 35.71 30.73
C LEU F 150 -4.54 35.89 31.21
N ALA F 151 -5.14 34.85 31.77
CA ALA F 151 -6.49 34.97 32.33
C ALA F 151 -6.56 35.90 33.54
N LEU F 152 -5.52 35.89 34.39
CA LEU F 152 -5.56 36.74 35.58
C LEU F 152 -5.56 38.26 35.35
N ASP F 153 -4.81 38.76 34.34
CA ASP F 153 -4.69 40.19 34.02
C ASP F 153 -5.74 40.66 32.96
N PHE G 11 -15.10 31.74 -2.84
CA PHE G 11 -13.78 31.14 -2.93
C PHE G 11 -12.85 32.07 -3.72
N LEU G 12 -12.93 32.08 -5.07
CA LEU G 12 -12.12 32.94 -5.95
C LEU G 12 -12.94 34.11 -6.42
N GLY G 13 -14.06 34.36 -5.77
CA GLY G 13 -14.94 35.45 -6.15
C GLY G 13 -14.20 36.78 -6.18
N ALA G 14 -13.19 36.93 -5.34
CA ALA G 14 -12.40 38.15 -5.24
C ALA G 14 -11.31 38.26 -6.29
N ALA G 15 -11.17 37.29 -7.16
CA ALA G 15 -10.11 37.32 -8.14
C ALA G 15 -10.16 38.55 -9.03
N GLY G 16 -11.34 39.08 -9.32
CA GLY G 16 -11.42 40.25 -10.17
C GLY G 16 -11.38 41.56 -9.37
N SER G 17 -11.28 41.47 -8.05
CA SER G 17 -11.28 42.65 -7.20
C SER G 17 -9.86 43.15 -7.04
N THR G 18 -9.71 44.40 -6.68
CA THR G 18 -8.36 44.86 -6.57
C THR G 18 -7.69 44.39 -5.31
N MET G 19 -6.38 44.47 -5.32
CA MET G 19 -5.62 44.03 -4.18
C MET G 19 -5.99 44.97 -3.08
N GLY G 20 -6.08 44.47 -1.87
CA GLY G 20 -6.46 45.29 -0.74
C GLY G 20 -7.93 45.07 -0.42
N ALA G 21 -8.68 44.55 -1.39
CA ALA G 21 -10.07 44.20 -1.23
C ALA G 21 -10.10 42.72 -1.37
N ALA G 22 -9.27 42.29 -2.31
CA ALA G 22 -9.09 40.90 -2.65
C ALA G 22 -8.18 40.24 -1.65
N SER G 23 -7.65 41.07 -0.77
CA SER G 23 -6.77 40.69 0.30
C SER G 23 -7.58 40.34 1.53
N MET G 24 -8.88 40.54 1.47
CA MET G 24 -9.71 40.26 2.61
C MET G 24 -10.18 38.85 2.51
N THR G 25 -10.30 38.21 3.64
CA THR G 25 -10.75 36.83 3.71
C THR G 25 -9.86 35.92 2.89
N LEU G 26 -8.56 35.98 3.15
CA LEU G 26 -7.59 35.13 2.48
C LEU G 26 -7.78 33.70 2.92
N THR G 27 -8.46 33.52 4.04
CA THR G 27 -8.72 32.24 4.63
C THR G 27 -9.57 31.38 3.76
N VAL G 28 -10.45 31.96 2.97
CA VAL G 28 -11.29 31.11 2.18
C VAL G 28 -10.47 30.36 1.15
N GLN G 29 -9.35 30.92 0.72
CA GLN G 29 -8.56 30.25 -0.26
C GLN G 29 -7.52 29.37 0.35
N ALA G 30 -7.41 29.37 1.66
CA ALA G 30 -6.41 28.58 2.33
C ALA G 30 -6.99 27.26 2.78
N ARG G 31 -8.20 27.29 3.34
CA ARG G 31 -8.71 26.04 3.91
C ARG G 31 -9.05 25.06 2.79
N ASN G 32 -9.32 25.62 1.62
CA ASN G 32 -9.75 24.87 0.49
C ASN G 32 -8.60 24.31 -0.30
N LEU G 33 -7.39 24.42 0.23
CA LEU G 33 -6.25 23.82 -0.42
C LEU G 33 -6.10 22.39 0.06
N LEU G 34 -6.60 22.06 1.26
CA LEU G 34 -6.47 20.68 1.74
C LEU G 34 -7.76 19.91 1.66
N SER G 35 -8.90 20.58 1.78
CA SER G 35 -10.17 19.88 1.75
C SER G 35 -11.16 20.50 0.77
N GLY G 36 -11.41 19.80 -0.37
CA GLY G 36 -12.30 20.25 -1.45
C GLY G 36 -11.69 21.41 -2.23
N TRP G 60 -4.03 1.69 -11.69
CA TRP G 60 -5.46 1.91 -11.77
C TRP G 60 -5.84 3.07 -10.83
N GLY G 61 -5.83 2.83 -9.48
CA GLY G 61 -6.16 3.82 -8.45
C GLY G 61 -4.91 4.58 -8.02
N ILE G 62 -3.81 4.23 -8.63
CA ILE G 62 -2.51 4.80 -8.34
C ILE G 62 -2.50 6.24 -8.70
N LYS G 63 -3.16 6.59 -9.79
CA LYS G 63 -3.17 7.97 -10.18
C LYS G 63 -3.82 8.84 -9.12
N GLN G 64 -4.82 8.32 -8.40
CA GLN G 64 -5.47 9.14 -7.39
C GLN G 64 -4.61 9.18 -6.15
N LEU G 65 -3.89 8.11 -5.88
CA LEU G 65 -3.01 8.09 -4.75
C LEU G 65 -1.91 9.10 -5.00
N GLN G 66 -1.40 9.15 -6.22
CA GLN G 66 -0.37 10.10 -6.56
C GLN G 66 -0.91 11.52 -6.47
N ALA G 67 -2.17 11.74 -6.88
CA ALA G 67 -2.72 13.07 -6.80
C ALA G 67 -2.77 13.56 -5.35
N ARG G 68 -3.11 12.66 -4.42
CA ARG G 68 -3.18 13.05 -3.02
C ARG G 68 -1.80 13.37 -2.50
N VAL G 69 -0.81 12.58 -2.89
CA VAL G 69 0.54 12.84 -2.44
C VAL G 69 1.01 14.15 -2.99
N LEU G 70 0.73 14.43 -4.25
CA LEU G 70 1.17 15.67 -4.83
C LEU G 70 0.56 16.86 -4.15
N ALA G 71 -0.75 16.83 -3.86
CA ALA G 71 -1.34 17.97 -3.21
C ALA G 71 -0.68 18.22 -1.87
N VAL G 72 -0.34 17.14 -1.15
CA VAL G 72 0.34 17.31 0.12
C VAL G 72 1.70 17.89 -0.07
N GLU G 73 2.46 17.40 -1.04
CA GLU G 73 3.77 17.95 -1.22
C GLU G 73 3.71 19.40 -1.61
N ARG G 74 2.77 19.80 -2.47
CA ARG G 74 2.75 21.19 -2.85
C ARG G 74 2.40 22.06 -1.67
N TYR G 75 1.47 21.60 -0.84
CA TYR G 75 1.10 22.35 0.33
C TYR G 75 2.29 22.55 1.21
N LEU G 76 3.02 21.47 1.49
CA LEU G 76 4.15 21.60 2.36
C LEU G 76 5.27 22.39 1.76
N ARG G 77 5.48 22.33 0.45
CA ARG G 77 6.55 23.13 -0.08
C ARG G 77 6.27 24.60 0.18
N ASP G 78 5.01 25.03 0.02
CA ASP G 78 4.70 26.41 0.30
C ASP G 78 4.80 26.72 1.78
N GLN G 79 4.38 25.79 2.63
CA GLN G 79 4.48 26.07 4.04
C GLN G 79 5.91 26.12 4.49
N GLN G 80 6.79 25.28 3.94
CA GLN G 80 8.17 25.35 4.36
C GLN G 80 8.76 26.67 3.93
N LEU G 81 8.38 27.14 2.74
CA LEU G 81 8.94 28.38 2.28
C LEU G 81 8.53 29.50 3.21
N LEU G 82 7.28 29.54 3.64
CA LEU G 82 6.88 30.56 4.59
C LEU G 82 7.51 30.35 5.94
N GLY G 83 7.62 29.10 6.33
CA GLY G 83 8.16 28.71 7.62
C GLY G 83 9.62 29.07 7.81
N ILE G 84 10.39 29.12 6.74
CA ILE G 84 11.79 29.44 6.85
C ILE G 84 12.02 30.95 6.97
N TRP G 85 10.95 31.72 6.74
CA TRP G 85 10.95 33.18 6.83
C TRP G 85 10.26 33.41 8.16
N GLY G 86 10.16 34.63 8.67
CA GLY G 86 9.42 34.77 9.94
C GLY G 86 7.88 34.88 9.75
N CYS G 87 7.33 33.95 8.93
CA CYS G 87 5.95 33.96 8.43
C CYS G 87 5.23 32.66 8.79
N SER G 88 5.74 31.96 9.76
CA SER G 88 5.06 30.72 10.10
C SER G 88 3.74 31.02 10.78
N GLY G 89 2.66 30.44 10.28
CA GLY G 89 1.35 30.62 10.89
C GLY G 89 0.72 31.97 10.64
N LYS G 90 1.07 32.65 9.55
CA LYS G 90 0.53 33.97 9.27
C LYS G 90 -0.09 34.01 7.89
N LEU G 91 -1.08 34.86 7.69
CA LEU G 91 -1.64 35.05 6.35
C LEU G 91 -1.05 36.31 5.77
N ILE G 92 -0.84 37.29 6.64
CA ILE G 92 -0.20 38.53 6.26
C ILE G 92 1.07 38.62 7.09
N CYS G 93 2.24 38.70 6.45
CA CYS G 93 3.55 38.72 7.12
C CYS G 93 4.38 39.90 6.65
N CYS G 94 4.83 40.70 7.63
CA CYS G 94 5.65 41.86 7.34
C CYS G 94 7.07 41.58 7.75
N THR G 95 8.04 41.89 6.89
CA THR G 95 9.40 41.66 7.31
C THR G 95 10.32 42.82 6.98
N ASN G 96 11.61 42.62 7.17
CA ASN G 96 12.62 43.66 7.05
C ASN G 96 13.29 43.82 5.70
N VAL G 97 12.84 43.12 4.69
CA VAL G 97 13.45 43.26 3.37
C VAL G 97 12.80 44.42 2.63
N PRO G 98 13.54 45.46 2.24
CA PRO G 98 13.08 46.64 1.57
C PRO G 98 12.85 46.43 0.10
N TRP G 99 12.08 47.32 -0.49
CA TRP G 99 11.99 47.37 -1.92
C TRP G 99 13.11 48.26 -2.38
N ASN G 100 13.76 47.91 -3.48
CA ASN G 100 14.84 48.76 -3.98
C ASN G 100 14.34 49.66 -5.10
N SER G 101 13.04 49.60 -5.31
CA SER G 101 12.31 50.31 -6.34
C SER G 101 12.81 50.03 -7.75
N THR G 102 13.35 48.83 -7.99
CA THR G 102 13.77 48.46 -9.33
C THR G 102 12.88 47.35 -9.81
N TRP G 103 12.10 46.81 -8.89
CA TRP G 103 11.28 45.64 -9.13
C TRP G 103 9.85 46.03 -9.48
N SER G 104 9.20 46.72 -8.55
CA SER G 104 7.81 47.10 -8.74
C SER G 104 7.68 48.26 -9.69
N ASN G 105 8.58 49.23 -9.52
CA ASN G 105 8.66 50.44 -10.32
C ASN G 105 7.34 51.22 -10.33
N ARG G 106 6.62 51.19 -9.20
CA ARG G 106 5.33 51.86 -9.03
C ARG G 106 5.16 52.36 -7.61
N ASN G 107 4.27 53.32 -7.40
CA ASN G 107 4.00 53.79 -6.04
C ASN G 107 2.84 52.98 -5.45
N LEU G 108 2.46 53.26 -4.21
CA LEU G 108 1.42 52.44 -3.62
C LEU G 108 0.02 52.70 -4.15
N SER G 109 -0.23 53.89 -4.70
CA SER G 109 -1.59 54.16 -5.19
C SER G 109 -1.78 53.38 -6.47
N GLU G 110 -0.70 53.27 -7.21
CA GLU G 110 -0.64 52.56 -8.47
C GLU G 110 -0.77 51.04 -8.28
N ILE G 111 -0.22 50.53 -7.18
CA ILE G 111 -0.24 49.10 -6.87
C ILE G 111 -1.48 48.64 -6.15
N TRP G 112 -1.90 49.36 -5.12
CA TRP G 112 -3.00 48.87 -4.31
C TRP G 112 -4.35 49.42 -4.70
N ASP G 113 -4.47 49.92 -5.92
CA ASP G 113 -5.73 50.35 -6.46
C ASP G 113 -5.72 50.12 -7.95
N ASN G 114 -6.89 49.87 -8.49
CA ASN G 114 -7.08 49.64 -9.91
C ASN G 114 -6.14 48.55 -10.42
N MET G 115 -5.96 47.51 -9.61
CA MET G 115 -5.08 46.40 -9.96
C MET G 115 -5.47 45.16 -9.19
N THR G 116 -5.65 44.05 -9.91
CA THR G 116 -6.00 42.75 -9.34
C THR G 116 -4.74 41.98 -8.99
N TRP G 117 -4.90 40.89 -8.22
CA TRP G 117 -3.72 40.08 -7.91
C TRP G 117 -3.21 39.36 -9.14
N LEU G 118 -4.09 39.05 -10.08
CA LEU G 118 -3.66 38.37 -11.29
C LEU G 118 -2.76 39.30 -12.07
N GLN G 119 -3.14 40.58 -12.16
CA GLN G 119 -2.31 41.49 -12.92
C GLN G 119 -0.98 41.72 -12.22
N TRP G 120 -1.01 41.84 -10.90
CA TRP G 120 0.21 42.08 -10.15
C TRP G 120 1.17 40.94 -10.33
N ASP G 121 0.67 39.70 -10.27
CA ASP G 121 1.55 38.56 -10.40
C ASP G 121 2.27 38.62 -11.75
N LYS G 122 1.59 39.10 -12.78
CA LYS G 122 2.24 39.22 -14.06
C LYS G 122 3.26 40.35 -14.04
N GLU G 123 2.90 41.48 -13.40
CA GLU G 123 3.77 42.67 -13.39
C GLU G 123 5.11 42.39 -12.75
N ILE G 124 5.12 41.60 -11.70
CA ILE G 124 6.38 41.26 -11.06
C ILE G 124 6.62 39.77 -11.12
N SER G 125 6.34 39.11 -12.24
CA SER G 125 6.57 37.67 -12.30
C SER G 125 8.04 37.33 -12.11
N ASN G 126 8.92 38.24 -12.51
CA ASN G 126 10.32 38.03 -12.31
C ASN G 126 10.77 38.56 -10.96
N TYR G 127 12.04 38.40 -10.63
CA TYR G 127 12.59 38.84 -9.33
C TYR G 127 12.13 38.00 -8.15
N THR G 128 11.30 37.00 -8.41
CA THR G 128 10.65 36.27 -7.34
C THR G 128 11.64 35.63 -6.40
N GLN G 129 12.63 35.01 -6.95
CA GLN G 129 13.60 34.30 -6.15
C GLN G 129 14.62 35.22 -5.53
N ILE G 130 14.67 36.48 -5.97
CA ILE G 130 15.62 37.39 -5.39
C ILE G 130 15.05 37.70 -4.05
N ILE G 131 13.76 37.97 -4.07
CA ILE G 131 13.07 38.29 -2.86
C ILE G 131 13.09 37.11 -1.93
N TYR G 132 12.82 35.91 -2.43
CA TYR G 132 12.83 34.80 -1.51
C TYR G 132 14.19 34.64 -0.84
N GLY G 133 15.28 34.79 -1.59
CA GLY G 133 16.60 34.66 -0.99
C GLY G 133 16.85 35.73 0.07
N LEU G 134 16.41 36.96 -0.20
CA LEU G 134 16.59 38.03 0.76
C LEU G 134 15.79 37.79 2.02
N LEU G 135 14.59 37.25 1.87
CA LEU G 135 13.76 37.00 3.03
C LEU G 135 14.43 35.97 3.93
N GLU G 136 15.02 34.93 3.34
CA GLU G 136 15.73 33.93 4.14
C GLU G 136 16.95 34.49 4.86
N GLU G 137 17.73 35.31 4.17
CA GLU G 137 18.94 35.83 4.79
C GLU G 137 18.57 36.72 5.95
N SER G 138 17.54 37.53 5.77
CA SER G 138 17.14 38.42 6.84
C SER G 138 16.72 37.61 8.03
N GLN G 139 15.95 36.55 7.81
CA GLN G 139 15.46 35.76 8.92
C GLN G 139 16.58 35.06 9.66
N ASN G 140 17.60 34.56 8.96
CA ASN G 140 18.67 33.87 9.66
C ASN G 140 19.42 34.86 10.53
N GLN G 141 19.64 36.07 10.02
CA GLN G 141 20.35 37.06 10.81
C GLN G 141 19.53 37.46 12.02
N GLN G 142 18.22 37.58 11.84
CA GLN G 142 17.36 37.99 12.93
C GLN G 142 17.33 36.96 14.02
N GLU G 143 17.30 35.69 13.66
CA GLU G 143 17.25 34.66 14.68
C GLU G 143 18.52 34.63 15.50
N LYS G 144 19.65 34.77 14.84
CA LYS G 144 20.91 34.74 15.57
C LYS G 144 21.01 35.89 16.52
N ASN G 145 20.55 37.07 16.10
CA ASN G 145 20.65 38.20 16.96
C ASN G 145 19.76 38.04 18.18
N GLU G 146 18.57 37.48 17.99
CA GLU G 146 17.68 37.29 19.11
C GLU G 146 18.23 36.31 20.13
N GLN G 147 18.87 35.25 19.66
CA GLN G 147 19.38 34.29 20.63
C GLN G 147 20.51 34.87 21.46
N ASP G 148 21.36 35.71 20.88
CA ASP G 148 22.39 36.30 21.72
C ASP G 148 21.79 37.30 22.69
N LEU G 149 20.77 38.07 22.27
CA LEU G 149 20.19 39.03 23.19
C LEU G 149 19.53 38.33 24.36
N LEU G 150 18.92 37.19 24.09
CA LEU G 150 18.30 36.40 25.14
C LEU G 150 19.34 35.86 26.10
N ALA G 151 20.42 35.30 25.56
CA ALA G 151 21.44 34.73 26.42
C ALA G 151 22.16 35.76 27.26
N LEU G 152 22.44 36.91 26.67
CA LEU G 152 23.22 37.94 27.35
C LEU G 152 22.35 38.93 28.12
N ASP G 153 21.67 38.43 29.17
CA ASP G 153 20.73 39.18 30.02
C ASP G 153 20.58 38.45 31.38
N ASN H 38 23.23 25.97 35.62
CA ASN H 38 24.15 26.84 34.88
C ASN H 38 23.89 26.77 33.36
N LEU H 39 23.85 25.55 32.80
CA LEU H 39 23.63 25.27 31.37
C LEU H 39 22.28 24.66 31.17
N TRP H 40 21.72 24.93 30.01
CA TRP H 40 20.39 24.50 29.62
C TRP H 40 20.42 23.79 28.29
N VAL H 41 19.42 22.96 28.05
CA VAL H 41 19.33 22.29 26.79
C VAL H 41 18.90 23.24 25.70
N THR H 42 19.65 23.30 24.62
CA THR H 42 19.26 24.09 23.46
C THR H 42 19.00 23.14 22.34
N VAL H 43 17.92 23.36 21.65
CA VAL H 43 17.55 22.49 20.56
C VAL H 43 17.92 23.12 19.23
N TYR H 44 18.62 22.37 18.39
CA TYR H 44 19.06 22.83 17.09
C TYR H 44 18.52 22.01 15.94
N TYR H 45 17.96 22.68 14.95
CA TYR H 45 17.45 22.01 13.76
C TYR H 45 18.34 22.40 12.59
N GLY H 46 18.71 21.45 11.76
CA GLY H 46 19.64 21.75 10.67
C GLY H 46 21.04 21.24 11.04
N VAL H 47 21.11 20.43 12.05
CA VAL H 47 22.38 19.89 12.48
C VAL H 47 22.98 18.94 11.44
N PRO H 48 24.24 19.11 11.00
CA PRO H 48 24.90 18.31 9.99
C PRO H 48 25.38 16.95 10.47
N VAL H 49 24.44 16.09 10.81
CA VAL H 49 24.68 14.74 11.31
C VAL H 49 23.95 13.65 10.53
N TRP H 50 24.67 12.57 10.26
CA TRP H 50 24.12 11.46 9.52
C TRP H 50 24.45 10.11 10.09
N LYS H 51 23.65 9.12 9.70
CA LYS H 51 23.84 7.73 10.07
C LYS H 51 23.73 6.79 8.88
N ASP H 52 24.37 5.63 8.96
CA ASP H 52 24.30 4.67 7.86
C ASP H 52 22.87 4.26 7.61
N ALA H 53 22.46 4.16 6.35
CA ALA H 53 21.09 3.75 6.12
C ALA H 53 20.88 3.08 4.80
N GLU H 54 19.83 2.28 4.73
CA GLU H 54 19.50 1.63 3.48
C GLU H 54 18.16 2.09 3.01
N THR H 55 18.14 2.72 1.86
CA THR H 55 16.88 3.20 1.32
C THR H 55 16.77 2.89 -0.13
N THR H 56 15.68 3.32 -0.71
CA THR H 56 15.43 3.12 -2.12
C THR H 56 15.94 4.31 -2.89
N LEU H 57 16.79 4.07 -3.85
CA LEU H 57 17.35 5.10 -4.70
C LEU H 57 16.59 5.09 -5.99
N PHE H 58 16.62 6.19 -6.71
CA PHE H 58 15.95 6.22 -8.00
C PHE H 58 16.94 6.48 -9.11
N CYS H 59 16.58 6.10 -10.37
CA CYS H 59 17.40 6.27 -11.56
C CYS H 59 17.16 7.62 -12.24
N ALA H 60 18.24 8.13 -12.79
CA ALA H 60 18.23 9.33 -13.60
C ALA H 60 19.21 9.21 -14.78
N SER H 61 18.97 10.01 -15.83
CA SER H 61 19.80 10.02 -17.03
C SER H 61 19.88 11.43 -17.64
N ASP H 62 20.73 11.62 -18.65
CA ASP H 62 20.87 12.97 -19.24
C ASP H 62 19.89 13.37 -20.37
N ALA H 63 19.39 12.41 -21.18
CA ALA H 63 18.52 12.68 -22.34
C ALA H 63 17.76 11.42 -22.72
N HIS H 71 12.49 3.28 -26.76
CA HIS H 71 12.74 1.90 -27.17
C HIS H 71 13.73 1.17 -26.24
N ASN H 72 14.74 1.91 -25.71
CA ASN H 72 15.76 1.41 -24.78
C ASN H 72 15.15 1.26 -23.40
N VAL H 73 15.27 0.08 -22.83
CA VAL H 73 14.59 -0.17 -21.57
C VAL H 73 15.03 0.77 -20.47
N TRP H 74 16.26 1.25 -20.49
CA TRP H 74 16.62 2.15 -19.43
C TRP H 74 16.18 3.55 -19.74
N ALA H 75 15.93 3.86 -21.00
CA ALA H 75 15.52 5.20 -21.35
C ALA H 75 14.08 5.39 -20.97
N THR H 76 13.29 4.31 -21.04
CA THR H 76 11.89 4.43 -20.73
C THR H 76 11.67 4.28 -19.23
N HIS H 77 12.61 3.63 -18.55
CA HIS H 77 12.58 3.52 -17.10
C HIS H 77 13.08 4.80 -16.39
N CYS H 78 14.27 5.31 -16.77
CA CYS H 78 14.97 6.41 -16.13
C CYS H 78 14.46 7.74 -16.67
N CYS H 79 13.26 8.06 -16.23
CA CYS H 79 12.57 9.26 -16.71
C CYS H 79 13.04 10.54 -16.04
N VAL H 80 13.83 10.43 -15.00
CA VAL H 80 14.32 11.59 -14.30
C VAL H 80 15.55 12.12 -15.01
N PRO H 81 15.60 13.38 -15.40
CA PRO H 81 16.73 14.01 -16.04
C PRO H 81 17.82 14.33 -15.03
N THR H 82 19.08 14.39 -15.50
CA THR H 82 20.26 14.86 -14.75
C THR H 82 21.39 15.22 -15.73
N GLU H 88 30.76 15.75 -4.99
CA GLU H 88 30.65 17.06 -5.61
C GLU H 88 31.09 18.12 -4.59
N ILE H 89 30.47 18.13 -3.38
CA ILE H 89 30.80 19.05 -2.31
C ILE H 89 31.78 18.43 -1.36
N HIS H 90 32.98 18.99 -1.31
CA HIS H 90 34.03 18.42 -0.50
C HIS H 90 33.78 18.67 0.97
N LEU H 91 34.00 17.67 1.80
CA LEU H 91 33.87 17.84 3.23
C LEU H 91 35.30 17.97 3.76
N GLU H 92 35.62 19.11 4.34
CA GLU H 92 37.03 19.33 4.69
C GLU H 92 37.72 18.41 5.71
N ASN H 93 37.04 17.98 6.81
CA ASN H 93 37.65 17.17 7.88
C ASN H 93 36.83 15.90 8.20
N VAL H 94 36.28 15.22 7.16
CA VAL H 94 35.45 14.01 7.31
C VAL H 94 36.17 12.73 6.98
N THR H 95 36.13 11.81 7.93
CA THR H 95 36.79 10.52 7.82
C THR H 95 35.78 9.40 8.02
N GLU H 96 35.21 8.92 6.93
CA GLU H 96 34.12 7.95 7.01
C GLU H 96 34.54 6.56 6.66
N GLU H 97 33.85 5.58 7.23
CA GLU H 97 34.11 4.18 6.93
C GLU H 97 33.25 3.65 5.82
N PHE H 98 33.89 3.04 4.84
CA PHE H 98 33.25 2.45 3.68
C PHE H 98 33.48 0.94 3.65
N ASN H 99 32.55 0.20 3.05
CA ASN H 99 32.73 -1.23 2.84
C ASN H 99 31.98 -1.65 1.61
N MET H 100 32.68 -1.84 0.51
CA MET H 100 32.04 -2.12 -0.76
C MET H 100 31.30 -3.45 -0.81
N TRP H 101 31.59 -4.37 0.10
CA TRP H 101 30.93 -5.66 0.02
C TRP H 101 29.70 -5.75 0.89
N LYS H 102 29.37 -4.68 1.58
CA LYS H 102 28.22 -4.62 2.45
C LYS H 102 27.32 -3.51 1.97
N ASN H 103 27.60 -3.05 0.78
CA ASN H 103 26.94 -1.92 0.18
C ASN H 103 25.64 -2.29 -0.49
N ASN H 104 24.52 -1.84 0.04
CA ASN H 104 23.23 -2.24 -0.46
C ASN H 104 22.88 -1.59 -1.79
N MET H 105 23.72 -0.69 -2.27
CA MET H 105 23.47 -0.06 -3.55
C MET H 105 23.64 -1.11 -4.63
N VAL H 106 24.43 -2.13 -4.32
CA VAL H 106 24.71 -3.19 -5.25
C VAL H 106 23.48 -4.02 -5.41
N GLU H 107 22.85 -4.33 -4.29
CA GLU H 107 21.66 -5.13 -4.29
C GLU H 107 20.56 -4.40 -4.98
N GLN H 108 20.52 -3.09 -4.82
CA GLN H 108 19.48 -2.38 -5.49
C GLN H 108 19.67 -2.54 -7.00
N MET H 109 20.90 -2.42 -7.51
CA MET H 109 21.01 -2.60 -8.96
C MET H 109 20.65 -3.98 -9.39
N HIS H 110 21.06 -4.97 -8.64
CA HIS H 110 20.78 -6.31 -9.07
C HIS H 110 19.30 -6.51 -9.17
N THR H 111 18.57 -6.10 -8.15
CA THR H 111 17.15 -6.29 -8.19
C THR H 111 16.50 -5.47 -9.28
N ASP H 112 16.88 -4.20 -9.46
CA ASP H 112 16.21 -3.38 -10.44
C ASP H 112 16.44 -3.87 -11.84
N ILE H 113 17.64 -4.34 -12.12
CA ILE H 113 17.96 -4.80 -13.45
C ILE H 113 17.19 -6.04 -13.76
N ILE H 114 17.12 -7.00 -12.84
CA ILE H 114 16.36 -8.18 -13.16
C ILE H 114 14.91 -7.84 -13.35
N SER H 115 14.36 -7.01 -12.47
CA SER H 115 12.97 -6.68 -12.63
C SER H 115 12.70 -5.96 -13.94
N LEU H 116 13.62 -5.07 -14.36
CA LEU H 116 13.41 -4.35 -15.60
C LEU H 116 13.39 -5.31 -16.77
N TRP H 117 14.31 -6.27 -16.79
CA TRP H 117 14.33 -7.25 -17.86
C TRP H 117 13.07 -8.07 -17.92
N ASP H 118 12.57 -8.52 -16.79
CA ASP H 118 11.37 -9.31 -16.85
C ASP H 118 10.19 -8.45 -17.25
N GLN H 119 10.16 -7.21 -16.78
CA GLN H 119 9.06 -6.35 -17.14
C GLN H 119 9.01 -6.15 -18.63
N SER H 120 10.18 -5.95 -19.26
CA SER H 120 10.27 -5.74 -20.70
C SER H 120 10.01 -6.99 -21.52
N LEU H 121 10.44 -8.16 -21.06
CA LEU H 121 10.22 -9.37 -21.85
C LEU H 121 8.84 -9.97 -21.64
N LYS H 122 8.22 -9.70 -20.50
CA LYS H 122 6.91 -10.27 -20.25
C LYS H 122 5.87 -10.04 -21.36
N PRO H 123 5.55 -8.82 -21.81
CA PRO H 123 4.53 -8.57 -22.82
C PRO H 123 5.01 -8.80 -24.26
N CYS H 124 5.43 -10.04 -24.58
CA CYS H 124 5.95 -10.44 -25.89
C CYS H 124 5.48 -11.85 -26.19
N VAL H 125 5.55 -12.25 -27.44
CA VAL H 125 5.06 -13.58 -27.77
C VAL H 125 5.82 -14.70 -27.11
N LYS H 126 5.06 -15.64 -26.57
CA LYS H 126 5.58 -16.84 -25.95
C LYS H 126 5.73 -17.86 -27.05
N LEU H 127 6.85 -18.53 -27.14
CA LEU H 127 7.02 -19.46 -28.24
C LEU H 127 6.51 -20.85 -27.94
N THR H 128 5.22 -20.93 -27.72
CA THR H 128 4.58 -22.19 -27.40
C THR H 128 4.77 -23.25 -28.47
N PRO H 129 4.57 -22.97 -29.78
CA PRO H 129 4.61 -23.94 -30.81
C PRO H 129 6.01 -24.30 -31.23
N LEU H 130 7.01 -23.81 -30.52
CA LEU H 130 8.34 -24.22 -30.86
C LEU H 130 8.67 -25.62 -30.27
N CYS H 131 8.01 -26.06 -29.16
CA CYS H 131 8.28 -27.36 -28.54
C CYS H 131 7.58 -28.49 -29.29
N VAL H 132 8.13 -28.76 -30.44
CA VAL H 132 7.66 -29.78 -31.33
C VAL H 132 8.80 -30.64 -31.70
N THR H 133 8.53 -31.82 -32.21
CA THR H 133 9.63 -32.61 -32.69
C THR H 133 10.26 -31.83 -33.80
N LEU H 134 11.56 -31.66 -33.73
CA LEU H 134 12.29 -30.92 -34.73
C LEU H 134 13.09 -31.88 -35.58
N GLN H 135 13.13 -31.67 -36.89
CA GLN H 135 13.92 -32.54 -37.76
C GLN H 135 15.10 -31.71 -38.29
N CYS H 136 16.37 -32.23 -38.27
CA CYS H 136 17.53 -31.43 -38.71
C CYS H 136 18.55 -32.23 -39.52
N THR H 137 19.24 -31.49 -40.37
CA THR H 137 20.43 -31.92 -41.11
C THR H 137 21.47 -30.80 -40.90
N ASN H 138 22.76 -31.06 -41.22
CA ASN H 138 23.85 -30.08 -41.09
C ASN H 138 23.87 -29.11 -42.28
N VAL H 139 24.40 -27.89 -42.05
CA VAL H 139 24.67 -26.91 -43.12
C VAL H 139 26.03 -27.27 -43.70
N THR H 140 26.09 -27.42 -45.02
CA THR H 140 27.31 -27.79 -45.70
C THR H 140 27.72 -26.77 -46.77
N ASN H 141 27.08 -25.62 -46.75
CA ASN H 141 27.28 -24.63 -47.79
C ASN H 141 28.41 -23.63 -47.56
N ASN H 142 29.55 -23.80 -48.24
CA ASN H 142 30.66 -22.87 -48.12
C ASN H 142 31.13 -22.53 -46.70
N ILE H 143 31.35 -23.55 -45.90
CA ILE H 143 31.80 -23.37 -44.53
C ILE H 143 33.30 -23.45 -44.34
N THR H 144 33.81 -22.41 -43.70
CA THR H 144 35.21 -22.32 -43.33
C THR H 144 35.44 -23.30 -42.22
N ASP H 145 36.52 -24.07 -42.31
CA ASP H 145 36.84 -25.06 -41.30
C ASP H 145 36.95 -24.45 -39.92
N ASP H 146 36.50 -25.20 -38.88
CA ASP H 146 36.53 -24.87 -37.45
C ASP H 146 37.98 -24.68 -36.96
N MET H 147 33.54 -23.86 -38.66
CA MET H 147 32.14 -23.96 -38.24
C MET H 147 31.46 -25.27 -38.74
N ARG H 148 32.23 -26.36 -38.76
CA ARG H 148 31.79 -27.68 -39.22
C ARG H 148 31.01 -28.34 -38.13
N GLY H 149 29.71 -28.41 -38.35
CA GLY H 149 28.77 -28.93 -37.37
C GLY H 149 28.25 -27.84 -36.45
N GLU H 150 28.62 -26.58 -36.68
CA GLU H 150 28.14 -25.51 -35.82
C GLU H 150 26.75 -25.07 -36.20
N LEU H 151 26.43 -25.08 -37.49
CA LEU H 151 25.11 -24.63 -37.91
C LEU H 151 24.29 -25.79 -38.41
N LYS H 152 23.03 -25.79 -37.99
CA LYS H 152 22.09 -26.82 -38.41
C LYS H 152 20.94 -26.20 -39.17
N ASN H 153 20.39 -26.98 -40.12
CA ASN H 153 19.22 -26.67 -40.95
C ASN H 153 18.04 -27.53 -40.49
N CYS H 154 17.08 -26.92 -39.78
CA CYS H 154 15.98 -27.63 -39.11
C CYS H 154 14.63 -27.24 -39.66
N SER H 155 13.68 -28.17 -39.54
CA SER H 155 12.31 -27.90 -39.95
C SER H 155 11.30 -28.50 -39.00
N PHE H 156 10.13 -27.87 -38.98
CA PHE H 156 9.06 -28.28 -38.09
C PHE H 156 7.68 -27.83 -38.55
N ASN H 157 6.61 -28.43 -37.98
CA ASN H 157 5.20 -28.12 -38.25
C ASN H 157 4.60 -27.17 -37.19
N MET H 158 4.35 -25.89 -37.56
CA MET H 158 3.79 -24.82 -36.67
C MET H 158 2.26 -24.68 -36.77
N THR H 159 1.63 -24.18 -35.67
CA THR H 159 0.20 -23.85 -35.59
C THR H 159 -0.04 -22.41 -36.09
N ASP H 164 -6.62 -26.11 -40.44
CA ASP H 164 -5.70 -27.21 -40.74
C ASP H 164 -4.35 -27.00 -40.05
N LYS H 165 -3.72 -25.82 -40.31
CA LYS H 165 -2.40 -25.35 -39.85
C LYS H 165 -1.30 -26.34 -40.24
N LYS H 166 -0.49 -26.79 -39.28
CA LYS H 166 0.60 -27.73 -39.55
C LYS H 166 1.48 -27.23 -40.67
N GLN H 167 1.90 -25.99 -40.59
CA GLN H 167 2.70 -25.43 -41.63
C GLN H 167 4.14 -25.81 -41.46
N LYS H 168 4.70 -26.44 -42.47
CA LYS H 168 6.10 -26.81 -42.41
C LYS H 168 6.97 -25.61 -42.71
N VAL H 169 7.89 -25.33 -41.81
CA VAL H 169 8.80 -24.21 -41.96
C VAL H 169 10.22 -24.67 -41.74
N TYR H 170 11.20 -23.87 -42.16
CA TYR H 170 12.55 -24.25 -41.82
C TYR H 170 13.27 -23.02 -41.34
N SER H 171 14.34 -23.24 -40.59
CA SER H 171 15.21 -22.20 -40.08
C SER H 171 16.60 -22.71 -39.74
N LEU H 172 17.54 -21.80 -39.55
CA LEU H 172 18.84 -22.28 -39.10
C LEU H 172 19.00 -22.07 -37.62
N PHE H 173 19.74 -22.96 -36.98
CA PHE H 173 20.07 -22.89 -35.56
C PHE H 173 21.54 -23.12 -35.28
N TYR H 174 22.00 -22.61 -34.15
CA TYR H 174 23.37 -22.87 -33.76
C TYR H 174 23.36 -24.16 -32.99
N ARG H 175 24.43 -24.92 -33.06
CA ARG H 175 24.53 -26.18 -32.36
C ARG H 175 24.17 -26.08 -30.89
N LEU H 176 24.54 -25.00 -30.24
CA LEU H 176 24.34 -24.82 -28.82
C LEU H 176 22.87 -24.61 -28.45
N ASP H 177 22.03 -24.42 -29.46
CA ASP H 177 20.61 -24.19 -29.28
C ASP H 177 19.79 -25.48 -29.35
N VAL H 178 20.36 -26.55 -29.95
CA VAL H 178 19.56 -27.75 -30.25
C VAL H 178 20.13 -29.08 -29.71
N VAL H 179 19.24 -29.89 -29.13
CA VAL H 179 19.60 -31.20 -28.54
C VAL H 179 18.93 -32.42 -29.18
N GLN H 180 19.68 -33.50 -29.38
CA GLN H 180 19.13 -34.73 -29.97
C GLN H 180 18.27 -35.57 -29.02
N ILE H 181 17.29 -36.30 -29.60
CA ILE H 181 16.46 -37.32 -28.94
C ILE H 181 16.61 -38.59 -29.78
N LYS H 194 18.33 -37.94 -36.58
CA LYS H 194 17.96 -36.59 -37.07
C LYS H 194 16.79 -35.94 -36.27
N GLU H 195 16.37 -36.54 -35.13
CA GLU H 195 15.29 -36.07 -34.23
C GLU H 195 15.86 -35.21 -33.11
N TYR H 196 15.37 -33.97 -33.04
CA TYR H 196 15.81 -32.94 -32.12
C TYR H 196 14.73 -32.20 -31.35
N ARG H 197 15.17 -31.55 -30.29
CA ARG H 197 14.35 -30.65 -29.49
C ARG H 197 15.09 -29.34 -29.24
N LEU H 198 14.35 -28.26 -29.10
CA LEU H 198 14.96 -26.98 -28.77
C LEU H 198 15.42 -27.03 -27.30
N ILE H 199 16.65 -26.60 -27.02
CA ILE H 199 17.16 -26.73 -25.67
C ILE H 199 16.43 -25.95 -24.62
N ASN H 200 16.13 -26.67 -23.56
CA ASN H 200 15.43 -26.23 -22.36
C ASN H 200 13.98 -25.82 -22.54
N CYS H 201 13.34 -26.04 -23.73
CA CYS H 201 11.95 -25.58 -23.93
C CYS H 201 11.04 -26.51 -23.13
N ASN H 202 11.58 -27.66 -22.82
CA ASN H 202 10.90 -28.68 -22.10
C ASN H 202 10.92 -28.49 -20.60
N THR H 203 11.69 -27.52 -20.10
CA THR H 203 11.72 -27.36 -18.67
C THR H 203 11.11 -26.03 -18.29
N SER H 204 11.10 -25.09 -19.23
CA SER H 204 10.54 -23.79 -18.95
C SER H 204 10.06 -23.13 -20.22
N ALA H 205 9.17 -22.17 -20.09
CA ALA H 205 8.71 -21.46 -21.26
C ALA H 205 9.82 -20.61 -21.84
N ILE H 206 9.82 -20.52 -23.16
CA ILE H 206 10.74 -19.66 -23.84
C ILE H 206 9.95 -18.57 -24.47
N THR H 207 10.33 -17.34 -24.22
CA THR H 207 9.59 -16.25 -24.83
C THR H 207 10.53 -15.54 -25.75
N GLN H 208 9.98 -14.85 -26.73
CA GLN H 208 10.78 -14.10 -27.67
C GLN H 208 10.89 -12.68 -27.26
N ALA H 209 12.10 -12.17 -27.24
CA ALA H 209 12.22 -10.79 -26.91
C ALA H 209 11.60 -10.01 -28.03
N CYS H 210 10.90 -8.89 -27.71
CA CYS H 210 10.32 -8.00 -28.71
C CYS H 210 11.48 -7.28 -29.43
N PRO H 211 11.57 -7.32 -30.75
CA PRO H 211 12.66 -6.81 -31.57
C PRO H 211 12.79 -5.30 -31.52
N LYS H 212 11.77 -4.65 -31.01
CA LYS H 212 11.77 -3.22 -30.93
C LYS H 212 12.37 -2.74 -29.63
N VAL H 213 12.70 -3.66 -28.74
CA VAL H 213 13.24 -3.29 -27.44
C VAL H 213 14.74 -3.32 -27.43
N SER H 214 15.34 -2.23 -27.01
CA SER H 214 16.77 -2.17 -26.97
C SER H 214 17.32 -2.34 -25.58
N PHE H 215 18.36 -3.13 -25.48
CA PHE H 215 19.02 -3.37 -24.23
C PHE H 215 20.40 -2.77 -24.20
N GLU H 216 20.65 -1.82 -25.08
CA GLU H 216 21.95 -1.18 -25.11
C GLU H 216 22.19 -0.42 -23.81
N PRO H 217 23.25 -0.68 -23.06
CA PRO H 217 23.55 0.02 -21.84
C PRO H 217 23.72 1.51 -22.08
N ILE H 218 23.12 2.32 -21.22
CA ILE H 218 23.28 3.76 -21.28
C ILE H 218 23.73 4.07 -19.89
N PRO H 219 24.38 5.19 -19.60
CA PRO H 219 24.76 5.51 -18.26
C PRO H 219 23.55 5.70 -17.38
N ILE H 220 23.62 5.13 -16.20
CA ILE H 220 22.61 5.19 -15.16
C ILE H 220 23.13 5.90 -13.96
N HIS H 221 22.41 6.91 -13.48
CA HIS H 221 22.86 7.59 -12.29
C HIS H 221 21.93 7.24 -11.15
N TYR H 222 22.47 6.82 -10.01
CA TYR H 222 21.59 6.57 -8.87
C TYR H 222 21.56 7.80 -8.01
N CYS H 223 20.35 8.25 -7.64
CA CYS H 223 20.12 9.48 -6.90
C CYS H 223 19.38 9.24 -5.60
N ALA H 224 19.82 9.96 -4.57
CA ALA H 224 19.21 9.86 -3.25
C ALA H 224 17.86 10.56 -3.20
N PRO H 225 16.90 10.03 -2.43
CA PRO H 225 15.63 10.65 -2.13
C PRO H 225 15.86 11.74 -1.13
N ALA H 226 14.96 12.68 -1.04
CA ALA H 226 15.14 13.73 -0.06
C ALA H 226 15.29 13.16 1.34
N GLY H 227 16.23 13.74 2.08
CA GLY H 227 16.51 13.33 3.45
C GLY H 227 17.71 12.40 3.51
N PHE H 228 18.16 11.96 2.36
CA PHE H 228 19.31 11.08 2.22
C PHE H 228 20.40 11.71 1.37
N ALA H 229 21.59 11.22 1.54
CA ALA H 229 22.71 11.72 0.76
C ALA H 229 23.66 10.62 0.42
N ILE H 230 24.45 10.79 -0.64
CA ILE H 230 25.41 9.78 -0.98
C ILE H 230 26.80 10.30 -0.74
N LEU H 231 27.58 9.59 0.04
CA LEU H 231 28.92 10.03 0.28
C LEU H 231 29.82 9.29 -0.67
N LYS H 232 30.80 9.99 -1.19
CA LYS H 232 31.74 9.43 -2.12
C LYS H 232 33.17 9.51 -1.60
N CYS H 233 33.95 8.41 -1.78
CA CYS H 233 35.37 8.33 -1.40
C CYS H 233 36.25 8.73 -2.58
N LYS H 234 37.06 9.75 -2.37
CA LYS H 234 37.96 10.31 -3.36
C LYS H 234 39.40 9.82 -3.21
N ASP H 235 39.62 8.88 -2.31
CA ASP H 235 40.96 8.37 -2.08
C ASP H 235 41.40 7.57 -3.29
N LYS H 236 42.51 8.01 -3.88
CA LYS H 236 43.05 7.50 -5.13
C LYS H 236 43.35 6.03 -5.08
N LYS H 237 43.63 5.53 -3.90
CA LYS H 237 43.97 4.13 -3.74
C LYS H 237 43.00 3.39 -2.84
N PHE H 238 41.77 3.86 -2.71
CA PHE H 238 40.88 3.13 -1.83
C PHE H 238 40.76 1.68 -2.28
N ASN H 239 40.99 0.73 -1.33
CA ASN H 239 41.03 -0.72 -1.55
C ASN H 239 39.70 -1.45 -1.26
N GLY H 240 38.59 -0.73 -1.02
CA GLY H 240 37.24 -1.27 -0.79
C GLY H 240 36.75 -1.28 0.64
N THR H 241 37.63 -1.21 1.62
CA THR H 241 37.16 -1.16 3.00
C THR H 241 37.93 -0.17 3.83
N GLY H 242 37.29 0.25 4.91
CA GLY H 242 37.98 1.04 5.90
C GLY H 242 37.72 2.52 5.72
N PRO H 243 38.35 3.35 6.53
CA PRO H 243 38.17 4.77 6.56
C PRO H 243 38.71 5.38 5.29
N CYS H 244 38.10 6.48 4.87
CA CYS H 244 38.49 7.29 3.74
C CYS H 244 38.50 8.72 4.25
N THR H 245 39.65 9.37 4.06
CA THR H 245 39.87 10.74 4.53
C THR H 245 39.52 11.87 3.57
N ASN H 246 39.13 11.54 2.33
CA ASN H 246 38.76 12.47 1.27
C ASN H 246 37.33 12.15 0.86
N VAL H 247 36.35 12.76 1.54
CA VAL H 247 34.93 12.43 1.37
C VAL H 247 34.17 13.62 0.87
N SER H 248 33.37 13.41 -0.16
CA SER H 248 32.55 14.46 -0.69
C SER H 248 31.13 13.98 -0.80
N THR H 249 30.21 14.90 -0.91
CA THR H 249 28.81 14.52 -1.02
C THR H 249 28.24 14.77 -2.39
N VAL H 250 27.46 13.81 -2.86
CA VAL H 250 26.77 13.97 -4.12
C VAL H 250 25.29 13.69 -3.94
N GLN H 251 24.50 14.20 -4.85
CA GLN H 251 23.09 13.82 -4.86
C GLN H 251 22.85 12.58 -5.74
N CYS H 252 23.64 12.43 -6.83
CA CYS H 252 23.59 11.38 -7.83
C CYS H 252 24.99 10.87 -8.06
N THR H 253 25.11 9.58 -8.33
CA THR H 253 26.39 8.95 -8.64
C THR H 253 26.77 9.30 -10.06
N HIS H 254 27.99 8.96 -10.44
CA HIS H 254 28.42 9.16 -11.80
C HIS H 254 27.61 8.17 -12.59
N GLY H 255 27.56 8.32 -13.90
CA GLY H 255 26.77 7.35 -14.63
C GLY H 255 27.50 6.04 -14.70
N ILE H 256 26.77 4.97 -14.48
CA ILE H 256 27.29 3.63 -14.59
C ILE H 256 26.63 2.93 -15.72
N LYS H 257 27.39 2.37 -16.62
CA LYS H 257 26.74 1.66 -17.69
C LYS H 257 26.50 0.24 -17.19
N PRO H 258 25.27 -0.29 -17.22
CA PRO H 258 24.91 -1.61 -16.76
C PRO H 258 25.31 -2.64 -17.79
N VAL H 259 26.60 -2.76 -17.98
CA VAL H 259 27.15 -3.69 -18.93
C VAL H 259 27.21 -5.03 -18.27
N VAL H 260 26.70 -6.04 -18.93
CA VAL H 260 26.70 -7.36 -18.35
C VAL H 260 27.70 -8.26 -19.01
N SER H 261 28.67 -8.73 -18.25
CA SER H 261 29.69 -9.61 -18.77
C SER H 261 30.30 -10.48 -17.70
N THR H 262 31.02 -11.50 -18.14
CA THR H 262 31.76 -12.35 -17.22
C THR H 262 33.24 -12.33 -17.56
N GLN H 263 34.08 -12.67 -16.59
CA GLN H 263 35.56 -12.73 -16.68
C GLN H 263 36.23 -11.37 -16.91
N LEU H 264 35.89 -10.72 -18.00
CA LEU H 264 36.44 -9.39 -18.27
C LEU H 264 35.32 -8.39 -18.22
N LEU H 265 35.57 -7.34 -17.45
CA LEU H 265 34.64 -6.26 -17.24
C LEU H 265 34.89 -5.23 -18.28
N LEU H 266 33.84 -4.91 -19.01
CA LEU H 266 33.93 -3.97 -20.10
C LEU H 266 33.26 -2.62 -19.80
N ASN H 267 33.82 -1.55 -20.40
CA ASN H 267 33.35 -0.16 -20.45
C ASN H 267 33.10 0.49 -19.07
N GLY H 268 33.94 0.20 -18.05
CA GLY H 268 33.84 0.77 -16.69
C GLY H 268 34.79 1.96 -16.52
N SER H 269 34.95 2.38 -15.28
CA SER H 269 35.83 3.49 -14.97
C SER H 269 37.21 2.97 -14.58
N LEU H 270 38.24 3.62 -15.07
CA LEU H 270 39.63 3.23 -14.78
C LEU H 270 40.15 3.82 -13.49
N ALA H 271 41.12 3.12 -12.90
CA ALA H 271 41.82 3.58 -11.72
C ALA H 271 42.63 4.79 -12.15
N GLU H 272 42.85 5.75 -11.26
CA GLU H 272 43.59 6.93 -11.68
C GLU H 272 45.11 6.87 -11.57
N GLU H 273 45.64 6.06 -10.67
CA GLU H 273 47.09 6.03 -10.50
C GLU H 273 47.76 4.68 -10.71
N GLU H 274 47.17 3.63 -10.17
CA GLU H 274 47.79 2.30 -10.20
C GLU H 274 46.72 1.23 -10.35
N VAL H 275 47.13 -0.02 -10.45
CA VAL H 275 46.15 -1.09 -10.52
C VAL H 275 45.64 -1.34 -9.12
N ILE H 276 44.34 -1.43 -8.96
CA ILE H 276 43.86 -1.64 -7.62
C ILE H 276 43.25 -3.02 -7.52
N ILE H 277 43.77 -3.79 -6.61
CA ILE H 277 43.32 -5.16 -6.45
C ILE H 277 42.48 -5.25 -5.20
N ARG H 278 41.21 -5.62 -5.32
CA ARG H 278 40.32 -5.61 -4.17
C ARG H 278 39.61 -6.95 -3.94
N SER H 279 39.43 -7.32 -2.69
CA SER H 279 38.65 -8.52 -2.37
C SER H 279 38.19 -8.41 -0.93
N GLU H 280 37.20 -9.21 -0.53
CA GLU H 280 36.82 -9.18 0.89
C GLU H 280 37.96 -9.61 1.84
N ASN H 281 38.72 -10.64 1.41
CA ASN H 281 39.83 -11.28 2.09
C ASN H 281 40.78 -11.81 1.01
N ILE H 282 41.95 -11.15 0.81
CA ILE H 282 42.91 -11.45 -0.25
C ILE H 282 43.57 -12.81 -0.06
N THR H 283 43.44 -13.38 1.12
CA THR H 283 44.02 -14.67 1.38
C THR H 283 42.99 -15.78 1.36
N ASN H 284 41.72 -15.46 1.11
CA ASN H 284 40.67 -16.47 1.08
C ASN H 284 40.36 -16.86 -0.35
N ASN H 285 40.71 -18.07 -0.76
CA ASN H 285 40.57 -18.46 -2.16
C ASN H 285 39.13 -18.72 -2.57
N ALA H 286 38.21 -18.61 -1.63
CA ALA H 286 36.81 -18.80 -1.94
C ALA H 286 36.19 -17.50 -2.46
N LYS H 287 36.94 -16.40 -2.42
CA LYS H 287 36.38 -15.13 -2.85
C LYS H 287 37.00 -14.66 -4.15
N ASN H 288 36.25 -13.87 -4.92
CA ASN H 288 36.76 -13.30 -6.16
C ASN H 288 37.62 -12.09 -5.90
N ILE H 289 38.60 -11.89 -6.76
CA ILE H 289 39.44 -10.72 -6.73
C ILE H 289 39.07 -9.81 -7.87
N LEU H 290 38.74 -8.58 -7.55
CA LEU H 290 38.36 -7.66 -8.61
C LEU H 290 39.53 -6.78 -8.90
N VAL H 291 39.99 -6.77 -10.13
CA VAL H 291 41.14 -5.98 -10.47
C VAL H 291 40.76 -4.83 -11.36
N GLN H 292 41.03 -3.62 -10.90
CA GLN H 292 40.72 -2.43 -11.66
C GLN H 292 41.98 -1.89 -12.33
N LEU H 293 41.95 -1.80 -13.64
CA LEU H 293 43.12 -1.34 -14.37
C LEU H 293 43.16 0.17 -14.39
N ASN H 294 44.38 0.78 -14.53
CA ASN H 294 44.54 2.23 -14.69
C ASN H 294 44.65 2.66 -16.19
N GLU H 295 44.64 1.70 -17.14
CA GLU H 295 44.69 1.88 -18.59
C GLU H 295 43.73 0.88 -19.19
N SER H 296 43.02 1.27 -20.24
CA SER H 296 42.11 0.35 -20.89
C SER H 296 42.80 -0.50 -21.94
N VAL H 297 42.21 -1.65 -22.23
CA VAL H 297 42.70 -2.49 -23.31
C VAL H 297 41.60 -2.61 -24.34
N GLN H 298 41.89 -2.25 -25.57
CA GLN H 298 40.83 -2.31 -26.54
C GLN H 298 40.66 -3.71 -27.10
N ILE H 299 39.41 -4.16 -27.14
CA ILE H 299 39.06 -5.46 -27.71
C ILE H 299 38.04 -5.31 -28.86
N ASN H 300 38.32 -5.93 -30.03
CA ASN H 300 37.50 -5.89 -31.24
C ASN H 300 36.84 -7.24 -31.52
N CYS H 301 35.48 -7.32 -31.39
CA CYS H 301 34.70 -8.54 -31.55
C CYS H 301 33.79 -8.47 -32.77
N THR H 302 33.84 -9.52 -33.56
CA THR H 302 33.06 -9.62 -34.79
C THR H 302 32.33 -10.94 -35.01
N ARG H 303 31.15 -10.81 -35.63
CA ARG H 303 30.40 -11.93 -36.16
C ARG H 303 30.37 -11.70 -37.66
N PRO H 304 31.30 -12.29 -38.42
CA PRO H 304 31.62 -12.04 -39.82
C PRO H 304 30.59 -12.47 -40.83
N ASN H 305 29.62 -13.27 -40.42
CA ASN H 305 28.63 -13.80 -41.33
C ASN H 305 27.50 -12.81 -41.57
N ASN H 306 27.13 -12.62 -42.84
CA ASN H 306 26.03 -11.76 -43.27
C ASN H 306 24.74 -12.58 -43.37
N ASN H 307 23.95 -12.64 -42.28
CA ASN H 307 22.70 -13.40 -42.24
C ASN H 307 21.52 -12.47 -42.44
N THR H 308 20.39 -13.09 -42.72
CA THR H 308 19.14 -12.38 -42.86
C THR H 308 18.15 -12.97 -41.90
N ARG H 309 17.02 -12.31 -41.73
CA ARG H 309 16.00 -12.76 -40.80
C ARG H 309 14.77 -13.21 -41.54
N LYS H 310 14.14 -14.27 -41.04
CA LYS H 310 12.93 -14.80 -41.65
C LYS H 310 11.71 -14.68 -40.75
N SER H 311 10.70 -13.97 -41.22
CA SER H 311 9.52 -13.76 -40.40
C SER H 311 8.50 -14.87 -40.62
N ILE H 312 8.16 -15.56 -39.55
CA ILE H 312 7.20 -16.65 -39.61
C ILE H 312 5.94 -16.37 -38.81
N ARG H 313 4.80 -16.46 -39.46
CA ARG H 313 3.56 -16.22 -38.74
C ARG H 313 3.32 -17.35 -37.76
N ILE H 314 3.00 -17.02 -36.54
CA ILE H 314 2.68 -17.99 -35.51
C ILE H 314 1.18 -18.11 -35.36
N GLY H 315 0.55 -16.95 -35.34
CA GLY H 315 -0.88 -16.86 -35.05
C GLY H 315 -1.47 -15.49 -35.41
N PRO H 316 -2.49 -15.03 -34.67
CA PRO H 316 -3.24 -13.81 -34.93
C PRO H 316 -2.47 -12.56 -34.56
N GLY H 317 -1.46 -12.27 -35.37
CA GLY H 317 -0.57 -11.13 -35.19
C GLY H 317 0.70 -11.49 -34.44
N GLN H 318 0.84 -12.76 -34.17
CA GLN H 318 2.00 -13.27 -33.45
C GLN H 318 3.02 -13.73 -34.48
N TRP H 319 4.26 -13.26 -34.35
CA TRP H 319 5.34 -13.61 -35.27
C TRP H 319 6.60 -14.12 -34.60
N PHE H 320 7.22 -15.09 -35.24
CA PHE H 320 8.47 -15.66 -34.82
C PHE H 320 9.59 -15.19 -35.71
N TYR H 321 10.71 -14.83 -35.13
CA TYR H 321 11.81 -14.43 -35.97
C TYR H 321 12.85 -15.50 -36.05
N ALA H 322 12.98 -16.07 -37.22
CA ALA H 322 13.89 -17.17 -37.44
C ALA H 322 15.17 -16.71 -38.06
N THR H 323 16.23 -17.47 -37.83
CA THR H 323 17.46 -17.17 -38.53
C THR H 323 17.32 -17.67 -39.95
N GLY H 324 17.63 -16.82 -40.91
CA GLY H 324 17.53 -17.18 -42.31
C GLY H 324 18.85 -17.71 -42.81
N ASP H 325 18.99 -17.83 -44.12
CA ASP H 325 20.21 -18.35 -44.71
C ASP H 325 21.29 -17.30 -44.76
N ILE H 326 22.53 -17.74 -44.62
CA ILE H 326 23.69 -16.86 -44.69
C ILE H 326 24.03 -16.53 -46.13
N ILE H 327 24.26 -15.25 -46.36
CA ILE H 327 24.59 -14.76 -47.66
C ILE H 327 26.10 -14.70 -47.76
N GLY H 328 26.65 -15.37 -48.74
CA GLY H 328 28.08 -15.41 -48.87
C GLY H 328 28.66 -16.51 -47.99
N ASP H 329 29.97 -16.49 -47.82
CA ASP H 329 30.69 -17.53 -47.10
C ASP H 329 30.43 -17.49 -45.61
N ILE H 330 30.59 -18.64 -44.97
CA ILE H 330 30.44 -18.75 -43.54
C ILE H 330 31.82 -18.80 -42.84
N ARG H 331 32.03 -17.86 -41.92
CA ARG H 331 33.28 -17.70 -41.20
C ARG H 331 33.08 -17.71 -39.67
N GLN H 332 34.12 -18.08 -38.92
CA GLN H 332 34.03 -18.20 -37.46
C GLN H 332 34.00 -16.86 -36.73
N ALA H 333 33.10 -16.71 -35.75
CA ALA H 333 33.06 -15.50 -34.90
C ALA H 333 34.32 -15.45 -34.07
N HIS H 334 34.81 -14.23 -33.81
CA HIS H 334 36.05 -14.06 -33.05
C HIS H 334 36.21 -12.67 -32.40
N CYS H 335 37.14 -12.55 -31.42
CA CYS H 335 37.56 -11.30 -30.76
C CYS H 335 39.07 -11.18 -30.74
N ASN H 336 39.63 -9.98 -30.92
CA ASN H 336 41.07 -9.88 -30.77
C ASN H 336 41.53 -8.64 -29.99
N VAL H 337 42.70 -8.81 -29.31
CA VAL H 337 43.42 -7.87 -28.44
C VAL H 337 44.89 -7.72 -28.82
N SER H 338 45.43 -6.51 -28.85
CA SER H 338 46.84 -6.33 -29.20
C SER H 338 47.74 -7.08 -28.20
N LYS H 339 48.80 -7.73 -28.68
CA LYS H 339 49.68 -8.47 -27.78
C LYS H 339 50.48 -7.62 -26.83
N ALA H 340 51.01 -6.50 -27.30
CA ALA H 340 51.84 -5.70 -26.43
C ALA H 340 51.03 -5.10 -25.31
N THR H 341 49.82 -4.68 -25.63
CA THR H 341 48.99 -4.05 -24.65
C THR H 341 48.63 -5.05 -23.61
N TRP H 342 48.23 -6.25 -24.03
CA TRP H 342 47.86 -7.23 -23.06
C TRP H 342 49.04 -7.59 -22.20
N ASN H 343 50.20 -7.79 -22.81
CA ASN H 343 51.37 -8.20 -22.05
C ASN H 343 51.73 -7.18 -20.99
N GLU H 344 51.75 -5.89 -21.35
CA GLU H 344 52.09 -4.92 -20.32
C GLU H 344 51.00 -4.84 -19.28
N THR H 345 49.74 -4.97 -19.68
CA THR H 345 48.64 -4.87 -18.77
C THR H 345 48.71 -5.98 -17.74
N LEU H 346 49.01 -7.17 -18.20
CA LEU H 346 49.07 -8.27 -17.28
C LEU H 346 50.25 -8.04 -16.36
N GLY H 347 51.34 -7.47 -16.90
CA GLY H 347 52.52 -7.17 -16.13
C GLY H 347 52.23 -6.18 -14.99
N LYS H 348 51.36 -5.21 -15.25
CA LYS H 348 50.98 -4.24 -14.24
C LYS H 348 50.25 -4.93 -13.11
N VAL H 349 49.39 -5.89 -13.48
CA VAL H 349 48.61 -6.59 -12.49
C VAL H 349 49.49 -7.42 -11.60
N VAL H 350 50.41 -8.15 -12.17
CA VAL H 350 51.24 -9.01 -11.35
C VAL H 350 52.18 -8.23 -10.46
N LYS H 351 52.70 -7.09 -10.93
CA LYS H 351 53.59 -6.34 -10.10
C LYS H 351 52.92 -6.03 -8.79
N GLN H 352 51.66 -5.63 -8.88
CA GLN H 352 50.95 -5.29 -7.67
C GLN H 352 50.32 -6.47 -6.98
N LEU H 353 49.99 -7.53 -7.70
CA LEU H 353 49.37 -8.70 -7.09
C LEU H 353 50.34 -9.32 -6.10
N ARG H 354 51.62 -9.29 -6.46
CA ARG H 354 52.68 -9.81 -5.62
C ARG H 354 52.80 -9.10 -4.27
N LYS H 355 52.29 -7.88 -4.15
CA LYS H 355 52.40 -7.20 -2.87
C LYS H 355 51.59 -7.90 -1.81
N HIS H 356 50.60 -8.70 -2.21
CA HIS H 356 49.79 -9.42 -1.25
C HIS H 356 50.23 -10.86 -1.14
N PHE H 357 50.84 -11.39 -2.20
CA PHE H 357 51.21 -12.80 -2.19
C PHE H 357 52.69 -13.14 -1.99
N GLY H 358 53.59 -12.17 -2.11
CA GLY H 358 55.01 -12.41 -1.93
C GLY H 358 55.83 -12.23 -3.19
N ASN H 359 57.09 -11.92 -2.97
CA ASN H 359 58.08 -11.70 -4.00
C ASN H 359 58.75 -13.02 -4.40
N ASN H 360 59.83 -12.91 -5.20
CA ASN H 360 60.56 -14.08 -5.72
C ASN H 360 59.65 -15.00 -6.51
N THR H 361 58.78 -14.38 -7.30
CA THR H 361 57.80 -15.05 -8.13
C THR H 361 57.85 -14.59 -9.60
N ILE H 362 57.58 -15.54 -10.51
CA ILE H 362 57.57 -15.34 -11.97
C ILE H 362 56.14 -15.38 -12.50
N ILE H 363 55.82 -14.54 -13.48
CA ILE H 363 54.45 -14.46 -13.98
C ILE H 363 53.91 -15.75 -14.53
N ARG H 364 52.78 -16.18 -13.97
CA ARG H 364 52.10 -17.38 -14.45
C ARG H 364 50.59 -17.35 -14.21
N PHE H 365 49.83 -17.67 -15.25
CA PHE H 365 48.38 -17.77 -15.17
C PHE H 365 47.90 -19.04 -15.77
N ALA H 366 46.60 -19.26 -15.67
CA ALA H 366 45.97 -20.43 -16.23
C ALA H 366 44.58 -20.05 -16.70
N ASN H 367 43.98 -20.86 -17.60
CA ASN H 367 42.65 -20.63 -18.14
C ASN H 367 41.58 -21.11 -17.13
N SER H 368 40.30 -20.97 -17.50
CA SER H 368 39.12 -21.24 -16.69
C SER H 368 38.84 -22.74 -16.48
N SER H 369 37.94 -23.06 -15.51
CA SER H 369 37.49 -24.40 -15.15
C SER H 369 36.92 -25.16 -16.37
N LEU H 373 28.59 -22.47 -19.10
CA LEU H 373 29.13 -21.81 -20.29
C LEU H 373 29.59 -20.37 -19.97
N GLU H 374 28.72 -19.58 -19.29
CA GLU H 374 28.92 -18.17 -18.91
C GLU H 374 30.08 -17.94 -17.95
N VAL H 375 30.46 -18.97 -17.22
CA VAL H 375 31.55 -18.79 -16.29
C VAL H 375 32.85 -19.18 -16.93
N THR H 376 32.87 -20.30 -17.65
CA THR H 376 34.09 -20.78 -18.25
C THR H 376 34.48 -20.02 -19.49
N THR H 377 33.53 -19.38 -20.16
CA THR H 377 33.88 -18.60 -21.33
C THR H 377 33.52 -17.16 -21.05
N HIS H 378 34.07 -16.24 -21.82
CA HIS H 378 33.74 -14.85 -21.68
C HIS H 378 32.37 -14.65 -22.24
N SER H 379 31.56 -13.82 -21.62
CA SER H 379 30.24 -13.57 -22.17
C SER H 379 29.87 -12.13 -22.15
N PHE H 380 29.28 -11.68 -23.25
CA PHE H 380 28.82 -10.30 -23.39
C PHE H 380 27.71 -10.24 -24.42
N ASN H 381 27.02 -9.11 -24.56
CA ASN H 381 25.94 -9.06 -25.53
C ASN H 381 26.28 -8.41 -26.86
N CYS H 382 27.55 -8.20 -27.12
CA CYS H 382 28.06 -7.65 -28.36
C CYS H 382 27.18 -6.53 -28.92
N GLY H 383 26.64 -6.75 -30.10
CA GLY H 383 25.84 -5.77 -30.83
C GLY H 383 24.33 -5.91 -30.59
N GLY H 384 23.95 -6.70 -29.60
CA GLY H 384 22.55 -6.99 -29.30
C GLY H 384 22.30 -8.48 -29.40
N GLU H 385 23.33 -9.20 -29.79
CA GLU H 385 23.31 -10.64 -29.91
C GLU H 385 24.29 -11.25 -28.93
N PHE H 386 23.84 -12.27 -28.22
CA PHE H 386 24.68 -12.87 -27.20
C PHE H 386 25.84 -13.59 -27.82
N PHE H 387 27.01 -13.25 -27.30
CA PHE H 387 28.27 -13.66 -27.84
C PHE H 387 29.17 -14.26 -26.75
N TYR H 388 29.77 -15.40 -27.00
CA TYR H 388 30.63 -16.06 -26.04
C TYR H 388 32.04 -16.21 -26.59
N CYS H 389 33.07 -16.18 -25.75
CA CYS H 389 34.42 -16.33 -26.32
C CYS H 389 35.40 -17.09 -25.41
N ASN H 390 36.37 -17.78 -26.05
CA ASN H 390 37.43 -18.55 -25.40
C ASN H 390 38.63 -17.66 -25.05
N THR H 391 38.85 -17.44 -23.74
CA THR H 391 39.88 -16.56 -23.18
C THR H 391 41.19 -17.26 -22.96
N SER H 392 41.23 -18.54 -23.27
CA SER H 392 42.49 -19.21 -23.12
C SER H 392 43.43 -18.52 -24.08
N GLY H 393 44.66 -18.36 -23.66
CA GLY H 393 45.69 -17.69 -24.43
C GLY H 393 45.92 -16.30 -23.87
N LEU H 394 44.97 -15.79 -23.10
CA LEU H 394 45.16 -14.51 -22.44
C LEU H 394 45.73 -14.82 -21.07
N PHE H 395 45.34 -15.98 -20.57
CA PHE H 395 45.71 -16.42 -19.24
C PHE H 395 46.39 -17.80 -19.27
N ASN H 396 47.74 -17.84 -19.28
CA ASN H 396 48.52 -19.08 -19.31
C ASN H 396 49.97 -18.83 -18.91
N ASP H 415 51.22 -9.77 -33.89
CA ASP H 415 50.86 -8.46 -33.34
C ASP H 415 49.67 -8.50 -32.36
N SER H 416 48.70 -9.42 -32.57
CA SER H 416 47.48 -9.55 -31.76
C SER H 416 47.10 -11.00 -31.51
N ILE H 417 46.31 -11.19 -30.47
CA ILE H 417 45.78 -12.49 -30.11
C ILE H 417 44.33 -12.59 -30.48
N THR H 418 43.97 -13.66 -31.16
CA THR H 418 42.59 -13.85 -31.54
C THR H 418 41.97 -14.98 -30.75
N LEU H 419 40.84 -14.66 -30.16
CA LEU H 419 40.03 -15.53 -29.36
C LEU H 419 38.90 -16.01 -30.24
N PRO H 420 38.68 -17.31 -30.42
CA PRO H 420 37.58 -17.80 -31.19
C PRO H 420 36.35 -17.52 -30.38
N CYS H 421 35.22 -17.40 -31.05
CA CYS H 421 33.96 -17.14 -30.38
C CYS H 421 32.78 -17.90 -30.97
N ARG H 422 31.76 -18.04 -30.14
CA ARG H 422 30.54 -18.76 -30.48
C ARG H 422 29.33 -17.87 -30.27
N ILE H 423 28.28 -18.12 -31.01
CA ILE H 423 27.06 -17.35 -30.91
C ILE H 423 25.96 -18.22 -30.40
N LYS H 424 25.17 -17.72 -29.47
CA LYS H 424 24.11 -18.56 -28.94
C LYS H 424 22.77 -17.85 -28.79
N GLN H 425 21.69 -18.59 -28.99
CA GLN H 425 20.34 -18.09 -28.74
C GLN H 425 19.79 -18.90 -27.56
N ILE H 426 18.60 -18.56 -27.10
CA ILE H 426 17.93 -19.25 -26.00
C ILE H 426 18.75 -18.99 -24.76
N ILE H 427 18.48 -17.88 -24.13
CA ILE H 427 19.34 -17.42 -23.07
C ILE H 427 18.73 -17.44 -21.70
N ASN H 428 19.41 -18.11 -20.81
CA ASN H 428 19.00 -18.16 -19.44
C ASN H 428 19.82 -17.10 -18.76
N MET H 429 19.19 -15.99 -18.44
CA MET H 429 19.91 -14.86 -17.89
C MET H 429 20.28 -15.06 -16.44
N TRP H 430 21.38 -14.43 -16.08
CA TRP H 430 21.96 -14.46 -14.76
C TRP H 430 22.21 -15.88 -14.38
N GLN H 431 21.61 -16.33 -13.30
CA GLN H 431 21.85 -17.69 -12.87
C GLN H 431 20.55 -18.44 -12.70
N ARG H 432 19.55 -18.05 -13.46
CA ARG H 432 18.27 -18.71 -13.33
C ARG H 432 18.23 -19.89 -14.27
N ILE H 433 17.45 -20.91 -13.92
CA ILE H 433 17.29 -22.09 -14.76
C ILE H 433 15.85 -22.26 -15.16
N GLY H 434 15.12 -21.16 -15.10
CA GLY H 434 13.72 -21.07 -15.43
C GLY H 434 13.54 -20.55 -16.84
N GLN H 435 12.72 -19.54 -16.97
CA GLN H 435 12.35 -19.00 -18.27
C GLN H 435 13.56 -18.51 -19.04
N ALA H 436 13.55 -18.77 -20.34
CA ALA H 436 14.64 -18.34 -21.20
C ALA H 436 14.13 -17.38 -22.22
N MET H 437 15.00 -16.51 -22.67
CA MET H 437 14.59 -15.61 -23.73
C MET H 437 15.16 -16.03 -25.07
N TYR H 438 14.37 -15.85 -26.10
CA TYR H 438 14.85 -16.07 -27.43
C TYR H 438 15.27 -14.74 -27.97
N ALA H 439 16.50 -14.68 -28.36
CA ALA H 439 17.07 -13.49 -28.90
C ALA H 439 17.01 -13.61 -30.40
N PRO H 440 16.28 -12.77 -31.11
CA PRO H 440 16.12 -12.84 -32.53
C PRO H 440 17.47 -12.46 -33.09
N PRO H 441 17.79 -12.87 -34.29
CA PRO H 441 19.00 -12.57 -35.01
C PRO H 441 19.02 -11.13 -35.46
N ILE H 442 20.21 -10.63 -35.71
CA ILE H 442 20.40 -9.29 -36.22
C ILE H 442 20.93 -9.44 -37.62
N GLN H 443 20.32 -8.76 -38.57
CA GLN H 443 20.78 -8.92 -39.93
C GLN H 443 22.10 -8.19 -40.14
N GLY H 444 22.95 -8.77 -40.98
CA GLY H 444 24.22 -8.14 -41.31
C GLY H 444 25.38 -8.53 -40.41
N VAL H 445 26.58 -8.13 -40.82
CA VAL H 445 27.79 -8.42 -40.08
C VAL H 445 27.85 -7.55 -38.86
N ILE H 446 28.14 -8.14 -37.71
CA ILE H 446 28.15 -7.39 -36.48
C ILE H 446 29.54 -7.15 -35.97
N ARG H 447 29.85 -5.89 -35.70
CA ARG H 447 31.15 -5.54 -35.16
C ARG H 447 30.99 -4.62 -33.97
N CYS H 448 31.72 -4.91 -32.92
CA CYS H 448 31.69 -4.08 -31.74
C CYS H 448 33.09 -3.95 -31.16
N VAL H 449 33.40 -2.75 -30.70
CA VAL H 449 34.67 -2.48 -30.07
C VAL H 449 34.46 -1.93 -28.69
N SER H 450 35.12 -2.52 -27.73
CA SER H 450 34.93 -2.11 -26.35
C SER H 450 36.23 -2.04 -25.57
N ASN H 451 36.17 -1.39 -24.39
CA ASN H 451 37.29 -1.20 -23.48
C ASN H 451 37.25 -2.22 -22.33
N ILE H 452 38.35 -2.98 -22.13
CA ILE H 452 38.50 -3.89 -20.98
C ILE H 452 39.02 -2.99 -19.89
N THR H 453 38.26 -2.89 -18.82
CA THR H 453 38.62 -2.00 -17.73
C THR H 453 38.96 -2.75 -16.47
N GLY H 454 38.60 -4.02 -16.40
CA GLY H 454 38.94 -4.79 -15.22
C GLY H 454 38.73 -6.27 -15.41
N LEU H 455 39.26 -7.01 -14.46
CA LEU H 455 39.23 -8.46 -14.49
C LEU H 455 38.68 -9.10 -13.24
N ILE H 456 38.07 -10.28 -13.38
CA ILE H 456 37.70 -11.04 -12.20
C ILE H 456 38.60 -12.25 -12.14
N LEU H 457 39.40 -12.34 -11.10
CA LEU H 457 40.34 -13.43 -10.96
C LEU H 457 40.11 -14.23 -9.70
N THR H 458 40.45 -15.50 -9.74
CA THR H 458 40.42 -16.33 -8.55
C THR H 458 41.73 -17.07 -8.39
N ARG H 459 42.00 -17.51 -7.18
CA ARG H 459 43.19 -18.30 -6.89
C ARG H 459 42.91 -19.79 -7.10
N ASP H 460 43.90 -20.52 -7.66
CA ASP H 460 43.87 -21.97 -7.87
C ASP H 460 43.94 -22.72 -6.52
N SER H 466 57.28 -19.74 -3.84
CA SER H 466 56.71 -20.86 -3.12
C SER H 466 55.98 -21.79 -4.13
N THR H 467 54.71 -21.47 -4.43
CA THR H 467 53.80 -22.17 -5.34
C THR H 467 53.58 -21.36 -6.61
N THR H 468 54.36 -20.27 -6.73
CA THR H 468 54.32 -19.24 -7.76
C THR H 468 52.91 -18.76 -8.04
N GLU H 469 52.72 -18.02 -9.12
CA GLU H 469 51.39 -17.53 -9.43
C GLU H 469 50.53 -18.56 -10.09
N THR H 470 49.34 -18.73 -9.58
CA THR H 470 48.39 -19.65 -10.15
C THR H 470 47.01 -19.02 -10.16
N PHE H 471 46.77 -18.11 -11.08
CA PHE H 471 45.47 -17.42 -11.13
C PHE H 471 44.67 -17.77 -12.36
N ARG H 472 43.37 -17.81 -12.19
CA ARG H 472 42.46 -18.14 -13.29
C ARG H 472 41.35 -17.11 -13.37
N PRO H 473 40.77 -16.86 -14.56
CA PRO H 473 39.60 -16.05 -14.72
C PRO H 473 38.45 -16.64 -13.95
N GLY H 474 37.65 -15.79 -13.35
CA GLY H 474 36.48 -16.24 -12.62
C GLY H 474 35.28 -15.45 -13.08
N GLY H 475 34.17 -15.54 -12.36
CA GLY H 475 33.01 -14.79 -12.79
C GLY H 475 31.71 -15.45 -12.43
N GLY H 476 30.63 -14.80 -12.82
CA GLY H 476 29.28 -15.25 -12.51
C GLY H 476 28.69 -14.30 -11.51
N ASP H 477 27.47 -14.55 -11.07
CA ASP H 477 26.69 -13.74 -10.11
C ASP H 477 26.25 -12.34 -10.60
N MET H 478 27.17 -11.62 -11.20
CA MET H 478 27.02 -10.28 -11.77
C MET H 478 26.83 -9.19 -10.77
N ARG H 479 26.97 -9.46 -9.49
CA ARG H 479 26.89 -8.35 -8.56
C ARG H 479 28.24 -7.71 -8.47
N ASP H 480 29.27 -8.47 -8.79
CA ASP H 480 30.63 -7.99 -8.76
C ASP H 480 30.84 -6.96 -9.83
N ASN H 481 30.00 -7.01 -10.84
CA ASN H 481 30.12 -6.09 -11.93
C ASN H 481 29.73 -4.71 -11.49
N TRP H 482 28.93 -4.60 -10.44
CA TRP H 482 28.50 -3.30 -10.00
C TRP H 482 29.33 -2.90 -8.83
N ARG H 483 29.87 -3.87 -8.09
CA ARG H 483 30.73 -3.55 -6.99
C ARG H 483 31.94 -2.82 -7.51
N SER H 484 32.37 -3.16 -8.71
CA SER H 484 33.51 -2.52 -9.33
C SER H 484 33.28 -1.04 -9.65
N GLU H 485 32.03 -0.57 -9.67
CA GLU H 485 31.72 0.84 -9.92
C GLU H 485 31.21 1.56 -8.68
N LEU H 486 30.47 0.84 -7.84
CA LEU H 486 29.83 1.41 -6.67
C LEU H 486 30.66 1.37 -5.42
N TYR H 487 31.87 0.87 -5.49
CA TYR H 487 32.70 0.74 -4.31
C TYR H 487 33.00 2.03 -3.60
N LYS H 488 32.97 3.13 -4.30
CA LYS H 488 33.27 4.39 -3.69
C LYS H 488 32.06 5.09 -3.11
N TYR H 489 30.86 4.53 -3.25
CA TYR H 489 29.69 5.25 -2.76
C TYR H 489 29.01 4.63 -1.55
N LYS H 490 28.53 5.48 -0.66
CA LYS H 490 27.76 5.06 0.51
C LYS H 490 26.50 5.88 0.73
N VAL H 491 25.42 5.27 1.18
CA VAL H 491 24.19 6.02 1.46
C VAL H 491 23.99 6.28 2.93
N VAL H 492 23.75 7.55 3.27
CA VAL H 492 23.50 7.90 4.65
C VAL H 492 22.22 8.69 4.82
N LYS H 493 21.62 8.55 5.99
CA LYS H 493 20.41 9.24 6.38
C LYS H 493 20.76 10.47 7.13
N ILE H 494 20.12 11.57 6.78
CA ILE H 494 20.41 12.80 7.49
C ILE H 494 19.38 12.97 8.58
N GLU H 495 19.83 13.27 9.80
CA GLU H 495 18.93 13.48 10.92
C GLU H 495 19.18 14.83 11.56
N PRO H 496 18.67 15.92 10.98
CA PRO H 496 19.01 17.29 11.30
C PRO H 496 18.33 17.82 12.53
N LEU H 497 18.46 17.13 13.64
CA LEU H 497 17.88 17.61 14.88
C LEU H 497 18.65 17.06 16.05
N GLY H 498 19.09 17.94 16.92
CA GLY H 498 19.82 17.47 18.08
C GLY H 498 19.93 18.54 19.14
N VAL H 499 20.59 18.19 20.22
CA VAL H 499 20.70 19.11 21.33
C VAL H 499 22.12 19.26 21.78
N ALA H 500 22.37 20.34 22.51
CA ALA H 500 23.66 20.60 23.12
C ALA H 500 23.46 21.56 24.28
N PRO H 501 24.30 21.60 25.32
CA PRO H 501 24.22 22.54 26.40
C PRO H 501 24.60 23.91 25.94
N THR H 502 23.89 24.91 26.41
CA THR H 502 24.22 26.30 26.15
C THR H 502 24.04 27.16 27.39
N ARG H 503 24.58 28.36 27.33
CA ARG H 503 24.48 29.34 28.41
C ARG H 503 23.09 30.03 28.64
N CYS H 504 22.19 30.02 27.63
CA CYS H 504 20.88 30.70 27.60
C CYS H 504 19.77 29.97 28.37
N LYS H 505 18.70 30.71 28.64
CA LYS H 505 17.50 30.15 29.26
C LYS H 505 16.27 30.78 28.62
N ARG H 506 15.22 30.01 28.37
CA ARG H 506 14.04 30.64 27.79
C ARG H 506 13.28 31.48 28.83
N ARG H 507 12.89 32.74 28.47
CA ARG H 507 12.12 33.65 29.33
C ARG H 507 10.62 33.42 29.13
#